data_6XFW
# 
_entry.id   6XFW 
# 
_audit_conform.dict_name       mmcif_pdbx.dic 
_audit_conform.dict_version    5.380 
_audit_conform.dict_location   http://mmcif.pdb.org/dictionaries/ascii/mmcif_pdbx.dic 
# 
loop_
_database_2.database_id 
_database_2.database_code 
_database_2.pdbx_database_accession 
_database_2.pdbx_DOI 
PDB   6XFW         pdb_00006xfw 10.2210/pdb6xfw/pdb 
WWPDB D_1000249228 ?            ?                   
# 
_pdbx_database_status.status_code                     REL 
_pdbx_database_status.status_code_sf                  REL 
_pdbx_database_status.status_code_mr                  ? 
_pdbx_database_status.entry_id                        6XFW 
_pdbx_database_status.recvd_initial_deposition_date   2020-06-16 
_pdbx_database_status.SG_entry                        N 
_pdbx_database_status.deposit_site                    RCSB 
_pdbx_database_status.process_site                    RCSB 
_pdbx_database_status.status_code_cs                  ? 
_pdbx_database_status.status_code_nmr_data            ? 
_pdbx_database_status.methods_development_category    ? 
_pdbx_database_status.pdb_format_compatible           Y 
# 
loop_
_audit_author.name 
_audit_author.pdbx_ordinal 
_audit_author.identifier_ORCID 
'Simmons, C.R.'      1 0000-0002-2290-6132 
'MacCulloch, T.'     2 0000-0001-5875-3361 
'Stephanopoulos, N.' 3 0000-0001-7859-410X 
'Yan, H.'            4 0000-0001-7397-9852 
# 
_citation.abstract                  ? 
_citation.abstract_id_CAS           ? 
_citation.book_id_ISBN              ? 
_citation.book_publisher            ? 
_citation.book_publisher_city       ? 
_citation.book_title                ? 
_citation.coordinate_linkage        ? 
_citation.country                   UK 
_citation.database_id_Medline       ? 
_citation.details                   ? 
_citation.id                        primary 
_citation.journal_abbrev            'Nat Commun' 
_citation.journal_id_ASTM           ? 
_citation.journal_id_CSD            ? 
_citation.journal_id_ISSN           2041-1723 
_citation.journal_full              ? 
_citation.journal_issue             ? 
_citation.journal_volume            13 
_citation.language                  ? 
_citation.page_first                3112 
_citation.page_last                 3112 
_citation.title                     'The influence of Holliday junction sequence and dynamics on DNA crystal self-assembly.' 
_citation.year                      2022 
_citation.database_id_CSD           ? 
_citation.pdbx_database_id_DOI      10.1038/s41467-022-30779-6 
_citation.pdbx_database_id_PubMed   35662248 
_citation.unpublished_flag          ? 
# 
loop_
_citation_author.citation_id 
_citation_author.name 
_citation_author.ordinal 
_citation_author.identifier_ORCID 
primary 'Simmons, C.R.'      1  ?                   
primary 'MacCulloch, T.'     2  ?                   
primary 'Krepl, M.'          3  0000-0002-9833-4281 
primary 'Matthies, M.'       4  ?                   
primary 'Buchberger, A.'     5  ?                   
primary 'Crawford, I.'       6  ?                   
primary 'Sponer, J.'         7  0000-0001-6558-6186 
primary 'Sulc, P.'           8  0000-0003-1565-6769 
primary 'Stephanopoulos, N.' 9  0000-0001-7859-410X 
primary 'Yan, H.'            10 0000-0001-7397-9852 
# 
_cell.angle_alpha                  90.000 
_cell.angle_alpha_esd              ? 
_cell.angle_beta                   90.000 
_cell.angle_beta_esd               ? 
_cell.angle_gamma                  120.000 
_cell.angle_gamma_esd              ? 
_cell.entry_id                     6XFW 
_cell.details                      ? 
_cell.formula_units_Z              ? 
_cell.length_a                     68.458 
_cell.length_a_esd                 ? 
_cell.length_b                     68.458 
_cell.length_b_esd                 ? 
_cell.length_c                     60.214 
_cell.length_c_esd                 ? 
_cell.volume                       ? 
_cell.volume_esd                   ? 
_cell.Z_PDB                        6 
_cell.reciprocal_angle_alpha       ? 
_cell.reciprocal_angle_beta        ? 
_cell.reciprocal_angle_gamma       ? 
_cell.reciprocal_angle_alpha_esd   ? 
_cell.reciprocal_angle_beta_esd    ? 
_cell.reciprocal_angle_gamma_esd   ? 
_cell.reciprocal_length_a          ? 
_cell.reciprocal_length_b          ? 
_cell.reciprocal_length_c          ? 
_cell.reciprocal_length_a_esd      ? 
_cell.reciprocal_length_b_esd      ? 
_cell.reciprocal_length_c_esd      ? 
_cell.pdbx_unique_axis             ? 
# 
_symmetry.entry_id                         6XFW 
_symmetry.cell_setting                     ? 
_symmetry.Int_Tables_number                154 
_symmetry.space_group_name_Hall            ? 
_symmetry.space_group_name_H-M             'P 32 2 1' 
_symmetry.pdbx_full_space_group_name_H-M   ? 
# 
loop_
_entity.id 
_entity.type 
_entity.src_method 
_entity.pdbx_description 
_entity.formula_weight 
_entity.pdbx_number_of_molecules 
_entity.pdbx_ec 
_entity.pdbx_mutation 
_entity.pdbx_fragment 
_entity.details 
1 polymer     syn 
;DNA (5'-D(*GP*AP*GP*CP*AP*GP*AP*CP*CP*AP*G)-3')
;
3392.238 1 ? ? ? ? 
2 polymer     syn 
;DNA (5'-D(P*AP*CP*TP*CP*CP*AP*CP*TP*CP*A)-3')
;
2948.958 1 ? ? ? ? 
3 polymer     syn 
;DNA (5'-D(P*CP*TP*AP*GP*T)-3')
;
1495.023 1 ? ? ? ? 
4 polymer     syn 
;DNA (5'-D(*TP*CP*TP*GP*AP*GP*TP*GP*GP*GP*GP*TP*CP*TP*GP*C)-3')
;
4961.199 1 ? ? ? ? 
5 non-polymer syn 'CACODYLATE ION'                                                 136.989  2 ? ? ? ? 
# 
loop_
_entity_poly.entity_id 
_entity_poly.type 
_entity_poly.nstd_linkage 
_entity_poly.nstd_monomer 
_entity_poly.pdbx_seq_one_letter_code 
_entity_poly.pdbx_seq_one_letter_code_can 
_entity_poly.pdbx_strand_id 
_entity_poly.pdbx_target_identifier 
1 polydeoxyribonucleotide no no '(DG)(DA)(DG)(DC)(DA)(DG)(DA)(DC)(DC)(DA)(DG)'                     GAGCAGACCAG      A ? 
2 polydeoxyribonucleotide no no '(DA)(DC)(DT)(DC)(DC)(DA)(DC)(DT)(DC)(DA)'                         ACTCCACTCA       B ? 
3 polydeoxyribonucleotide no no '(DC)(DT)(DA)(DG)(DT)'                                             CTAGT            C ? 
4 polydeoxyribonucleotide no no '(DT)(DC)(DT)(DG)(DA)(DG)(DT)(DG)(DG)(DG)(DG)(DT)(DC)(DT)(DG)(DC)' TCTGAGTGGGGTCTGC D ? 
# 
loop_
_entity_poly_seq.entity_id 
_entity_poly_seq.num 
_entity_poly_seq.mon_id 
_entity_poly_seq.hetero 
1 1  DG n 
1 2  DA n 
1 3  DG n 
1 4  DC n 
1 5  DA n 
1 6  DG n 
1 7  DA n 
1 8  DC n 
1 9  DC n 
1 10 DA n 
1 11 DG n 
2 1  DA n 
2 2  DC n 
2 3  DT n 
2 4  DC n 
2 5  DC n 
2 6  DA n 
2 7  DC n 
2 8  DT n 
2 9  DC n 
2 10 DA n 
3 1  DC n 
3 2  DT n 
3 3  DA n 
3 4  DG n 
3 5  DT n 
4 1  DT n 
4 2  DC n 
4 3  DT n 
4 4  DG n 
4 5  DA n 
4 6  DG n 
4 7  DT n 
4 8  DG n 
4 9  DG n 
4 10 DG n 
4 11 DG n 
4 12 DT n 
4 13 DC n 
4 14 DT n 
4 15 DG n 
4 16 DC n 
# 
loop_
_pdbx_entity_src_syn.entity_id 
_pdbx_entity_src_syn.pdbx_src_id 
_pdbx_entity_src_syn.pdbx_alt_source_flag 
_pdbx_entity_src_syn.pdbx_beg_seq_num 
_pdbx_entity_src_syn.pdbx_end_seq_num 
_pdbx_entity_src_syn.organism_scientific 
_pdbx_entity_src_syn.organism_common_name 
_pdbx_entity_src_syn.ncbi_taxonomy_id 
_pdbx_entity_src_syn.details 
1 1 sample 1 11 'synthetic construct' ? 32630 ? 
2 1 sample 1 10 'synthetic construct' ? 32630 ? 
3 1 sample 1 5  'synthetic construct' ? 32630 ? 
4 1 sample 1 16 'synthetic construct' ? 32630 ? 
# 
loop_
_struct_ref.id 
_struct_ref.db_name 
_struct_ref.db_code 
_struct_ref.pdbx_db_accession 
_struct_ref.pdbx_db_isoform 
_struct_ref.entity_id 
_struct_ref.pdbx_seq_one_letter_code 
_struct_ref.pdbx_align_begin 
1 PDB 6XFW 6XFW ? 1 ? 1 
2 PDB 6XFW 6XFW ? 2 ? 1 
3 PDB 6XFW 6XFW ? 3 ? 1 
4 PDB 6XFW 6XFW ? 4 ? 1 
# 
loop_
_struct_ref_seq.align_id 
_struct_ref_seq.ref_id 
_struct_ref_seq.pdbx_PDB_id_code 
_struct_ref_seq.pdbx_strand_id 
_struct_ref_seq.seq_align_beg 
_struct_ref_seq.pdbx_seq_align_beg_ins_code 
_struct_ref_seq.seq_align_end 
_struct_ref_seq.pdbx_seq_align_end_ins_code 
_struct_ref_seq.pdbx_db_accession 
_struct_ref_seq.db_align_beg 
_struct_ref_seq.pdbx_db_align_beg_ins_code 
_struct_ref_seq.db_align_end 
_struct_ref_seq.pdbx_db_align_end_ins_code 
_struct_ref_seq.pdbx_auth_seq_align_beg 
_struct_ref_seq.pdbx_auth_seq_align_end 
1 1 6XFW A 1 ? 11 ? 6XFW 1  ? 11 ? 1  11 
2 2 6XFW B 1 ? 10 ? 6XFW 12 ? 21 ? 12 21 
3 3 6XFW C 1 ? 5  ? 6XFW 1  ? 5  ? 1  5  
4 4 6XFW D 1 ? 16 ? 6XFW 1  ? 16 ? 1  16 
# 
loop_
_chem_comp.id 
_chem_comp.type 
_chem_comp.mon_nstd_flag 
_chem_comp.name 
_chem_comp.pdbx_synonyms 
_chem_comp.formula 
_chem_comp.formula_weight 
CAC non-polymer   . 'CACODYLATE ION'                     dimethylarsinate 'C2 H6 As O2 -1'  136.989 
DA  'DNA linking' y "2'-DEOXYADENOSINE-5'-MONOPHOSPHATE" ?                'C10 H14 N5 O6 P' 331.222 
DC  'DNA linking' y "2'-DEOXYCYTIDINE-5'-MONOPHOSPHATE"  ?                'C9 H14 N3 O7 P'  307.197 
DG  'DNA linking' y "2'-DEOXYGUANOSINE-5'-MONOPHOSPHATE" ?                'C10 H14 N5 O7 P' 347.221 
DT  'DNA linking' y "THYMIDINE-5'-MONOPHOSPHATE"         ?                'C10 H15 N2 O8 P' 322.208 
# 
_exptl.absorpt_coefficient_mu     ? 
_exptl.absorpt_correction_T_max   ? 
_exptl.absorpt_correction_T_min   ? 
_exptl.absorpt_correction_type    ? 
_exptl.absorpt_process_details    ? 
_exptl.entry_id                   6XFW 
_exptl.crystals_number            1 
_exptl.details                    ? 
_exptl.method                     'X-RAY DIFFRACTION' 
_exptl.method_details             ? 
# 
_exptl_crystal.colour                      ? 
_exptl_crystal.density_diffrn              ? 
_exptl_crystal.density_Matthews            3.18 
_exptl_crystal.density_method              ? 
_exptl_crystal.density_percent_sol         61.35 
_exptl_crystal.description                 ? 
_exptl_crystal.F_000                       ? 
_exptl_crystal.id                          1 
_exptl_crystal.preparation                 ? 
_exptl_crystal.size_max                    ? 
_exptl_crystal.size_mid                    ? 
_exptl_crystal.size_min                    ? 
_exptl_crystal.size_rad                    ? 
_exptl_crystal.colour_lustre               ? 
_exptl_crystal.colour_modifier             ? 
_exptl_crystal.colour_primary              ? 
_exptl_crystal.density_meas                ? 
_exptl_crystal.density_meas_esd            ? 
_exptl_crystal.density_meas_gt             ? 
_exptl_crystal.density_meas_lt             ? 
_exptl_crystal.density_meas_temp           ? 
_exptl_crystal.density_meas_temp_esd       ? 
_exptl_crystal.density_meas_temp_gt        ? 
_exptl_crystal.density_meas_temp_lt        ? 
_exptl_crystal.pdbx_crystal_image_url      ? 
_exptl_crystal.pdbx_crystal_image_format   ? 
_exptl_crystal.pdbx_mosaicity              ? 
_exptl_crystal.pdbx_mosaicity_esd          ? 
# 
_exptl_crystal_grow.apparatus       ? 
_exptl_crystal_grow.atmosphere      ? 
_exptl_crystal_grow.crystal_id      1 
_exptl_crystal_grow.details         ? 
_exptl_crystal_grow.method          'VAPOR DIFFUSION, SITTING DROP' 
_exptl_crystal_grow.method_ref      ? 
_exptl_crystal_grow.pH              ? 
_exptl_crystal_grow.pressure        ? 
_exptl_crystal_grow.pressure_esd    ? 
_exptl_crystal_grow.seeding         ? 
_exptl_crystal_grow.seeding_ref     ? 
_exptl_crystal_grow.temp            298 
_exptl_crystal_grow.temp_details    'temperature gradient generated from 60 to 25 C at 0.3 degrees per hour' 
_exptl_crystal_grow.temp_esd        ? 
_exptl_crystal_grow.time            ? 
_exptl_crystal_grow.pdbx_details    
;0.5 mL of 0.05 M Cacodylate pH 7.0 with 30 mM MgCl2, 2.5 mM spermine, and 5% PEG 400 was added to the reservoir with 2 uL added to the drop containing 4 uL of DNA stock
;
_exptl_crystal_grow.pdbx_pH_range   ? 
# 
_diffrn.ambient_environment              ? 
_diffrn.ambient_temp                     100 
_diffrn.ambient_temp_details             ? 
_diffrn.ambient_temp_esd                 ? 
_diffrn.crystal_id                       1 
_diffrn.crystal_support                  ? 
_diffrn.crystal_treatment                ? 
_diffrn.details                          ? 
_diffrn.id                               1 
_diffrn.ambient_pressure                 ? 
_diffrn.ambient_pressure_esd             ? 
_diffrn.ambient_pressure_gt              ? 
_diffrn.ambient_pressure_lt              ? 
_diffrn.ambient_temp_gt                  ? 
_diffrn.ambient_temp_lt                  ? 
_diffrn.pdbx_serial_crystal_experiment   N 
# 
_diffrn_detector.details                      ? 
_diffrn_detector.detector                     PIXEL 
_diffrn_detector.diffrn_id                    1 
_diffrn_detector.type                         'DECTRIS PILATUS3 6M' 
_diffrn_detector.area_resol_mean              ? 
_diffrn_detector.dtime                        ? 
_diffrn_detector.pdbx_frames_total            ? 
_diffrn_detector.pdbx_collection_time_total   ? 
_diffrn_detector.pdbx_collection_date         2018-05-15 
_diffrn_detector.pdbx_frequency               ? 
# 
_diffrn_radiation.collimation                      ? 
_diffrn_radiation.diffrn_id                        1 
_diffrn_radiation.filter_edge                      ? 
_diffrn_radiation.inhomogeneity                    ? 
_diffrn_radiation.monochromator                    ? 
_diffrn_radiation.polarisn_norm                    ? 
_diffrn_radiation.polarisn_ratio                   ? 
_diffrn_radiation.probe                            ? 
_diffrn_radiation.type                             ? 
_diffrn_radiation.xray_symbol                      ? 
_diffrn_radiation.wavelength_id                    1 
_diffrn_radiation.pdbx_monochromatic_or_laue_m_l   M 
_diffrn_radiation.pdbx_wavelength_list             ? 
_diffrn_radiation.pdbx_wavelength                  ? 
_diffrn_radiation.pdbx_diffrn_protocol             'SINGLE WAVELENGTH' 
_diffrn_radiation.pdbx_analyzer                    ? 
_diffrn_radiation.pdbx_scattering_type             x-ray 
# 
_diffrn_radiation_wavelength.id           1 
_diffrn_radiation_wavelength.wavelength   1 
_diffrn_radiation_wavelength.wt           1.0 
# 
_diffrn_source.current                     ? 
_diffrn_source.details                     ? 
_diffrn_source.diffrn_id                   1 
_diffrn_source.power                       ? 
_diffrn_source.size                        ? 
_diffrn_source.source                      SYNCHROTRON 
_diffrn_source.target                      ? 
_diffrn_source.type                        'ALS BEAMLINE 5.0.2' 
_diffrn_source.voltage                     ? 
_diffrn_source.take-off_angle              ? 
_diffrn_source.pdbx_wavelength_list        1 
_diffrn_source.pdbx_wavelength             ? 
_diffrn_source.pdbx_synchrotron_beamline   5.0.2 
_diffrn_source.pdbx_synchrotron_site       ALS 
# 
_reflns.B_iso_Wilson_estimate            89.440 
_reflns.entry_id                         6XFW 
_reflns.data_reduction_details           ? 
_reflns.data_reduction_method            ? 
_reflns.d_resolution_high                3.050 
_reflns.d_resolution_low                 50.000 
_reflns.details                          ? 
_reflns.limit_h_max                      ? 
_reflns.limit_h_min                      ? 
_reflns.limit_k_max                      ? 
_reflns.limit_k_min                      ? 
_reflns.limit_l_max                      ? 
_reflns.limit_l_min                      ? 
_reflns.number_all                       ? 
_reflns.number_obs                       3313 
_reflns.observed_criterion               ? 
_reflns.observed_criterion_F_max         ? 
_reflns.observed_criterion_F_min         ? 
_reflns.observed_criterion_I_max         ? 
_reflns.observed_criterion_I_min         ? 
_reflns.observed_criterion_sigma_F       ? 
_reflns.observed_criterion_sigma_I       ? 
_reflns.percent_possible_obs             99.900 
_reflns.R_free_details                   ? 
_reflns.Rmerge_F_all                     ? 
_reflns.Rmerge_F_obs                     ? 
_reflns.Friedel_coverage                 ? 
_reflns.number_gt                        ? 
_reflns.threshold_expression             ? 
_reflns.pdbx_redundancy                  18.700 
_reflns.pdbx_Rmerge_I_obs                0.054 
_reflns.pdbx_Rmerge_I_all                ? 
_reflns.pdbx_Rsym_value                  ? 
_reflns.pdbx_netI_over_av_sigmaI         ? 
_reflns.pdbx_netI_over_sigmaI            7.300 
_reflns.pdbx_res_netI_over_av_sigmaI_2   ? 
_reflns.pdbx_res_netI_over_sigmaI_2      ? 
_reflns.pdbx_chi_squared                 0.597 
_reflns.pdbx_scaling_rejects             ? 
_reflns.pdbx_d_res_high_opt              ? 
_reflns.pdbx_d_res_low_opt               ? 
_reflns.pdbx_d_res_opt_method            ? 
_reflns.phase_calculation_details        ? 
_reflns.pdbx_Rrim_I_all                  0.056 
_reflns.pdbx_Rpim_I_all                  0.013 
_reflns.pdbx_d_opt                       ? 
_reflns.pdbx_number_measured_all         ? 
_reflns.pdbx_diffrn_id                   1 
_reflns.pdbx_ordinal                     1 
_reflns.pdbx_CC_half                     0.977 
_reflns.pdbx_CC_star                     ? 
_reflns.pdbx_R_split                     ? 
# 
loop_
_reflns_shell.d_res_high 
_reflns_shell.d_res_low 
_reflns_shell.meanI_over_sigI_all 
_reflns_shell.meanI_over_sigI_obs 
_reflns_shell.number_measured_all 
_reflns_shell.number_measured_obs 
_reflns_shell.number_possible 
_reflns_shell.number_unique_all 
_reflns_shell.number_unique_obs 
_reflns_shell.percent_possible_all 
_reflns_shell.percent_possible_obs 
_reflns_shell.Rmerge_F_all 
_reflns_shell.Rmerge_F_obs 
_reflns_shell.Rmerge_I_all 
_reflns_shell.Rmerge_I_obs 
_reflns_shell.meanI_over_sigI_gt 
_reflns_shell.meanI_over_uI_all 
_reflns_shell.meanI_over_uI_gt 
_reflns_shell.number_measured_gt 
_reflns_shell.number_unique_gt 
_reflns_shell.percent_possible_gt 
_reflns_shell.Rmerge_F_gt 
_reflns_shell.Rmerge_I_gt 
_reflns_shell.pdbx_redundancy 
_reflns_shell.pdbx_Rsym_value 
_reflns_shell.pdbx_chi_squared 
_reflns_shell.pdbx_netI_over_sigmaI_all 
_reflns_shell.pdbx_netI_over_sigmaI_obs 
_reflns_shell.pdbx_Rrim_I_all 
_reflns_shell.pdbx_Rpim_I_all 
_reflns_shell.pdbx_rejects 
_reflns_shell.pdbx_ordinal 
_reflns_shell.pdbx_diffrn_id 
_reflns_shell.pdbx_CC_half 
_reflns_shell.pdbx_CC_star 
_reflns_shell.pdbx_R_split 
3.050 3.100  ? ? ? ? ? ? 164 99.400  ? ? ? ? 0.920 ? ? ? ? ? ? ? ? 15.900 ? 0.425 ? ? 0.950 0.232 ? 1  1 0.905 ? ? 
3.100 3.160  ? ? ? ? ? ? 154 100.000 ? ? ? ? 0.561 ? ? ? ? ? ? ? ? 16.600 ? 0.431 ? ? 0.579 0.139 ? 2  1 0.979 ? ? 
3.160 3.220  ? ? ? ? ? ? 166 100.000 ? ? ? ? 0.203 ? ? ? ? ? ? ? ? 18.000 ? 0.460 ? ? 0.209 0.048 ? 3  1 0.998 ? ? 
3.220 3.290  ? ? ? ? ? ? 159 100.000 ? ? ? ? 0.146 ? ? ? ? ? ? ? ? 19.100 ? 0.506 ? ? 0.150 0.033 ? 4  1 0.999 ? ? 
3.290 3.360  ? ? ? ? ? ? 160 100.000 ? ? ? ? 0.214 ? ? ? ? ? ? ? ? 19.900 ? 0.481 ? ? 0.219 0.048 ? 5  1 0.997 ? ? 
3.360 3.430  ? ? ? ? ? ? 158 100.000 ? ? ? ? 0.191 ? ? ? ? ? ? ? ? 20.200 ? 0.482 ? ? 0.196 0.043 ? 6  1 0.998 ? ? 
3.430 3.520  ? ? ? ? ? ? 171 100.000 ? ? ? ? 0.193 ? ? ? ? ? ? ? ? 19.700 ? 0.503 ? ? 0.198 0.044 ? 7  1 0.998 ? ? 
3.520 3.620  ? ? ? ? ? ? 158 100.000 ? ? ? ? 0.166 ? ? ? ? ? ? ? ? 20.100 ? 0.525 ? ? 0.170 0.037 ? 8  1 0.998 ? ? 
3.620 3.720  ? ? ? ? ? ? 161 100.000 ? ? ? ? 0.190 ? ? ? ? ? ? ? ? 19.000 ? 0.506 ? ? 0.195 0.044 ? 9  1 0.994 ? ? 
3.720 3.840  ? ? ? ? ? ? 167 100.000 ? ? ? ? 0.140 ? ? ? ? ? ? ? ? 18.000 ? 0.498 ? ? 0.144 0.034 ? 10 1 0.997 ? ? 
3.840 3.980  ? ? ? ? ? ? 161 100.000 ? ? ? ? 0.121 ? ? ? ? ? ? ? ? 18.900 ? 0.556 ? ? 0.124 0.029 ? 11 1 0.998 ? ? 
3.980 4.140  ? ? ? ? ? ? 161 100.000 ? ? ? ? 0.099 ? ? ? ? ? ? ? ? 19.600 ? 0.620 ? ? 0.102 0.023 ? 12 1 0.998 ? ? 
4.140 4.330  ? ? ? ? ? ? 174 100.000 ? ? ? ? 0.083 ? ? ? ? ? ? ? ? 19.400 ? 0.625 ? ? 0.085 0.019 ? 13 1 0.998 ? ? 
4.330 4.560  ? ? ? ? ? ? 167 100.000 ? ? ? ? 0.077 ? ? ? ? ? ? ? ? 20.100 ? 0.601 ? ? 0.078 0.017 ? 14 1 0.999 ? ? 
4.560 4.840  ? ? ? ? ? ? 156 100.000 ? ? ? ? 0.069 ? ? ? ? ? ? ? ? 19.000 ? 0.647 ? ? 0.071 0.016 ? 15 1 0.999 ? ? 
4.840 5.210  ? ? ? ? ? ? 164 100.000 ? ? ? ? 0.053 ? ? ? ? ? ? ? ? 18.400 ? 0.731 ? ? 0.054 0.013 ? 16 1 0.999 ? ? 
5.210 5.740  ? ? ? ? ? ? 173 100.000 ? ? ? ? 0.045 ? ? ? ? ? ? ? ? 19.100 ? 0.835 ? ? 0.046 0.010 ? 17 1 0.999 ? ? 
5.740 6.570  ? ? ? ? ? ? 174 100.000 ? ? ? ? 0.044 ? ? ? ? ? ? ? ? 19.100 ? 0.770 ? ? 0.045 0.010 ? 18 1 1.000 ? ? 
6.570 8.270  ? ? ? ? ? ? 176 100.000 ? ? ? ? 0.038 ? ? ? ? ? ? ? ? 17.500 ? 0.849 ? ? 0.039 0.010 ? 19 1 1.000 ? ? 
8.270 50.000 ? ? ? ? ? ? 189 99.000  ? ? ? ? 0.030 ? ? ? ? ? ? ? ? 16.400 ? 0.815 ? ? 0.032 0.009 ? 20 1 1.000 ? ? 
# 
_refine.aniso_B[1][1]                            ? 
_refine.aniso_B[1][2]                            ? 
_refine.aniso_B[1][3]                            ? 
_refine.aniso_B[2][2]                            ? 
_refine.aniso_B[2][3]                            ? 
_refine.aniso_B[3][3]                            ? 
_refine.B_iso_max                                204.450 
_refine.B_iso_mean                               89.3801 
_refine.B_iso_min                                54.030 
_refine.correlation_coeff_Fo_to_Fc               ? 
_refine.correlation_coeff_Fo_to_Fc_free          ? 
_refine.details                                  ? 
_refine.diff_density_max                         ? 
_refine.diff_density_max_esd                     ? 
_refine.diff_density_min                         ? 
_refine.diff_density_min_esd                     ? 
_refine.diff_density_rms                         ? 
_refine.diff_density_rms_esd                     ? 
_refine.entry_id                                 6XFW 
_refine.pdbx_refine_id                           'X-RAY DIFFRACTION' 
_refine.ls_abs_structure_details                 ? 
_refine.ls_abs_structure_Flack                   ? 
_refine.ls_abs_structure_Flack_esd               ? 
_refine.ls_abs_structure_Rogers                  ? 
_refine.ls_abs_structure_Rogers_esd              ? 
_refine.ls_d_res_high                            3.0530 
_refine.ls_d_res_low                             42.2460 
_refine.ls_extinction_coef                       ? 
_refine.ls_extinction_coef_esd                   ? 
_refine.ls_extinction_expression                 ? 
_refine.ls_extinction_method                     ? 
_refine.ls_goodness_of_fit_all                   ? 
_refine.ls_goodness_of_fit_all_esd               ? 
_refine.ls_goodness_of_fit_obs                   ? 
_refine.ls_goodness_of_fit_obs_esd               ? 
_refine.ls_hydrogen_treatment                    ? 
_refine.ls_matrix_type                           ? 
_refine.ls_number_constraints                    ? 
_refine.ls_number_parameters                     ? 
_refine.ls_number_reflns_all                     ? 
_refine.ls_number_reflns_obs                     3264 
_refine.ls_number_reflns_R_free                  331 
_refine.ls_number_reflns_R_work                  2933 
_refine.ls_number_restraints                     ? 
_refine.ls_percent_reflns_obs                    98.7900 
_refine.ls_percent_reflns_R_free                 10.1400 
_refine.ls_R_factor_all                          ? 
_refine.ls_R_factor_obs                          0.2444 
_refine.ls_R_factor_R_free                       0.2547 
_refine.ls_R_factor_R_free_error                 ? 
_refine.ls_R_factor_R_free_error_details         ? 
_refine.ls_R_factor_R_work                       0.2431 
_refine.ls_R_Fsqd_factor_obs                     ? 
_refine.ls_R_I_factor_obs                        ? 
_refine.ls_redundancy_reflns_all                 ? 
_refine.ls_redundancy_reflns_obs                 ? 
_refine.ls_restrained_S_all                      ? 
_refine.ls_restrained_S_obs                      ? 
_refine.ls_shift_over_esd_max                    ? 
_refine.ls_shift_over_esd_mean                   ? 
_refine.ls_structure_factor_coef                 ? 
_refine.ls_weighting_details                     ? 
_refine.ls_weighting_scheme                      ? 
_refine.ls_wR_factor_all                         ? 
_refine.ls_wR_factor_obs                         ? 
_refine.ls_wR_factor_R_free                      ? 
_refine.ls_wR_factor_R_work                      ? 
_refine.occupancy_max                            ? 
_refine.occupancy_min                            ? 
_refine.solvent_model_details                    'FLAT BULK SOLVENT MODEL' 
_refine.solvent_model_param_bsol                 ? 
_refine.solvent_model_param_ksol                 ? 
_refine.pdbx_R_complete                          ? 
_refine.ls_R_factor_gt                           ? 
_refine.ls_goodness_of_fit_gt                    ? 
_refine.ls_goodness_of_fit_ref                   ? 
_refine.ls_shift_over_su_max                     ? 
_refine.ls_shift_over_su_max_lt                  ? 
_refine.ls_shift_over_su_mean                    ? 
_refine.ls_shift_over_su_mean_lt                 ? 
_refine.pdbx_ls_sigma_I                          ? 
_refine.pdbx_ls_sigma_F                          2.070 
_refine.pdbx_ls_sigma_Fsqd                       ? 
_refine.pdbx_data_cutoff_high_absF               ? 
_refine.pdbx_data_cutoff_high_rms_absF           ? 
_refine.pdbx_data_cutoff_low_absF                ? 
_refine.pdbx_isotropic_thermal_model             ? 
_refine.pdbx_ls_cross_valid_method               THROUGHOUT 
_refine.pdbx_method_to_determine_struct          'MOLECULAR REPLACEMENT' 
_refine.pdbx_starting_model                      6x8c 
_refine.pdbx_stereochemistry_target_values       ML 
_refine.pdbx_R_Free_selection_details            ? 
_refine.pdbx_stereochem_target_val_spec_case     ? 
_refine.pdbx_overall_ESU_R                       ? 
_refine.pdbx_overall_ESU_R_Free                  ? 
_refine.pdbx_solvent_vdw_probe_radii             1.1100 
_refine.pdbx_solvent_ion_probe_radii             ? 
_refine.pdbx_solvent_shrinkage_radii             0.9000 
_refine.pdbx_real_space_R                        ? 
_refine.pdbx_density_correlation                 ? 
_refine.pdbx_pd_number_of_powder_patterns        ? 
_refine.pdbx_pd_number_of_points                 ? 
_refine.pdbx_pd_meas_number_of_points            ? 
_refine.pdbx_pd_proc_ls_prof_R_factor            ? 
_refine.pdbx_pd_proc_ls_prof_wR_factor           ? 
_refine.pdbx_pd_Marquardt_correlation_coeff      ? 
_refine.pdbx_pd_Fsqrd_R_factor                   ? 
_refine.pdbx_pd_ls_matrix_band_width             ? 
_refine.pdbx_overall_phase_error                 35.0300 
_refine.pdbx_overall_SU_R_free_Cruickshank_DPI   ? 
_refine.pdbx_overall_SU_R_free_Blow_DPI          ? 
_refine.pdbx_overall_SU_R_Blow_DPI               ? 
_refine.pdbx_TLS_residual_ADP_flag               ? 
_refine.pdbx_diffrn_id                           1 
_refine.overall_SU_B                             ? 
_refine.overall_SU_ML                            0.2500 
_refine.overall_SU_R_Cruickshank_DPI             ? 
_refine.overall_SU_R_free                        ? 
_refine.overall_FOM_free_R_set                   ? 
_refine.overall_FOM_work_R_set                   ? 
_refine.pdbx_average_fsc_overall                 ? 
_refine.pdbx_average_fsc_work                    ? 
_refine.pdbx_average_fsc_free                    ? 
# 
_refine_hist.pdbx_refine_id                   'X-RAY DIFFRACTION' 
_refine_hist.cycle_id                         final 
_refine_hist.details                          ? 
_refine_hist.d_res_high                       3.0530 
_refine_hist.d_res_low                        42.2460 
_refine_hist.number_atoms_solvent             0 
_refine_hist.number_atoms_total               857 
_refine_hist.number_reflns_all                ? 
_refine_hist.number_reflns_obs                ? 
_refine_hist.number_reflns_R_free             ? 
_refine_hist.number_reflns_R_work             ? 
_refine_hist.R_factor_all                     ? 
_refine_hist.R_factor_obs                     ? 
_refine_hist.R_factor_R_free                  ? 
_refine_hist.R_factor_R_work                  ? 
_refine_hist.pdbx_number_residues_total       42 
_refine_hist.pdbx_B_iso_mean_ligand           186.21 
_refine_hist.pdbx_B_iso_mean_solvent          ? 
_refine_hist.pdbx_number_atoms_protein        0 
_refine_hist.pdbx_number_atoms_nucleic_acid   855 
_refine_hist.pdbx_number_atoms_ligand         2 
_refine_hist.pdbx_number_atoms_lipid          ? 
_refine_hist.pdbx_number_atoms_carb           ? 
_refine_hist.pdbx_pseudo_atom_details         ? 
# 
loop_
_refine_ls_restr.pdbx_refine_id 
_refine_ls_restr.criterion 
_refine_ls_restr.dev_ideal 
_refine_ls_restr.dev_ideal_target 
_refine_ls_restr.number 
_refine_ls_restr.rejects 
_refine_ls_restr.type 
_refine_ls_restr.weight 
_refine_ls_restr.pdbx_restraint_function 
'X-RAY DIFFRACTION' ? 0.004  ? 956  ? f_bond_d           ? ? 
'X-RAY DIFFRACTION' ? 0.667  ? 1467 ? f_angle_d          ? ? 
'X-RAY DIFFRACTION' ? 0.031  ? 166  ? f_chiral_restr     ? ? 
'X-RAY DIFFRACTION' ? 0.003  ? 42   ? f_plane_restr      ? ? 
'X-RAY DIFFRACTION' ? 36.693 ? 406  ? f_dihedral_angle_d ? ? 
# 
loop_
_refine_ls_shell.pdbx_refine_id 
_refine_ls_shell.d_res_high 
_refine_ls_shell.d_res_low 
_refine_ls_shell.number_reflns_all 
_refine_ls_shell.number_reflns_obs 
_refine_ls_shell.number_reflns_R_free 
_refine_ls_shell.number_reflns_R_work 
_refine_ls_shell.percent_reflns_obs 
_refine_ls_shell.percent_reflns_R_free 
_refine_ls_shell.R_factor_all 
_refine_ls_shell.R_factor_obs 
_refine_ls_shell.R_factor_R_free 
_refine_ls_shell.R_factor_R_free_error 
_refine_ls_shell.R_factor_R_work 
_refine_ls_shell.redundancy_reflns_all 
_refine_ls_shell.redundancy_reflns_obs 
_refine_ls_shell.wR_factor_all 
_refine_ls_shell.wR_factor_obs 
_refine_ls_shell.wR_factor_R_free 
_refine_ls_shell.wR_factor_R_work 
_refine_ls_shell.pdbx_R_complete 
_refine_ls_shell.pdbx_total_number_of_bins_used 
_refine_ls_shell.pdbx_phase_error 
_refine_ls_shell.pdbx_fsc_work 
_refine_ls_shell.pdbx_fsc_free 
'X-RAY DIFFRACTION' 3.053  3.8457  . . 145 1437 98.0000  . . . 0.3295 0.0000 0.3214 . . . . . . . . . . . 
'X-RAY DIFFRACTION' 3.8457 42.2460 . . 186 1496 100.0000 . . . 0.2361 0.0000 0.2227 . . . . . . . . . . . 
# 
_struct.entry_id                     6XFW 
_struct.title                        
'Self-assembly of a 3D DNA crystal lattice (4x5 junction version) containing the J24 immobile Holliday junction' 
_struct.pdbx_model_details           ? 
_struct.pdbx_formula_weight          ? 
_struct.pdbx_formula_weight_method   ? 
_struct.pdbx_model_type_details      ? 
_struct.pdbx_CASP_flag               N 
# 
_struct_keywords.entry_id        6XFW 
_struct_keywords.text            
'Structural DNA nanotechnology, immobile Holliday junctions, 3D DNA self-assembly, designer DNA crystals, DNA' 
_struct_keywords.pdbx_keywords   DNA 
# 
loop_
_struct_asym.id 
_struct_asym.pdbx_blank_PDB_chainid_flag 
_struct_asym.pdbx_modified 
_struct_asym.entity_id 
_struct_asym.details 
A N N 1 ? 
B N N 2 ? 
C N N 3 ? 
D N N 4 ? 
E N N 5 ? 
F N N 5 ? 
# 
loop_
_struct_conn.id 
_struct_conn.conn_type_id 
_struct_conn.pdbx_leaving_atom_flag 
_struct_conn.pdbx_PDB_id 
_struct_conn.ptnr1_label_asym_id 
_struct_conn.ptnr1_label_comp_id 
_struct_conn.ptnr1_label_seq_id 
_struct_conn.ptnr1_label_atom_id 
_struct_conn.pdbx_ptnr1_label_alt_id 
_struct_conn.pdbx_ptnr1_PDB_ins_code 
_struct_conn.pdbx_ptnr1_standard_comp_id 
_struct_conn.ptnr1_symmetry 
_struct_conn.ptnr2_label_asym_id 
_struct_conn.ptnr2_label_comp_id 
_struct_conn.ptnr2_label_seq_id 
_struct_conn.ptnr2_label_atom_id 
_struct_conn.pdbx_ptnr2_label_alt_id 
_struct_conn.pdbx_ptnr2_PDB_ins_code 
_struct_conn.ptnr1_auth_asym_id 
_struct_conn.ptnr1_auth_comp_id 
_struct_conn.ptnr1_auth_seq_id 
_struct_conn.ptnr2_auth_asym_id 
_struct_conn.ptnr2_auth_comp_id 
_struct_conn.ptnr2_auth_seq_id 
_struct_conn.ptnr2_symmetry 
_struct_conn.pdbx_ptnr3_label_atom_id 
_struct_conn.pdbx_ptnr3_label_seq_id 
_struct_conn.pdbx_ptnr3_label_comp_id 
_struct_conn.pdbx_ptnr3_label_asym_id 
_struct_conn.pdbx_ptnr3_label_alt_id 
_struct_conn.pdbx_ptnr3_PDB_ins_code 
_struct_conn.details 
_struct_conn.pdbx_dist_value 
_struct_conn.pdbx_value_order 
_struct_conn.pdbx_role 
hydrog1  hydrog ? ? A DG 3  N1 ? ? ? 1_555 D DC 16 N3 ? ? A DG 3  D DC 16 1_555 ? ? ? ? ? ? WATSON-CRICK ? ? ? 
hydrog2  hydrog ? ? A DG 3  N2 ? ? ? 1_555 D DC 16 O2 ? ? A DG 3  D DC 16 1_555 ? ? ? ? ? ? WATSON-CRICK ? ? ? 
hydrog3  hydrog ? ? A DG 3  O6 ? ? ? 1_555 D DC 16 N4 ? ? A DG 3  D DC 16 1_555 ? ? ? ? ? ? WATSON-CRICK ? ? ? 
hydrog4  hydrog ? ? A DC 4  N3 ? ? ? 1_555 D DG 15 N1 ? ? A DC 4  D DG 15 1_555 ? ? ? ? ? ? WATSON-CRICK ? ? ? 
hydrog5  hydrog ? ? A DC 4  N4 ? ? ? 1_555 D DG 15 O6 ? ? A DC 4  D DG 15 1_555 ? ? ? ? ? ? WATSON-CRICK ? ? ? 
hydrog6  hydrog ? ? A DC 4  O2 ? ? ? 1_555 D DG 15 N2 ? ? A DC 4  D DG 15 1_555 ? ? ? ? ? ? WATSON-CRICK ? ? ? 
hydrog7  hydrog ? ? A DA 5  N1 ? ? ? 1_555 D DT 14 N3 ? ? A DA 5  D DT 14 1_555 ? ? ? ? ? ? WATSON-CRICK ? ? ? 
hydrog8  hydrog ? ? A DA 5  N6 ? ? ? 1_555 D DT 14 O4 ? ? A DA 5  D DT 14 1_555 ? ? ? ? ? ? WATSON-CRICK ? ? ? 
hydrog9  hydrog ? ? A DG 6  N1 ? ? ? 1_555 D DC 13 N3 ? ? A DG 6  D DC 13 1_555 ? ? ? ? ? ? WATSON-CRICK ? ? ? 
hydrog10 hydrog ? ? A DG 6  N2 ? ? ? 1_555 D DC 13 O2 ? ? A DG 6  D DC 13 1_555 ? ? ? ? ? ? WATSON-CRICK ? ? ? 
hydrog11 hydrog ? ? A DG 6  O6 ? ? ? 1_555 D DC 13 N4 ? ? A DG 6  D DC 13 1_555 ? ? ? ? ? ? WATSON-CRICK ? ? ? 
hydrog12 hydrog ? ? A DA 7  N1 ? ? ? 1_555 D DT 12 N3 ? ? A DA 7  D DT 12 1_555 ? ? ? ? ? ? WATSON-CRICK ? ? ? 
hydrog13 hydrog ? ? A DA 7  N6 ? ? ? 1_555 D DT 12 O4 ? ? A DA 7  D DT 12 1_555 ? ? ? ? ? ? WATSON-CRICK ? ? ? 
hydrog14 hydrog ? ? A DC 8  N3 ? ? ? 1_555 D DG 11 N1 ? ? A DC 8  D DG 11 1_555 ? ? ? ? ? ? WATSON-CRICK ? ? ? 
hydrog15 hydrog ? ? A DC 8  N4 ? ? ? 1_555 D DG 11 O6 ? ? A DC 8  D DG 11 1_555 ? ? ? ? ? ? WATSON-CRICK ? ? ? 
hydrog16 hydrog ? ? A DC 8  O2 ? ? ? 1_555 D DG 11 N2 ? ? A DC 8  D DG 11 1_555 ? ? ? ? ? ? WATSON-CRICK ? ? ? 
hydrog17 hydrog ? ? A DC 9  N3 ? ? ? 1_555 D DG 10 N1 ? ? A DC 9  D DG 10 1_555 ? ? ? ? ? ? WATSON-CRICK ? ? ? 
hydrog18 hydrog ? ? A DC 9  N4 ? ? ? 1_555 D DG 10 O6 ? ? A DC 9  D DG 10 1_555 ? ? ? ? ? ? WATSON-CRICK ? ? ? 
hydrog19 hydrog ? ? A DC 9  O2 ? ? ? 1_555 D DG 10 N2 ? ? A DC 9  D DG 10 1_555 ? ? ? ? ? ? WATSON-CRICK ? ? ? 
hydrog20 hydrog ? ? A DA 10 N1 ? ? ? 1_555 C DT 2  N3 ? ? A DA 10 C DT 2  1_555 ? ? ? ? ? ? WATSON-CRICK ? ? ? 
hydrog21 hydrog ? ? A DA 10 N6 ? ? ? 1_555 C DT 2  O4 ? ? A DA 10 C DT 2  1_555 ? ? ? ? ? ? WATSON-CRICK ? ? ? 
hydrog22 hydrog ? ? A DG 11 N1 ? ? ? 1_555 C DC 1  N3 ? ? A DG 11 C DC 1  1_555 ? ? ? ? ? ? WATSON-CRICK ? ? ? 
hydrog23 hydrog ? ? A DG 11 N2 ? ? ? 1_555 C DC 1  O2 ? ? A DG 11 C DC 1  1_555 ? ? ? ? ? ? WATSON-CRICK ? ? ? 
hydrog24 hydrog ? ? A DG 11 O6 ? ? ? 1_555 C DC 1  N4 ? ? A DG 11 C DC 1  1_555 ? ? ? ? ? ? WATSON-CRICK ? ? ? 
hydrog25 hydrog ? ? B DA 1  N1 ? ? ? 1_555 C DT 5  N3 ? ? B DA 12 C DT 5  1_555 ? ? ? ? ? ? WATSON-CRICK ? ? ? 
hydrog26 hydrog ? ? B DA 1  N6 ? ? ? 1_555 C DT 5  O4 ? ? B DA 12 C DT 5  1_555 ? ? ? ? ? ? WATSON-CRICK ? ? ? 
hydrog27 hydrog ? ? B DC 2  N3 ? ? ? 1_555 C DG 4  N1 ? ? B DC 13 C DG 4  1_555 ? ? ? ? ? ? WATSON-CRICK ? ? ? 
hydrog28 hydrog ? ? B DC 2  N4 ? ? ? 1_555 C DG 4  O6 ? ? B DC 13 C DG 4  1_555 ? ? ? ? ? ? WATSON-CRICK ? ? ? 
hydrog29 hydrog ? ? B DC 2  O2 ? ? ? 1_555 C DG 4  N2 ? ? B DC 13 C DG 4  1_555 ? ? ? ? ? ? WATSON-CRICK ? ? ? 
hydrog30 hydrog ? ? B DT 3  N3 ? ? ? 1_555 C DA 3  N1 ? ? B DT 14 C DA 3  1_555 ? ? ? ? ? ? WATSON-CRICK ? ? ? 
hydrog31 hydrog ? ? B DT 3  O4 ? ? ? 1_555 C DA 3  N6 ? ? B DT 14 C DA 3  1_555 ? ? ? ? ? ? WATSON-CRICK ? ? ? 
hydrog32 hydrog ? ? B DC 4  N3 ? ? ? 1_555 D DG 9  N1 ? ? B DC 15 D DG 9  1_555 ? ? ? ? ? ? WATSON-CRICK ? ? ? 
hydrog33 hydrog ? ? B DC 4  N4 ? ? ? 1_555 D DG 9  O6 ? ? B DC 15 D DG 9  1_555 ? ? ? ? ? ? WATSON-CRICK ? ? ? 
hydrog34 hydrog ? ? B DC 4  O2 ? ? ? 1_555 D DG 9  N2 ? ? B DC 15 D DG 9  1_555 ? ? ? ? ? ? WATSON-CRICK ? ? ? 
hydrog35 hydrog ? ? B DC 5  N3 ? ? ? 1_555 D DG 8  N1 ? ? B DC 16 D DG 8  1_555 ? ? ? ? ? ? WATSON-CRICK ? ? ? 
hydrog36 hydrog ? ? B DC 5  N4 ? ? ? 1_555 D DG 8  O6 ? ? B DC 16 D DG 8  1_555 ? ? ? ? ? ? WATSON-CRICK ? ? ? 
hydrog37 hydrog ? ? B DC 5  O2 ? ? ? 1_555 D DG 8  N2 ? ? B DC 16 D DG 8  1_555 ? ? ? ? ? ? WATSON-CRICK ? ? ? 
hydrog38 hydrog ? ? B DA 6  N1 ? ? ? 1_555 D DT 7  N3 ? ? B DA 17 D DT 7  1_555 ? ? ? ? ? ? WATSON-CRICK ? ? ? 
hydrog39 hydrog ? ? B DA 6  N6 ? ? ? 1_555 D DT 7  O4 ? ? B DA 17 D DT 7  1_555 ? ? ? ? ? ? WATSON-CRICK ? ? ? 
hydrog40 hydrog ? ? B DC 7  N3 ? ? ? 1_555 D DG 6  N1 ? ? B DC 18 D DG 6  1_555 ? ? ? ? ? ? WATSON-CRICK ? ? ? 
hydrog41 hydrog ? ? B DC 7  N4 ? ? ? 1_555 D DG 6  O6 ? ? B DC 18 D DG 6  1_555 ? ? ? ? ? ? WATSON-CRICK ? ? ? 
hydrog42 hydrog ? ? B DC 7  O2 ? ? ? 1_555 D DG 6  N2 ? ? B DC 18 D DG 6  1_555 ? ? ? ? ? ? WATSON-CRICK ? ? ? 
hydrog43 hydrog ? ? B DT 8  N3 ? ? ? 1_555 D DA 5  N1 ? ? B DT 19 D DA 5  1_555 ? ? ? ? ? ? WATSON-CRICK ? ? ? 
hydrog44 hydrog ? ? B DT 8  O4 ? ? ? 1_555 D DA 5  N6 ? ? B DT 19 D DA 5  1_555 ? ? ? ? ? ? WATSON-CRICK ? ? ? 
hydrog45 hydrog ? ? B DC 9  N3 ? ? ? 1_555 D DG 4  N1 ? ? B DC 20 D DG 4  1_555 ? ? ? ? ? ? WATSON-CRICK ? ? ? 
hydrog46 hydrog ? ? B DC 9  N4 ? ? ? 1_555 D DG 4  O6 ? ? B DC 20 D DG 4  1_555 ? ? ? ? ? ? WATSON-CRICK ? ? ? 
hydrog47 hydrog ? ? B DC 9  O2 ? ? ? 1_555 D DG 4  N2 ? ? B DC 20 D DG 4  1_555 ? ? ? ? ? ? WATSON-CRICK ? ? ? 
hydrog48 hydrog ? ? B DA 10 N1 ? ? ? 1_555 D DT 3  N3 ? ? B DA 21 D DT 3  1_555 ? ? ? ? ? ? WATSON-CRICK ? ? ? 
hydrog49 hydrog ? ? B DA 10 N6 ? ? ? 1_555 D DT 3  O4 ? ? B DA 21 D DT 3  1_555 ? ? ? ? ? ? WATSON-CRICK ? ? ? 
# 
_struct_conn_type.id          hydrog 
_struct_conn_type.criteria    ? 
_struct_conn_type.reference   ? 
# 
_atom_sites.entry_id                    6XFW 
_atom_sites.Cartn_transf_matrix[1][1]   ? 
_atom_sites.Cartn_transf_matrix[1][2]   ? 
_atom_sites.Cartn_transf_matrix[1][3]   ? 
_atom_sites.Cartn_transf_matrix[2][1]   ? 
_atom_sites.Cartn_transf_matrix[2][2]   ? 
_atom_sites.Cartn_transf_matrix[2][3]   ? 
_atom_sites.Cartn_transf_matrix[3][1]   ? 
_atom_sites.Cartn_transf_matrix[3][2]   ? 
_atom_sites.Cartn_transf_matrix[3][3]   ? 
_atom_sites.Cartn_transf_vector[1]      ? 
_atom_sites.Cartn_transf_vector[2]      ? 
_atom_sites.Cartn_transf_vector[3]      ? 
_atom_sites.fract_transf_matrix[1][1]   -0.00063282 
_atom_sites.fract_transf_matrix[1][2]   0.00200621 
_atom_sites.fract_transf_matrix[1][3]   0.01673534 
_atom_sites.fract_transf_matrix[2][1]   -0.00180342 
_atom_sites.fract_transf_matrix[2][2]   0.01542420 
_atom_sites.fract_transf_matrix[2][3]   0.00658313 
_atom_sites.fract_transf_matrix[3][1]   -0.01650897 
_atom_sites.fract_transf_matrix[3][2]   -0.00175354 
_atom_sites.fract_transf_matrix[3][3]   -0.00041404 
_atom_sites.fract_transf_vector[1]      -0.195292 
_atom_sites.fract_transf_vector[2]      -0.382285 
_atom_sites.fract_transf_vector[3]      0.152177 
_atom_sites.solution_primary            ? 
_atom_sites.solution_secondary          ? 
_atom_sites.solution_hydrogens          ? 
_atom_sites.special_details             ? 
# 
loop_
_atom_type.symbol 
AS 
C  
N  
O  
P  
# 
loop_
_atom_site.group_PDB 
_atom_site.id 
_atom_site.type_symbol 
_atom_site.label_atom_id 
_atom_site.label_alt_id 
_atom_site.label_comp_id 
_atom_site.label_asym_id 
_atom_site.label_entity_id 
_atom_site.label_seq_id 
_atom_site.pdbx_PDB_ins_code 
_atom_site.Cartn_x 
_atom_site.Cartn_y 
_atom_site.Cartn_z 
_atom_site.occupancy 
_atom_site.B_iso_or_equiv 
_atom_site.pdbx_formal_charge 
_atom_site.auth_seq_id 
_atom_site.auth_comp_id 
_atom_site.auth_asym_id 
_atom_site.auth_atom_id 
_atom_site.pdbx_PDB_model_num 
ATOM   1   O  "O5'" . DG  A 1 1  ? -14.853 14.801  -14.715 1.00 117.72 ? 1   DG  A "O5'" 1 
ATOM   2   C  "C5'" . DG  A 1 1  ? -14.634 16.002  -15.447 1.00 106.82 ? 1   DG  A "C5'" 1 
ATOM   3   C  "C4'" . DG  A 1 1  ? -13.601 16.870  -14.755 1.00 101.65 ? 1   DG  A "C4'" 1 
ATOM   4   O  "O4'" . DG  A 1 1  ? -14.263 17.814  -13.891 1.00 93.98  ? 1   DG  A "O4'" 1 
ATOM   5   C  "C3'" . DG  A 1 1  ? -12.654 16.121  -13.841 1.00 108.52 ? 1   DG  A "C3'" 1 
ATOM   6   O  "O3'" . DG  A 1 1  ? -11.564 15.610  -14.593 1.00 116.67 ? 1   DG  A "O3'" 1 
ATOM   7   C  "C2'" . DG  A 1 1  ? -12.200 17.207  -12.866 1.00 99.37  ? 1   DG  A "C2'" 1 
ATOM   8   C  "C1'" . DG  A 1 1  ? -13.401 18.158  -12.823 1.00 97.63  ? 1   DG  A "C1'" 1 
ATOM   9   N  N9    . DG  A 1 1  ? -14.156 18.111  -11.573 1.00 93.04  ? 1   DG  A N9    1 
ATOM   10  C  C8    . DG  A 1 1  ? -15.497 17.841  -11.428 1.00 92.03  ? 1   DG  A C8    1 
ATOM   11  N  N7    . DG  A 1 1  ? -15.907 17.886  -10.191 1.00 87.33  ? 1   DG  A N7    1 
ATOM   12  C  C5    . DG  A 1 1  ? -14.766 18.210  -9.465  1.00 89.32  ? 1   DG  A C5    1 
ATOM   13  C  C6    . DG  A 1 1  ? -14.599 18.392  -8.072  1.00 90.34  ? 1   DG  A C6    1 
ATOM   14  O  O6    . DG  A 1 1  ? -15.448 18.308  -7.176  1.00 87.36  ? 1   DG  A O6    1 
ATOM   15  N  N1    . DG  A 1 1  ? -13.280 18.712  -7.753  1.00 93.75  ? 1   DG  A N1    1 
ATOM   16  C  C2    . DG  A 1 1  ? -12.258 18.835  -8.664  1.00 96.84  ? 1   DG  A C2    1 
ATOM   17  N  N2    . DG  A 1 1  ? -11.053 19.148  -8.165  1.00 98.90  ? 1   DG  A N2    1 
ATOM   18  N  N3    . DG  A 1 1  ? -12.403 18.664  -9.974  1.00 92.93  ? 1   DG  A N3    1 
ATOM   19  C  C4    . DG  A 1 1  ? -13.684 18.352  -10.302 1.00 92.41  ? 1   DG  A C4    1 
ATOM   20  P  P     . DA  A 1 2  ? -11.071 14.099  -14.368 1.00 127.69 ? 2   DA  A P     1 
ATOM   21  O  OP1   . DA  A 1 2  ? -10.873 13.505  -15.710 1.00 125.14 ? 2   DA  A OP1   1 
ATOM   22  O  OP2   . DA  A 1 2  ? -11.995 13.465  -13.400 1.00 117.76 ? 2   DA  A OP2   1 
ATOM   23  O  "O5'" . DA  A 1 2  ? -9.657  14.257  -13.640 1.00 107.43 ? 2   DA  A "O5'" 1 
ATOM   24  C  "C5'" . DA  A 1 2  ? -9.025  15.531  -13.577 1.00 106.75 ? 2   DA  A "C5'" 1 
ATOM   25  C  "C4'" . DA  A 1 2  ? -8.509  15.807  -12.173 1.00 105.48 ? 2   DA  A "C4'" 1 
ATOM   26  O  "O4'" . DA  A 1 2  ? -9.615  16.197  -11.312 1.00 103.98 ? 2   DA  A "O4'" 1 
ATOM   27  C  "C3'" . DA  A 1 2  ? -7.835  14.618  -11.486 1.00 104.31 ? 2   DA  A "C3'" 1 
ATOM   28  O  "O3'" . DA  A 1 2  ? -6.678  15.055  -10.776 1.00 101.29 ? 2   DA  A "O3'" 1 
ATOM   29  C  "C2'" . DA  A 1 2  ? -8.920  14.109  -10.541 1.00 104.79 ? 2   DA  A "C2'" 1 
ATOM   30  C  "C1'" . DA  A 1 2  ? -9.612  15.400  -10.148 1.00 102.31 ? 2   DA  A "C1'" 1 
ATOM   31  N  N9    . DA  A 1 2  ? -10.992 15.199  -9.714  1.00 99.50  ? 2   DA  A N9    1 
ATOM   32  C  C8    . DA  A 1 2  ? -12.052 14.819  -10.489 1.00 98.33  ? 2   DA  A C8    1 
ATOM   33  N  N7    . DA  A 1 2  ? -13.181 14.711  -9.828  1.00 99.34  ? 2   DA  A N7    1 
ATOM   34  C  C5    . DA  A 1 2  ? -12.837 15.038  -8.527  1.00 94.95  ? 2   DA  A C5    1 
ATOM   35  C  C6    . DA  A 1 2  ? -13.589 15.112  -7.337  1.00 94.24  ? 2   DA  A C6    1 
ATOM   36  N  N6    . DA  A 1 2  ? -14.897 14.847  -7.277  1.00 96.04  ? 2   DA  A N6    1 
ATOM   37  N  N1    . DA  A 1 2  ? -12.941 15.470  -6.210  1.00 92.67  ? 2   DA  A N1    1 
ATOM   38  C  C2    . DA  A 1 2  ? -11.630 15.736  -6.275  1.00 97.21  ? 2   DA  A C2    1 
ATOM   39  N  N3    . DA  A 1 2  ? -10.819 15.699  -7.333  1.00 103.14 ? 2   DA  A N3    1 
ATOM   40  C  C4    . DA  A 1 2  ? -11.491 15.340  -8.439  1.00 98.42  ? 2   DA  A C4    1 
ATOM   41  P  P     . DG  A 1 3  ? -5.988  14.106  -9.674  1.00 107.48 ? 3   DG  A P     1 
ATOM   42  O  OP1   . DG  A 1 3  ? -4.584  14.545  -9.526  1.00 104.86 ? 3   DG  A OP1   1 
ATOM   43  O  OP2   . DG  A 1 3  ? -6.266  12.695  -10.021 1.00 108.86 ? 3   DG  A OP2   1 
ATOM   44  O  "O5'" . DG  A 1 3  ? -6.771  14.456  -8.328  1.00 97.52  ? 3   DG  A "O5'" 1 
ATOM   45  C  "C5'" . DG  A 1 3  ? -6.169  15.290  -7.351  1.00 99.58  ? 3   DG  A "C5'" 1 
ATOM   46  C  "C4'" . DG  A 1 3  ? -6.411  14.742  -5.958  1.00 101.75 ? 3   DG  A "C4'" 1 
ATOM   47  O  "O4'" . DG  A 1 3  ? -7.841  14.575  -5.748  1.00 106.62 ? 3   DG  A "O4'" 1 
ATOM   48  C  "C3'" . DG  A 1 3  ? -5.798  13.369  -5.693  1.00 95.23  ? 3   DG  A "C3'" 1 
ATOM   49  O  "O3'" . DG  A 1 3  ? -5.448  13.255  -4.326  1.00 96.69  ? 3   DG  A "O3'" 1 
ATOM   50  C  "C2'" . DG  A 1 3  ? -6.944  12.434  -6.039  1.00 105.47 ? 3   DG  A "C2'" 1 
ATOM   51  C  "C1'" . DG  A 1 3  ? -8.120  13.217  -5.478  1.00 104.85 ? 3   DG  A "C1'" 1 
ATOM   52  N  N9    . DG  A 1 3  ? -9.396  12.862  -6.088  1.00 95.41  ? 3   DG  A N9    1 
ATOM   53  C  C8    . DG  A 1 3  ? -9.635  12.586  -7.411  1.00 98.70  ? 3   DG  A C8    1 
ATOM   54  N  N7    . DG  A 1 3  ? -10.880 12.290  -7.664  1.00 95.58  ? 3   DG  A N7    1 
ATOM   55  C  C5    . DG  A 1 3  ? -11.505 12.373  -6.426  1.00 94.83  ? 3   DG  A C5    1 
ATOM   56  C  C6    . DG  A 1 3  ? -12.857 12.160  -6.073  1.00 96.41  ? 3   DG  A C6    1 
ATOM   57  O  O6    . DG  A 1 3  ? -13.803 11.842  -6.809  1.00 93.43  ? 3   DG  A O6    1 
ATOM   58  N  N1    . DG  A 1 3  ? -13.069 12.349  -4.708  1.00 98.68  ? 3   DG  A N1    1 
ATOM   59  C  C2    . DG  A 1 3  ? -12.094 12.702  -3.803  1.00 98.90  ? 3   DG  A C2    1 
ATOM   60  N  N2    . DG  A 1 3  ? -12.488 12.837  -2.527  1.00 98.20  ? 3   DG  A N2    1 
ATOM   61  N  N3    . DG  A 1 3  ? -10.825 12.905  -4.122  1.00 94.83  ? 3   DG  A N3    1 
ATOM   62  C  C4    . DG  A 1 3  ? -10.604 12.726  -5.447  1.00 93.28  ? 3   DG  A C4    1 
ATOM   63  P  P     . DC  A 1 4  ? -4.574  12.009  -3.813  1.00 108.08 ? 4   DC  A P     1 
ATOM   64  O  OP1   . DC  A 1 4  ? -3.264  12.094  -4.497  1.00 109.10 ? 4   DC  A OP1   1 
ATOM   65  O  OP2   . DC  A 1 4  ? -5.385  10.774  -3.920  1.00 107.12 ? 4   DC  A OP2   1 
ATOM   66  O  "O5'" . DC  A 1 4  ? -4.376  12.308  -2.256  1.00 101.56 ? 4   DC  A "O5'" 1 
ATOM   67  C  "C5'" . DC  A 1 4  ? -5.353  13.069  -1.553  1.00 97.46  ? 4   DC  A "C5'" 1 
ATOM   68  C  "C4'" . DC  A 1 4  ? -6.258  12.171  -0.724  1.00 89.88  ? 4   DC  A "C4'" 1 
ATOM   69  O  "O4'" . DC  A 1 4  ? -7.534  12.001  -1.384  1.00 96.11  ? 4   DC  A "O4'" 1 
ATOM   70  C  "C3'" . DC  A 1 4  ? -5.717  10.764  -0.460  1.00 93.71  ? 4   DC  A "C3'" 1 
ATOM   71  O  "O3'" . DC  A 1 4  ? -5.572  10.573  0.949   1.00 95.13  ? 4   DC  A "O3'" 1 
ATOM   72  C  "C2'" . DC  A 1 4  ? -6.775  9.827   -1.078  1.00 97.52  ? 4   DC  A "C2'" 1 
ATOM   73  C  "C1'" . DC  A 1 4  ? -8.011  10.707  -1.114  1.00 96.35  ? 4   DC  A "C1'" 1 
ATOM   74  N  N1    . DC  A 1 4  ? -8.990  10.341  -2.183  1.00 98.73  ? 4   DC  A N1    1 
ATOM   75  C  C2    . DC  A 1 4  ? -10.334 10.131  -1.851  1.00 94.99  ? 4   DC  A C2    1 
ATOM   76  O  O2    . DC  A 1 4  ? -10.687 10.234  -0.670  1.00 95.31  ? 4   DC  A O2    1 
ATOM   77  N  N3    . DC  A 1 4  ? -11.212 9.815   -2.836  1.00 90.99  ? 4   DC  A N3    1 
ATOM   78  C  C4    . DC  A 1 4  ? -10.794 9.714   -4.098  1.00 92.80  ? 4   DC  A C4    1 
ATOM   79  N  N4    . DC  A 1 4  ? -11.696 9.400   -5.034  1.00 90.94  ? 4   DC  A N4    1 
ATOM   80  C  C5    . DC  A 1 4  ? -9.429  9.927   -4.456  1.00 98.47  ? 4   DC  A C5    1 
ATOM   81  C  C6    . DC  A 1 4  ? -8.572  10.240  -3.477  1.00 99.20  ? 4   DC  A C6    1 
ATOM   82  P  P     . DA  A 1 5  ? -5.506  9.102   1.593   1.00 106.35 ? 5   DA  A P     1 
ATOM   83  O  OP1   . DA  A 1 5  ? -4.868  9.251   2.918   1.00 102.26 ? 5   DA  A OP1   1 
ATOM   84  O  OP2   . DA  A 1 5  ? -4.929  8.150   0.616   1.00 105.48 ? 5   DA  A OP2   1 
ATOM   85  O  "O5'" . DA  A 1 5  ? -7.037  8.734   1.840   1.00 90.64  ? 5   DA  A "O5'" 1 
ATOM   86  C  "C5'" . DA  A 1 5  ? -7.748  9.365   2.888   1.00 89.11  ? 5   DA  A "C5'" 1 
ATOM   87  C  "C4'" . DA  A 1 5  ? -8.714  8.395   3.537   1.00 95.79  ? 5   DA  A "C4'" 1 
ATOM   88  O  "O4'" . DA  A 1 5  ? -9.728  8.014   2.578   1.00 98.04  ? 5   DA  A "O4'" 1 
ATOM   89  C  "C3'" . DA  A 1 5  ? -8.090  7.095   4.024   1.00 97.05  ? 5   DA  A "C3'" 1 
ATOM   90  O  "O3'" . DA  A 1 5  ? -8.767  6.636   5.184   1.00 97.81  ? 5   DA  A "O3'" 1 
ATOM   91  C  "C2'" . DA  A 1 5  ? -8.282  6.146   2.842   1.00 96.92  ? 5   DA  A "C2'" 1 
ATOM   92  C  "C1'" . DA  A 1 5  ? -9.563  6.662   2.190   1.00 94.69  ? 5   DA  A "C1'" 1 
ATOM   93  N  N9    . DA  A 1 5  ? -9.523  6.604   0.731   1.00 95.37  ? 5   DA  A N9    1 
ATOM   94  C  C8    . DA  A 1 5  ? -8.415  6.700   -0.066  1.00 94.66  ? 5   DA  A C8    1 
ATOM   95  N  N7    . DA  A 1 5  ? -8.675  6.610   -1.348  1.00 92.55  ? 5   DA  A N7    1 
ATOM   96  C  C5    . DA  A 1 5  ? -10.049 6.442   -1.397  1.00 90.46  ? 5   DA  A C5    1 
ATOM   97  C  C6    . DA  A 1 5  ? -10.949 6.285   -2.472  1.00 91.23  ? 5   DA  A C6    1 
ATOM   98  N  N6    . DA  A 1 5  ? -10.572 6.272   -3.753  1.00 96.12  ? 5   DA  A N6    1 
ATOM   99  N  N1    . DA  A 1 5  ? -12.257 6.141   -2.175  1.00 92.97  ? 5   DA  A N1    1 
ATOM   100 C  C2    . DA  A 1 5  ? -12.633 6.155   -0.890  1.00 97.24  ? 5   DA  A C2    1 
ATOM   101 N  N3    . DA  A 1 5  ? -11.881 6.295   0.201   1.00 100.03 ? 5   DA  A N3    1 
ATOM   102 C  C4    . DA  A 1 5  ? -10.587 6.435   -0.125  1.00 94.25  ? 5   DA  A C4    1 
ATOM   103 P  P     . DG  A 1 6  ? -8.265  5.316   5.953   1.00 115.63 ? 6   DG  A P     1 
ATOM   104 O  OP1   . DG  A 1 6  ? -8.254  5.634   7.399   1.00 115.06 ? 6   DG  A OP1   1 
ATOM   105 O  OP2   . DG  A 1 6  ? -7.025  4.829   5.307   1.00 108.76 ? 6   DG  A OP2   1 
ATOM   106 O  "O5'" . DG  A 1 6  ? -9.426  4.259   5.660   1.00 100.28 ? 6   DG  A "O5'" 1 
ATOM   107 C  "C5'" . DG  A 1 6  ? -10.782 4.642   5.842   1.00 97.43  ? 6   DG  A "C5'" 1 
ATOM   108 C  "C4'" . DG  A 1 6  ? -11.700 3.841   4.939   1.00 97.20  ? 6   DG  A "C4'" 1 
ATOM   109 O  "O4'" . DG  A 1 6  ? -11.385 4.108   3.557   1.00 99.27  ? 6   DG  A "O4'" 1 
ATOM   110 C  "C3'" . DG  A 1 6  ? -11.606 2.323   5.101   1.00 94.76  ? 6   DG  A "C3'" 1 
ATOM   111 O  "O3'" . DG  A 1 6  ? -12.781 1.838   5.733   1.00 96.78  ? 6   DG  A "O3'" 1 
ATOM   112 C  "C2'" . DG  A 1 6  ? -11.464 1.783   3.664   1.00 96.68  ? 6   DG  A "C2'" 1 
ATOM   113 C  "C1'" . DG  A 1 6  ? -11.779 2.997   2.800   1.00 95.28  ? 6   DG  A "C1'" 1 
ATOM   114 N  N9    . DG  A 1 6  ? -11.048 3.018   1.537   1.00 86.51  ? 6   DG  A N9    1 
ATOM   115 C  C8    . DG  A 1 6  ? -9.691  3.134   1.372   1.00 86.42  ? 6   DG  A C8    1 
ATOM   116 N  N7    . DG  A 1 6  ? -9.317  3.127   0.123   1.00 86.66  ? 6   DG  A N7    1 
ATOM   117 C  C5    . DG  A 1 6  ? -10.503 2.998   -0.587  1.00 87.21  ? 6   DG  A C5    1 
ATOM   118 C  C6    . DG  A 1 6  ? -10.725 2.934   -1.983  1.00 86.48  ? 6   DG  A C6    1 
ATOM   119 O  O6    . DG  A 1 6  ? -9.890  2.978   -2.898  1.00 83.67  ? 6   DG  A O6    1 
ATOM   120 N  N1    . DG  A 1 6  ? -12.080 2.803   -2.283  1.00 86.73  ? 6   DG  A N1    1 
ATOM   121 C  C2    . DG  A 1 6  ? -13.090 2.743   -1.351  1.00 91.79  ? 6   DG  A C2    1 
ATOM   122 N  N2    . DG  A 1 6  ? -14.336 2.615   -1.833  1.00 92.67  ? 6   DG  A N2    1 
ATOM   123 N  N3    . DG  A 1 6  ? -12.894 2.800   -0.038  1.00 90.23  ? 6   DG  A N3    1 
ATOM   124 C  C4    . DG  A 1 6  ? -11.580 2.929   0.269   1.00 88.13  ? 6   DG  A C4    1 
ATOM   125 P  P     . DA  A 1 7  ? -13.025 0.259   5.902   1.00 117.38 ? 7   DA  A P     1 
ATOM   126 O  OP1   . DA  A 1 7  ? -13.910 0.074   7.073   1.00 118.10 ? 7   DA  A OP1   1 
ATOM   127 O  OP2   . DA  A 1 7  ? -11.713 -0.425  5.859   1.00 110.31 ? 7   DA  A OP2   1 
ATOM   128 O  "O5'" . DA  A 1 7  ? -13.833 -0.139  4.583   1.00 109.79 ? 7   DA  A "O5'" 1 
ATOM   129 C  "C5'" . DA  A 1 7  ? -14.901 0.685   4.133   1.00 106.90 ? 7   DA  A "C5'" 1 
ATOM   130 C  "C4'" . DA  A 1 7  ? -15.441 0.177   2.812   1.00 105.59 ? 7   DA  A "C4'" 1 
ATOM   131 O  "O4'" . DA  A 1 7  ? -14.524 0.532   1.746   1.00 103.88 ? 7   DA  A "O4'" 1 
ATOM   132 C  "C3'" . DA  A 1 7  ? -15.628 -1.339  2.745   1.00 99.70  ? 7   DA  A "C3'" 1 
ATOM   133 O  "O3'" . DA  A 1 7  ? -16.951 -1.648  2.332   1.00 104.38 ? 7   DA  A "O3'" 1 
ATOM   134 C  "C2'" . DA  A 1 7  ? -14.584 -1.802  1.723   1.00 101.52 ? 7   DA  A "C2'" 1 
ATOM   135 C  "C1'" . DA  A 1 7  ? -14.374 -0.558  0.873   1.00 98.76  ? 7   DA  A "C1'" 1 
ATOM   136 N  N9    . DA  A 1 7  ? -13.044 -0.483  0.269   1.00 91.49  ? 7   DA  A N9    1 
ATOM   137 C  C8    . DA  A 1 7  ? -11.846 -0.418  0.925   1.00 92.15  ? 7   DA  A C8    1 
ATOM   138 N  N7    . DA  A 1 7  ? -10.807 -0.357  0.126   1.00 92.59  ? 7   DA  A N7    1 
ATOM   139 C  C5    . DA  A 1 7  ? -11.361 -0.384  -1.143  1.00 86.41  ? 7   DA  A C5    1 
ATOM   140 C  C6    . DA  A 1 7  ? -10.785 -0.348  -2.430  1.00 85.19  ? 7   DA  A C6    1 
ATOM   141 N  N6    . DA  A 1 7  ? -9.470  -0.274  -2.646  1.00 82.99  ? 7   DA  A N6    1 
ATOM   142 N  N1    . DA  A 1 7  ? -11.620 -0.390  -3.488  1.00 88.11  ? 7   DA  A N1    1 
ATOM   143 C  C2    . DA  A 1 7  ? -12.939 -0.463  -3.267  1.00 91.17  ? 7   DA  A C2    1 
ATOM   144 N  N3    . DA  A 1 7  ? -13.594 -0.504  -2.107  1.00 90.87  ? 7   DA  A N3    1 
ATOM   145 C  C4    . DA  A 1 7  ? -12.737 -0.461  -1.074  1.00 87.43  ? 7   DA  A C4    1 
ATOM   146 P  P     . DC  A 1 8  ? -17.489 -3.160  2.407   1.00 117.60 ? 8   DC  A P     1 
ATOM   147 O  OP1   . DC  A 1 8  ? -18.953 -3.104  2.618   1.00 115.63 ? 8   DC  A OP1   1 
ATOM   148 O  OP2   . DC  A 1 8  ? -16.636 -3.904  3.360   1.00 106.10 ? 8   DC  A OP2   1 
ATOM   149 O  "O5'" . DC  A 1 8  ? -17.201 -3.726  0.942   1.00 104.91 ? 8   DC  A "O5'" 1 
ATOM   150 C  "C5'" . DC  A 1 8  ? -17.497 -2.921  -0.191  1.00 96.77  ? 8   DC  A "C5'" 1 
ATOM   151 C  "C4'" . DC  A 1 8  ? -16.790 -3.448  -1.424  1.00 95.98  ? 8   DC  A "C4'" 1 
ATOM   152 O  "O4'" . DC  A 1 8  ? -15.417 -3.010  -1.428  1.00 103.84 ? 8   DC  A "O4'" 1 
ATOM   153 C  "C3'" . DC  A 1 8  ? -16.736 -4.974  -1.534  1.00 94.16  ? 8   DC  A "C3'" 1 
ATOM   154 O  "O3'" . DC  A 1 8  ? -17.630 -5.420  -2.541  1.00 99.22  ? 8   DC  A "O3'" 1 
ATOM   155 C  "C2'" . DC  A 1 8  ? -15.273 -5.284  -1.898  1.00 98.20  ? 8   DC  A "C2'" 1 
ATOM   156 C  "C1'" . DC  A 1 8  ? -14.690 -3.912  -2.213  1.00 99.51  ? 8   DC  A "C1'" 1 
ATOM   157 N  N1    . DC  A 1 8  ? -13.246 -3.805  -1.873  1.00 89.70  ? 8   DC  A N1    1 
ATOM   158 C  C2    . DC  A 1 8  ? -12.296 -3.809  -2.898  1.00 88.26  ? 8   DC  A C2    1 
ATOM   159 O  O2    . DC  A 1 8  ? -12.676 -3.882  -4.072  1.00 86.12  ? 8   DC  A O2    1 
ATOM   160 N  N3    . DC  A 1 8  ? -10.981 -3.730  -2.576  1.00 87.22  ? 8   DC  A N3    1 
ATOM   161 C  C4    . DC  A 1 8  ? -10.613 -3.655  -1.295  1.00 88.10  ? 8   DC  A C4    1 
ATOM   162 N  N4    . DC  A 1 8  ? -9.307  -3.576  -1.024  1.00 87.19  ? 8   DC  A N4    1 
ATOM   163 C  C5    . DC  A 1 8  ? -11.568 -3.656  -0.237  1.00 89.65  ? 8   DC  A C5    1 
ATOM   164 C  C6    . DC  A 1 8  ? -12.860 -3.740  -0.568  1.00 87.06  ? 8   DC  A C6    1 
ATOM   165 P  P     . DC  A 1 9  ? -17.658 -6.967  -2.975  1.00 111.82 ? 9   DC  A P     1 
ATOM   166 O  OP1   . DC  A 1 9  ? -19.003 -7.245  -3.529  1.00 109.10 ? 9   DC  A OP1   1 
ATOM   167 O  OP2   . DC  A 1 9  ? -17.152 -7.777  -1.842  1.00 92.72  ? 9   DC  A OP2   1 
ATOM   168 O  "O5'" . DC  A 1 9  ? -16.584 -7.045  -4.158  1.00 88.73  ? 9   DC  A "O5'" 1 
ATOM   169 C  "C5'" . DC  A 1 9  ? -16.542 -6.022  -5.145  1.00 80.52  ? 9   DC  A "C5'" 1 
ATOM   170 C  "C4'" . DC  A 1 9  ? -15.493 -6.328  -6.197  1.00 86.69  ? 9   DC  A "C4'" 1 
ATOM   171 O  "O4'" . DC  A 1 9  ? -14.170 -5.971  -5.701  1.00 85.43  ? 9   DC  A "O4'" 1 
ATOM   172 C  "C3'" . DC  A 1 9  ? -15.403 -7.801  -6.607  1.00 88.65  ? 9   DC  A "C3'" 1 
ATOM   173 O  "O3'" . DC  A 1 9  ? -15.227 -7.902  -8.019  1.00 90.88  ? 9   DC  A "O3'" 1 
ATOM   174 C  "C2'" . DC  A 1 9  ? -14.167 -8.280  -5.851  1.00 92.49  ? 9   DC  A "C2'" 1 
ATOM   175 C  "C1'" . DC  A 1 9  ? -13.294 -7.046  -5.950  1.00 89.93  ? 9   DC  A "C1'" 1 
ATOM   176 N  N1    . DC  A 1 9  ? -12.178 -7.020  -4.962  1.00 87.85  ? 9   DC  A N1    1 
ATOM   177 C  C2    . DC  A 1 9  ? -10.854 -7.033  -5.416  1.00 84.64  ? 9   DC  A C2    1 
ATOM   178 O  O2    . DC  A 1 9  ? -10.632 -7.054  -6.633  1.00 87.40  ? 9   DC  A O2    1 
ATOM   179 N  N3    . DC  A 1 9  ? -9.850  -7.015  -4.505  1.00 77.08  ? 9   DC  A N3    1 
ATOM   180 C  C4    . DC  A 1 9  ? -10.131 -6.993  -3.202  1.00 82.60  ? 9   DC  A C4    1 
ATOM   181 N  N4    . DC  A 1 9  ? -9.108  -6.976  -2.341  1.00 83.95  ? 9   DC  A N4    1 
ATOM   182 C  C5    . DC  A 1 9  ? -11.474 -6.988  -2.722  1.00 86.18  ? 9   DC  A C5    1 
ATOM   183 C  C6    . DC  A 1 9  ? -12.456 -7.006  -3.628  1.00 89.05  ? 9   DC  A C6    1 
ATOM   184 P  P     . DA  A 1 10 ? -14.809 -9.302  -8.690  1.00 88.19  ? 10  DA  A P     1 
ATOM   185 O  OP1   . DA  A 1 10 ? -15.047 -9.195  -10.147 1.00 87.09  ? 10  DA  A OP1   1 
ATOM   186 O  OP2   . DA  A 1 10 ? -15.464 -10.383 -7.922  1.00 88.98  ? 10  DA  A OP2   1 
ATOM   187 O  "O5'" . DA  A 1 10 ? -13.233 -9.401  -8.429  1.00 92.04  ? 10  DA  A "O5'" 1 
ATOM   188 C  "C5'" . DA  A 1 10 ? -12.332 -8.524  -9.103  1.00 90.87  ? 10  DA  A "C5'" 1 
ATOM   189 C  "C4'" . DA  A 1 10 ? -11.578 -9.266  -10.193 1.00 90.53  ? 10  DA  A "C4'" 1 
ATOM   190 O  "O4'" . DA  A 1 10 ? -10.195 -9.432  -9.814  1.00 86.37  ? 10  DA  A "O4'" 1 
ATOM   191 C  "C3'" . DA  A 1 10 ? -12.064 -10.669 -10.455 1.00 94.18  ? 10  DA  A "C3'" 1 
ATOM   192 O  "O3'" . DA  A 1 10 ? -11.706 -11.050 -11.778 1.00 104.67 ? 10  DA  A "O3'" 1 
ATOM   193 C  "C2'" . DA  A 1 10 ? -11.315 -11.484 -9.386  1.00 89.21  ? 10  DA  A "C2'" 1 
ATOM   194 C  "C1'" . DA  A 1 10 ? -10.028 -10.679 -9.163  1.00 86.49  ? 10  DA  A "C1'" 1 
ATOM   195 N  N9    . DA  A 1 10 ? -9.744  -10.399 -7.755  1.00 86.63  ? 10  DA  A N9    1 
ATOM   196 C  C8    . DA  A 1 10 ? -10.657 -10.204 -6.757  1.00 88.38  ? 10  DA  A C8    1 
ATOM   197 N  N7    . DA  A 1 10 ? -10.117 -9.946  -5.590  1.00 81.45  ? 10  DA  A N7    1 
ATOM   198 C  C5    . DA  A 1 10 ? -8.758  -9.959  -5.839  1.00 79.22  ? 10  DA  A C5    1 
ATOM   199 C  C6    . DA  A 1 10 ? -7.636  -9.753  -5.011  1.00 85.82  ? 10  DA  A C6    1 
ATOM   200 N  N6    . DA  A 1 10 ? -7.731  -9.480  -3.705  1.00 87.41  ? 10  DA  A N6    1 
ATOM   201 N  N1    . DA  A 1 10 ? -6.414  -9.837  -5.576  1.00 86.50  ? 10  DA  A N1    1 
ATOM   202 C  C2    . DA  A 1 10 ? -6.325  -10.110 -6.885  1.00 85.78  ? 10  DA  A C2    1 
ATOM   203 N  N3    . DA  A 1 10 ? -7.305  -10.323 -7.764  1.00 82.22  ? 10  DA  A N3    1 
ATOM   204 C  C4    . DA  A 1 10 ? -8.506  -10.233 -7.175  1.00 80.77  ? 10  DA  A C4    1 
ATOM   205 P  P     . DG  A 1 11 ? -11.749 -12.589 -12.230 1.00 116.21 ? 11  DG  A P     1 
ATOM   206 O  OP1   . DG  A 1 11 ? -11.615 -12.613 -13.702 1.00 101.20 ? 11  DG  A OP1   1 
ATOM   207 O  OP2   . DG  A 1 11 ? -12.899 -13.249 -11.570 1.00 101.38 ? 11  DG  A OP2   1 
ATOM   208 O  "O5'" . DG  A 1 11 ? -10.405 -13.189 -11.621 1.00 90.18  ? 11  DG  A "O5'" 1 
ATOM   209 C  "C5'" . DG  A 1 11 ? -9.155  -12.684 -12.048 1.00 95.23  ? 11  DG  A "C5'" 1 
ATOM   210 C  "C4'" . DG  A 1 11 ? -8.334  -13.806 -12.628 1.00 96.18  ? 11  DG  A "C4'" 1 
ATOM   211 O  "O4'" . DG  A 1 11 ? -7.256  -14.118 -11.730 1.00 89.19  ? 11  DG  A "O4'" 1 
ATOM   212 C  "C3'" . DG  A 1 11 ? -9.114  -15.102 -12.818 1.00 101.22 ? 11  DG  A "C3'" 1 
ATOM   213 O  "O3'" . DG  A 1 11 ? -8.753  -15.727 -14.043 1.00 105.58 ? 11  DG  A "O3'" 1 
ATOM   214 C  "C2'" . DG  A 1 11 ? -8.747  -15.966 -11.602 1.00 94.65  ? 11  DG  A "C2'" 1 
ATOM   215 C  "C1'" . DG  A 1 11 ? -7.630  -15.187 -10.897 1.00 89.51  ? 11  DG  A "C1'" 1 
ATOM   216 N  N9    . DG  A 1 11 ? -8.026  -14.667 -9.590  1.00 86.75  ? 11  DG  A N9    1 
ATOM   217 C  C8    . DG  A 1 11 ? -9.304  -14.548 -9.099  1.00 89.55  ? 11  DG  A C8    1 
ATOM   218 N  N7    . DG  A 1 11 ? -9.354  -14.060 -7.892  1.00 82.53  ? 11  DG  A N7    1 
ATOM   219 C  C5    . DG  A 1 11 ? -8.024  -13.847 -7.555  1.00 78.39  ? 11  DG  A C5    1 
ATOM   220 C  C6    . DG  A 1 11 ? -7.459  -13.332 -6.368  1.00 80.43  ? 11  DG  A C6    1 
ATOM   221 O  O6    . DG  A 1 11 ? -8.042  -12.948 -5.342  1.00 86.18  ? 11  DG  A O6    1 
ATOM   222 N  N1    . DG  A 1 11 ? -6.068  -13.281 -6.437  1.00 73.22  ? 11  DG  A N1    1 
ATOM   223 C  C2    . DG  A 1 11 ? -5.322  -13.677 -7.523  1.00 77.22  ? 11  DG  A C2    1 
ATOM   224 N  N2    . DG  A 1 11 ? -3.992  -13.552 -7.406  1.00 75.71  ? 11  DG  A N2    1 
ATOM   225 N  N3    . DG  A 1 11 ? -5.840  -14.163 -8.643  1.00 78.07  ? 11  DG  A N3    1 
ATOM   226 C  C4    . DG  A 1 11 ? -7.192  -14.220 -8.588  1.00 79.61  ? 11  DG  A C4    1 
ATOM   227 P  P     . DA  B 2 1  ? 14.000  -19.757 -1.740  1.00 113.25 ? 12  DA  B P     1 
ATOM   228 O  OP1   . DA  B 2 1  ? 12.992  -20.062 -0.698  1.00 106.06 ? 12  DA  B OP1   1 
ATOM   229 O  OP2   . DA  B 2 1  ? 14.317  -20.744 -2.797  1.00 95.79  ? 12  DA  B OP2   1 
ATOM   230 O  "O5'" . DA  B 2 1  ? 15.382  -19.369 -1.045  1.00 112.98 ? 12  DA  B "O5'" 1 
ATOM   231 C  "C5'" . DA  B 2 1  ? 16.584  -19.402 -1.802  1.00 107.39 ? 12  DA  B "C5'" 1 
ATOM   232 C  "C4'" . DA  B 2 1  ? 17.020  -18.000 -2.187  1.00 98.64  ? 12  DA  B "C4'" 1 
ATOM   233 O  "O4'" . DA  B 2 1  ? 16.143  -17.469 -3.215  1.00 86.34  ? 12  DA  B "O4'" 1 
ATOM   234 C  "C3'" . DA  B 2 1  ? 16.995  -16.972 -1.042  1.00 96.45  ? 12  DA  B "C3'" 1 
ATOM   235 O  "O3'" . DA  B 2 1  ? 18.285  -16.393 -0.867  1.00 98.01  ? 12  DA  B "O3'" 1 
ATOM   236 C  "C2'" . DA  B 2 1  ? 15.976  -15.930 -1.510  1.00 94.24  ? 12  DA  B "C2'" 1 
ATOM   237 C  "C1'" . DA  B 2 1  ? 16.065  -16.085 -3.015  1.00 84.88  ? 12  DA  B "C1'" 1 
ATOM   238 N  N9    . DA  B 2 1  ? 14.912  -15.543 -3.726  1.00 77.58  ? 12  DA  B N9    1 
ATOM   239 C  C8    . DA  B 2 1  ? 13.595  -15.850 -3.526  1.00 82.63  ? 12  DA  B C8    1 
ATOM   240 N  N7    . DA  B 2 1  ? 12.773  -15.185 -4.304  1.00 81.31  ? 12  DA  B N7    1 
ATOM   241 C  C5    . DA  B 2 1  ? 13.610  -14.379 -5.060  1.00 73.67  ? 12  DA  B C5    1 
ATOM   242 C  C6    . DA  B 2 1  ? 13.358  -13.433 -6.072  1.00 73.64  ? 12  DA  B C6    1 
ATOM   243 N  N6    . DA  B 2 1  ? 12.133  -13.134 -6.510  1.00 80.03  ? 12  DA  B N6    1 
ATOM   244 N  N1    . DA  B 2 1  ? 14.419  -12.804 -6.620  1.00 72.02  ? 12  DA  B N1    1 
ATOM   245 C  C2    . DA  B 2 1  ? 15.646  -13.107 -6.178  1.00 77.90  ? 12  DA  B C2    1 
ATOM   246 N  N3    . DA  B 2 1  ? 16.005  -13.977 -5.234  1.00 77.43  ? 12  DA  B N3    1 
ATOM   247 C  C4    . DA  B 2 1  ? 14.930  -14.584 -4.710  1.00 74.03  ? 12  DA  B C4    1 
ATOM   248 P  P     . DC  B 2 2  ? 18.690  -15.756 0.552   1.00 119.13 ? 13  DC  B P     1 
ATOM   249 O  OP1   . DC  B 2 2  ? 20.089  -15.282 0.468   1.00 110.09 ? 13  DC  B OP1   1 
ATOM   250 O  OP2   . DC  B 2 2  ? 18.305  -16.738 1.590   1.00 107.58 ? 13  DC  B OP2   1 
ATOM   251 O  "O5'" . DC  B 2 2  ? 17.709  -14.500 0.701   1.00 104.15 ? 13  DC  B "O5'" 1 
ATOM   252 C  "C5'" . DC  B 2 2  ? 18.235  -13.174 0.737   1.00 98.95  ? 13  DC  B "C5'" 1 
ATOM   253 C  "C4'" . DC  B 2 2  ? 18.299  -12.569 -0.656  1.00 86.05  ? 13  DC  B "C4'" 1 
ATOM   254 O  "O4'" . DC  B 2 2  ? 17.174  -13.019 -1.434  1.00 73.86  ? 13  DC  B "O4'" 1 
ATOM   255 C  "C3'" . DC  B 2 2  ? 18.201  -11.057 -0.691  1.00 86.67  ? 13  DC  B "C3'" 1 
ATOM   256 O  "O3'" . DC  B 2 2  ? 19.487  -10.488 -0.521  1.00 79.40  ? 13  DC  B "O3'" 1 
ATOM   257 C  "C2'" . DC  B 2 2  ? 17.645  -10.779 -2.092  1.00 84.53  ? 13  DC  B "C2'" 1 
ATOM   258 C  "C1'" . DC  B 2 2  ? 16.921  -12.086 -2.466  1.00 80.81  ? 13  DC  B "C1'" 1 
ATOM   259 N  N1    . DC  B 2 2  ? 15.421  -11.949 -2.639  1.00 76.77  ? 13  DC  B N1    1 
ATOM   260 C  C2    . DC  B 2 2  ? 14.893  -11.074 -3.607  1.00 76.35  ? 13  DC  B C2    1 
ATOM   261 O  O2    . DC  B 2 2  ? 15.660  -10.407 -4.313  1.00 76.96  ? 13  DC  B O2    1 
ATOM   262 N  N3    . DC  B 2 2  ? 13.546  -10.982 -3.744  1.00 73.61  ? 13  DC  B N3    1 
ATOM   263 C  C4    . DC  B 2 2  ? 12.742  -11.714 -2.973  1.00 74.85  ? 13  DC  B C4    1 
ATOM   264 N  N4    . DC  B 2 2  ? 11.421  -11.584 -3.146  1.00 77.71  ? 13  DC  B N4    1 
ATOM   265 C  C5    . DC  B 2 2  ? 13.255  -12.612 -1.991  1.00 77.55  ? 13  DC  B C5    1 
ATOM   266 C  C6    . DC  B 2 2  ? 14.586  -12.700 -1.863  1.00 76.94  ? 13  DC  B C6    1 
ATOM   267 P  P     . DT  B 2 3  ? 19.660  -9.120  0.301   1.00 97.80  ? 14  DT  B P     1 
ATOM   268 O  OP1   . DT  B 2 3  ? 20.474  -9.421  1.499   1.00 104.08 ? 14  DT  B OP1   1 
ATOM   269 O  OP2   . DT  B 2 3  ? 18.324  -8.501  0.447   1.00 90.08  ? 14  DT  B OP2   1 
ATOM   270 O  "O5'" . DT  B 2 3  ? 20.515  -8.200  -0.683  1.00 95.69  ? 14  DT  B "O5'" 1 
ATOM   271 C  "C5'" . DT  B 2 3  ? 20.281  -8.258  -2.081  1.00 92.50  ? 14  DT  B "C5'" 1 
ATOM   272 C  "C4'" . DT  B 2 3  ? 19.410  -7.100  -2.527  1.00 92.93  ? 14  DT  B "C4'" 1 
ATOM   273 O  "O4'" . DT  B 2 3  ? 18.059  -7.554  -2.753  1.00 94.76  ? 14  DT  B "O4'" 1 
ATOM   274 C  "C3'" . DT  B 2 3  ? 19.306  -5.941  -1.528  1.00 92.32  ? 14  DT  B "C3'" 1 
ATOM   275 O  "O3'" . DT  B 2 3  ? 19.978  -4.772  -2.071  1.00 96.19  ? 14  DT  B "O3'" 1 
ATOM   276 C  "C2'" . DT  B 2 3  ? 17.789  -5.752  -1.319  1.00 91.59  ? 14  DT  B "C2'" 1 
ATOM   277 C  "C1'" . DT  B 2 3  ? 17.200  -6.472  -2.524  1.00 91.96  ? 14  DT  B "C1'" 1 
ATOM   278 N  N1    . DT  B 2 3  ? 15.815  -6.995  -2.314  1.00 82.30  ? 14  DT  B N1    1 
ATOM   279 C  C2    . DT  B 2 3  ? 14.774  -6.443  -3.026  1.00 78.40  ? 14  DT  B C2    1 
ATOM   280 O  O2    . DT  B 2 3  ? 14.917  -5.528  -3.817  1.00 86.91  ? 14  DT  B O2    1 
ATOM   281 N  N3    . DT  B 2 3  ? 13.548  -6.997  -2.769  1.00 66.96  ? 14  DT  B N3    1 
ATOM   282 C  C4    . DT  B 2 3  ? 13.267  -8.032  -1.897  1.00 78.39  ? 14  DT  B C4    1 
ATOM   283 O  O4    . DT  B 2 3  ? 12.129  -8.463  -1.733  1.00 77.36  ? 14  DT  B O4    1 
ATOM   284 C  C5    . DT  B 2 3  ? 14.403  -8.568  -1.187  1.00 79.03  ? 14  DT  B C5    1 
ATOM   285 C  C7    . DT  B 2 3  ? 14.218  -9.691  -0.210  1.00 80.65  ? 14  DT  B C7    1 
ATOM   286 C  C6    . DT  B 2 3  ? 15.608  -8.031  -1.428  1.00 77.82  ? 14  DT  B C6    1 
ATOM   287 P  P     . DC  B 2 4  ? 19.297  -3.312  -2.121  1.00 113.34 ? 15  DC  B P     1 
ATOM   288 O  OP1   . DC  B 2 4  ? 20.295  -2.429  -2.762  1.00 94.93  ? 15  DC  B OP1   1 
ATOM   289 O  OP2   . DC  B 2 4  ? 18.786  -2.951  -0.779  1.00 105.60 ? 15  DC  B OP2   1 
ATOM   290 O  "O5'" . DC  B 2 4  ? 18.072  -3.477  -3.140  1.00 102.40 ? 15  DC  B "O5'" 1 
ATOM   291 C  "C5'" . DC  B 2 4  ? 17.897  -2.560  -4.202  1.00 102.06 ? 15  DC  B "C5'" 1 
ATOM   292 C  "C4'" . DC  B 2 4  ? 16.695  -1.666  -3.954  1.00 100.20 ? 15  DC  B "C4'" 1 
ATOM   293 O  "O4'" . DC  B 2 4  ? 15.533  -2.472  -3.620  1.00 97.18  ? 15  DC  B "O4'" 1 
ATOM   294 C  "C3'" . DC  B 2 4  ? 16.858  -0.658  -2.817  1.00 100.23 ? 15  DC  B "C3'" 1 
ATOM   295 O  "O3'" . DC  B 2 4  ? 16.402  0.608   -3.258  1.00 100.87 ? 15  DC  B "O3'" 1 
ATOM   296 C  "C2'" . DC  B 2 4  ? 15.972  -1.227  -1.704  1.00 95.15  ? 15  DC  B "C2'" 1 
ATOM   297 C  "C1'" . DC  B 2 4  ? 14.878  -1.910  -2.502  1.00 92.01  ? 15  DC  B "C1'" 1 
ATOM   298 N  N1    . DC  B 2 4  ? 14.188  -3.012  -1.760  1.00 81.91  ? 15  DC  B N1    1 
ATOM   299 C  C2    . DC  B 2 4  ? 12.814  -3.216  -1.936  1.00 74.29  ? 15  DC  B C2    1 
ATOM   300 O  O2    . DC  B 2 4  ? 12.186  -2.472  -2.700  1.00 70.99  ? 15  DC  B O2    1 
ATOM   301 N  N3    . DC  B 2 4  ? 12.207  -4.226  -1.262  1.00 71.90  ? 15  DC  B N3    1 
ATOM   302 C  C4    . DC  B 2 4  ? 12.920  -5.008  -0.447  1.00 74.23  ? 15  DC  B C4    1 
ATOM   303 N  N4    . DC  B 2 4  ? 12.278  -5.989  0.196   1.00 77.23  ? 15  DC  B N4    1 
ATOM   304 C  C5    . DC  B 2 4  ? 14.319  -4.816  -0.255  1.00 78.76  ? 15  DC  B C5    1 
ATOM   305 C  C6    . DC  B 2 4  ? 14.906  -3.817  -0.925  1.00 83.46  ? 15  DC  B C6    1 
ATOM   306 P  P     . DC  B 2 5  ? 16.645  1.928   -2.377  1.00 107.17 ? 16  DC  B P     1 
ATOM   307 O  OP1   . DC  B 2 5  ? 17.445  2.864   -3.202  1.00 110.90 ? 16  DC  B OP1   1 
ATOM   308 O  OP2   . DC  B 2 5  ? 17.139  1.534   -1.040  1.00 104.10 ? 16  DC  B OP2   1 
ATOM   309 O  "O5'" . DC  B 2 5  ? 15.172  2.523   -2.218  1.00 91.52  ? 16  DC  B "O5'" 1 
ATOM   310 C  "C5'" . DC  B 2 5  ? 14.332  2.602   -3.363  1.00 92.51  ? 16  DC  B "C5'" 1 
ATOM   311 C  "C4'" . DC  B 2 5  ? 12.919  3.021   -2.992  1.00 94.50  ? 16  DC  B "C4'" 1 
ATOM   312 O  "O4'" . DC  B 2 5  ? 12.186  1.886   -2.463  1.00 95.02  ? 16  DC  B "O4'" 1 
ATOM   313 C  "C3'" . DC  B 2 5  ? 12.817  4.130   -1.952  1.00 93.78  ? 16  DC  B "C3'" 1 
ATOM   314 O  "O3'" . DC  B 2 5  ? 11.825  5.068   -2.363  1.00 94.23  ? 16  DC  B "O3'" 1 
ATOM   315 C  "C2'" . DC  B 2 5  ? 12.430  3.389   -0.668  1.00 82.86  ? 16  DC  B "C2'" 1 
ATOM   316 C  "C1'" . DC  B 2 5  ? 11.654  2.189   -1.190  1.00 86.10  ? 16  DC  B "C1'" 1 
ATOM   317 N  N1    . DC  B 2 5  ? 11.812  0.980   -0.338  1.00 77.73  ? 16  DC  B N1    1 
ATOM   318 C  C2    . DC  B 2 5  ? 10.720  0.133   -0.113  1.00 74.00  ? 16  DC  B C2    1 
ATOM   319 O  O2    . DC  B 2 5  ? 9.625   0.410   -0.617  1.00 74.73  ? 16  DC  B O2    1 
ATOM   320 N  N3    . DC  B 2 5  ? 10.897  -0.970  0.659   1.00 69.84  ? 16  DC  B N3    1 
ATOM   321 C  C4    . DC  B 2 5  ? 12.094  -1.233  1.184   1.00 72.00  ? 16  DC  B C4    1 
ATOM   322 N  N4    . DC  B 2 5  ? 12.221  -2.331  1.938   1.00 74.38  ? 16  DC  B N4    1 
ATOM   323 C  C5    . DC  B 2 5  ? 13.216  -0.384  0.960   1.00 73.20  ? 16  DC  B C5    1 
ATOM   324 C  C6    . DC  B 2 5  ? 13.032  0.698   0.200   1.00 77.76  ? 16  DC  B C6    1 
ATOM   325 P  P     . DA  B 2 6  ? 11.145  6.082   -1.318  1.00 107.89 ? 17  DA  B P     1 
ATOM   326 O  OP1   . DA  B 2 6  ? 10.681  7.239   -2.114  1.00 105.37 ? 17  DA  B OP1   1 
ATOM   327 O  OP2   . DA  B 2 6  ? 12.051  6.315   -0.167  1.00 101.36 ? 17  DA  B OP2   1 
ATOM   328 O  "O5'" . DA  B 2 6  ? 9.848   5.289   -0.829  1.00 90.99  ? 17  DA  B "O5'" 1 
ATOM   329 C  "C5'" . DA  B 2 6  ? 9.020   4.646   -1.792  1.00 93.10  ? 17  DA  B "C5'" 1 
ATOM   330 C  "C4'" . DA  B 2 6  ? 7.559   4.627   -1.362  1.00 96.05  ? 17  DA  B "C4'" 1 
ATOM   331 O  "O4'" . DA  B 2 6  ? 7.307   3.495   -0.504  1.00 95.36  ? 17  DA  B "O4'" 1 
ATOM   332 C  "C3'" . DA  B 2 6  ? 7.080   5.836   -0.582  1.00 92.51  ? 17  DA  B "C3'" 1 
ATOM   333 O  "O3'" . DA  B 2 6  ? 5.697   6.039   -0.834  1.00 97.49  ? 17  DA  B "O3'" 1 
ATOM   334 C  "C2'" . DA  B 2 6  ? 7.339   5.439   0.876   1.00 88.35  ? 17  DA  B "C2'" 1 
ATOM   335 C  "C1'" . DA  B 2 6  ? 7.278   3.907   0.848   1.00 84.69  ? 17  DA  B "C1'" 1 
ATOM   336 N  N9    . DA  B 2 6  ? 8.398   3.267   1.532   1.00 77.24  ? 17  DA  B N9    1 
ATOM   337 C  C8    . DA  B 2 6  ? 9.680   3.735   1.628   1.00 78.32  ? 17  DA  B C8    1 
ATOM   338 N  N7    . DA  B 2 6  ? 10.485  2.941   2.294   1.00 78.06  ? 17  DA  B N7    1 
ATOM   339 C  C5    . DA  B 2 6  ? 9.676   1.878   2.656   1.00 70.79  ? 17  DA  B C5    1 
ATOM   340 C  C6    . DA  B 2 6  ? 9.931   0.698   3.382   1.00 70.36  ? 17  DA  B C6    1 
ATOM   341 N  N6    . DA  B 2 6  ? 11.130  0.393   3.888   1.00 70.90  ? 17  DA  B N6    1 
ATOM   342 N  N1    . DA  B 2 6  ? 8.903   -0.158  3.568   1.00 70.38  ? 17  DA  B N1    1 
ATOM   343 C  C2    . DA  B 2 6  ? 7.704   0.155   3.058   1.00 72.36  ? 17  DA  B C2    1 
ATOM   344 N  N3    . DA  B 2 6  ? 7.344   1.232   2.359   1.00 71.35  ? 17  DA  B N3    1 
ATOM   345 C  C4    . DA  B 2 6  ? 8.387   2.062   2.193   1.00 75.05  ? 17  DA  B C4    1 
ATOM   346 P  P     . DC  B 2 7  ? 4.875   7.168   -0.040  1.00 108.37 ? 18  DC  B P     1 
ATOM   347 O  OP1   . DC  B 2 7  ? 3.736   7.546   -0.907  1.00 96.94  ? 18  DC  B OP1   1 
ATOM   348 O  OP2   . DC  B 2 7  ? 5.826   8.208   0.411   1.00 115.52 ? 18  DC  B OP2   1 
ATOM   349 O  "O5'" . DC  B 2 7  ? 4.321   6.399   1.251   1.00 93.78  ? 18  DC  B "O5'" 1 
ATOM   350 C  "C5'" . DC  B 2 7  ? 3.603   5.182   1.089   1.00 95.27  ? 18  DC  B "C5'" 1 
ATOM   351 C  "C4'" . DC  B 2 7  ? 3.404   4.472   2.421   1.00 93.64  ? 18  DC  B "C4'" 1 
ATOM   352 O  "O4'" . DC  B 2 7  ? 4.630   3.825   2.832   1.00 88.16  ? 18  DC  B "O4'" 1 
ATOM   353 C  "C3'" . DC  B 2 7  ? 2.981   5.368   3.594   1.00 86.59  ? 18  DC  B "C3'" 1 
ATOM   354 O  "O3'" . DC  B 2 7  ? 1.682   4.975   4.055   1.00 87.41  ? 18  DC  B "O3'" 1 
ATOM   355 C  "C2'" . DC  B 2 7  ? 4.067   5.132   4.655   1.00 90.56  ? 18  DC  B "C2'" 1 
ATOM   356 C  "C1'" . DC  B 2 7  ? 4.662   3.802   4.233   1.00 82.77  ? 18  DC  B "C1'" 1 
ATOM   357 N  N1    . DC  B 2 7  ? 6.075   3.610   4.674   1.00 76.15  ? 18  DC  B N1    1 
ATOM   358 C  C2    . DC  B 2 7  ? 6.430   2.455   5.383   1.00 79.68  ? 18  DC  B C2    1 
ATOM   359 O  O2    . DC  B 2 7  ? 5.561   1.612   5.637   1.00 79.64  ? 18  DC  B O2    1 
ATOM   360 N  N3    . DC  B 2 7  ? 7.721   2.293   5.772   1.00 78.07  ? 18  DC  B N3    1 
ATOM   361 C  C4    . DC  B 2 7  ? 8.628   3.226   5.477   1.00 78.54  ? 18  DC  B C4    1 
ATOM   362 N  N4    . DC  B 2 7  ? 9.888   3.022   5.880   1.00 73.58  ? 18  DC  B N4    1 
ATOM   363 C  C5    . DC  B 2 7  ? 8.283   4.409   4.757   1.00 79.46  ? 18  DC  B C5    1 
ATOM   364 C  C6    . DC  B 2 7  ? 7.008   4.558   4.381   1.00 77.60  ? 18  DC  B C6    1 
ATOM   365 P  P     . DT  B 2 8  ? 1.164   5.356   5.532   1.00 106.77 ? 19  DT  B P     1 
ATOM   366 O  OP1   . DT  B 2 8  ? -0.314  5.290   5.481   1.00 103.21 ? 19  DT  B OP1   1 
ATOM   367 O  OP2   . DT  B 2 8  ? 1.810   6.612   5.982   1.00 108.61 ? 19  DT  B OP2   1 
ATOM   368 O  "O5'" . DT  B 2 8  ? 1.666   4.138   6.441   1.00 93.19  ? 19  DT  B "O5'" 1 
ATOM   369 C  "C5'" . DT  B 2 8  ? 1.253   2.812   6.121   1.00 91.49  ? 19  DT  B "C5'" 1 
ATOM   370 C  "C4'" . DT  B 2 8  ? 1.361   1.880   7.322   1.00 98.87  ? 19  DT  B "C4'" 1 
ATOM   371 O  "O4'" . DT  B 2 8  ? 2.755   1.624   7.636   1.00 102.71 ? 19  DT  B "O4'" 1 
ATOM   372 C  "C3'" . DT  B 2 8  ? 0.730   2.384   8.612   1.00 102.90 ? 19  DT  B "C3'" 1 
ATOM   373 O  "O3'" . DT  B 2 8  ? 0.195   1.281   9.329   1.00 104.00 ? 19  DT  B "O3'" 1 
ATOM   374 C  "C2'" . DT  B 2 8  ? 1.918   3.011   9.346   1.00 102.31 ? 19  DT  B "C2'" 1 
ATOM   375 C  "C1'" . DT  B 2 8  ? 3.055   2.079   8.944   1.00 99.71  ? 19  DT  B "C1'" 1 
ATOM   376 N  N1    . DT  B 2 8  ? 4.393   2.736   8.886   1.00 93.04  ? 19  DT  B N1    1 
ATOM   377 C  C2    . DT  B 2 8  ? 5.490   2.071   9.382   1.00 94.96  ? 19  DT  B C2    1 
ATOM   378 O  O2    . DT  B 2 8  ? 5.427   0.970   9.902   1.00 93.30  ? 19  DT  B O2    1 
ATOM   379 N  N3    . DT  B 2 8  ? 6.675   2.748   9.254   1.00 87.87  ? 19  DT  B N3    1 
ATOM   380 C  C4    . DT  B 2 8  ? 6.869   3.993   8.685   1.00 84.79  ? 19  DT  B C4    1 
ATOM   381 O  O4    . DT  B 2 8  ? 7.974   4.519   8.618   1.00 87.20  ? 19  DT  B O4    1 
ATOM   382 C  C5    . DT  B 2 8  ? 5.680   4.632   8.178   1.00 84.37  ? 19  DT  B C5    1 
ATOM   383 C  C7    . DT  B 2 8  ? 5.770   5.989   7.543   1.00 79.42  ? 19  DT  B C7    1 
ATOM   384 C  C6    . DT  B 2 8  ? 4.513   3.979   8.296   1.00 86.22  ? 19  DT  B C6    1 
ATOM   385 P  P     . DC  B 2 9  ? -0.671  1.512   10.662  1.00 108.03 ? 20  DC  B P     1 
ATOM   386 O  OP1   . DC  B 2 9  ? -1.723  0.470   10.692  1.00 98.18  ? 20  DC  B OP1   1 
ATOM   387 O  OP2   . DC  B 2 9  ? -1.050  2.942   10.712  1.00 112.98 ? 20  DC  B OP2   1 
ATOM   388 O  "O5'" . DC  B 2 9  ? 0.369   1.228   11.845  1.00 107.61 ? 20  DC  B "O5'" 1 
ATOM   389 C  "C5'" . DC  B 2 9  ? 0.982   -0.056  11.960  1.00 105.71 ? 20  DC  B "C5'" 1 
ATOM   390 C  "C4'" . DC  B 2 9  ? 1.857   -0.138  13.203  1.00 112.12 ? 20  DC  B "C4'" 1 
ATOM   391 O  "O4'" . DC  B 2 9  ? 3.116   0.548   12.967  1.00 116.16 ? 20  DC  B "O4'" 1 
ATOM   392 C  "C3'" . DC  B 2 9  ? 1.262   0.491   14.462  1.00 112.78 ? 20  DC  B "C3'" 1 
ATOM   393 O  "O3'" . DC  B 2 9  ? 1.594   -0.298  15.597  1.00 115.77 ? 20  DC  B "O3'" 1 
ATOM   394 C  "C2'" . DC  B 2 9  ? 1.943   1.855   14.514  1.00 110.95 ? 20  DC  B "C2'" 1 
ATOM   395 C  "C1'" . DC  B 2 9  ? 3.322   1.524   13.966  1.00 106.81 ? 20  DC  B "C1'" 1 
ATOM   396 N  N1    . DC  B 2 9  ? 4.002   2.690   13.345  1.00 99.63  ? 20  DC  B N1    1 
ATOM   397 C  C2    . DC  B 2 9  ? 5.400   2.756   13.340  1.00 95.85  ? 20  DC  B C2    1 
ATOM   398 O  O2    . DC  B 2 9  ? 6.051   1.838   13.856  1.00 93.00  ? 20  DC  B O2    1 
ATOM   399 N  N3    . DC  B 2 9  ? 6.002   3.828   12.766  1.00 94.49  ? 20  DC  B N3    1 
ATOM   400 C  C4    . DC  B 2 9  ? 5.263   4.797   12.220  1.00 95.98  ? 20  DC  B C4    1 
ATOM   401 N  N4    . DC  B 2 9  ? 5.902   5.834   11.667  1.00 97.39  ? 20  DC  B N4    1 
ATOM   402 C  C5    . DC  B 2 9  ? 3.838   4.748   12.217  1.00 95.24  ? 20  DC  B C5    1 
ATOM   403 C  C6    . DC  B 2 9  ? 3.257   3.686   12.785  1.00 98.67  ? 20  DC  B C6    1 
ATOM   404 P  P     . DA  B 2 10 ? 0.815   -0.094  16.988  1.00 125.19 ? 21  DA  B P     1 
ATOM   405 O  OP1   . DA  B 2 10 ? 0.037   -1.327  17.239  1.00 123.46 ? 21  DA  B OP1   1 
ATOM   406 O  OP2   . DA  B 2 10 ? 0.119   1.212   16.943  1.00 113.33 ? 21  DA  B OP2   1 
ATOM   407 O  "O5'" . DA  B 2 10 ? 1.989   -0.001  18.074  1.00 122.45 ? 21  DA  B "O5'" 1 
ATOM   408 C  "C5'" . DA  B 2 10 ? 2.754   -1.162  18.393  1.00 119.36 ? 21  DA  B "C5'" 1 
ATOM   409 C  "C4'" . DA  B 2 10 ? 4.213   -0.807  18.624  1.00 116.13 ? 21  DA  B "C4'" 1 
ATOM   410 O  "O4'" . DA  B 2 10 ? 4.618   0.224   17.685  1.00 112.12 ? 21  DA  B "O4'" 1 
ATOM   411 C  "C3'" . DA  B 2 10 ? 4.538   -0.261  20.014  1.00 111.21 ? 21  DA  B "C3'" 1 
ATOM   412 O  "O3'" . DA  B 2 10 ? 5.804   -0.755  20.444  1.00 118.85 ? 21  DA  B "O3'" 1 
ATOM   413 C  "C2'" . DA  B 2 10 ? 4.571   1.247   19.788  1.00 101.03 ? 21  DA  B "C2'" 1 
ATOM   414 C  "C1'" . DA  B 2 10 ? 5.149   1.328   18.386  1.00 96.36  ? 21  DA  B "C1'" 1 
ATOM   415 N  N9    . DA  B 2 10 ? 4.776   2.545   17.679  1.00 96.24  ? 21  DA  B N9    1 
ATOM   416 C  C8    . DA  B 2 10 ? 3.510   2.995   17.426  1.00 95.44  ? 21  DA  B C8    1 
ATOM   417 N  N7    . DA  B 2 10 ? 3.474   4.128   16.767  1.00 96.08  ? 21  DA  B N7    1 
ATOM   418 C  C5    . DA  B 2 10 ? 4.810   4.444   16.574  1.00 95.39  ? 21  DA  B C5    1 
ATOM   419 C  C6    . DA  B 2 10 ? 5.449   5.528   15.938  1.00 95.26  ? 21  DA  B C6    1 
ATOM   420 N  N6    . DA  B 2 10 ? 4.786   6.535   15.358  1.00 94.31  ? 21  DA  B N6    1 
ATOM   421 N  N1    . DA  B 2 10 ? 6.798   5.538   15.925  1.00 94.60  ? 21  DA  B N1    1 
ATOM   422 C  C2    . DA  B 2 10 ? 7.457   4.528   16.508  1.00 92.81  ? 21  DA  B C2    1 
ATOM   423 N  N3    . DA  B 2 10 ? 6.968   3.458   17.134  1.00 92.71  ? 21  DA  B N3    1 
ATOM   424 C  C4    . DA  B 2 10 ? 5.626   3.478   17.132  1.00 94.94  ? 21  DA  B C4    1 
ATOM   425 P  P     . DC  C 3 1  ? 0.537   -12.627 2.523   1.00 107.73 ? 1   DC  C P     1 
ATOM   426 O  OP1   . DC  C 3 1  ? -0.628  -12.067 3.241   1.00 92.13  ? 1   DC  C OP1   1 
ATOM   427 O  OP2   . DC  C 3 1  ? 1.195   -13.854 3.023   1.00 95.89  ? 1   DC  C OP2   1 
ATOM   428 O  "O5'" . DC  C 3 1  ? 0.137   -12.901 0.999   1.00 81.36  ? 1   DC  C "O5'" 1 
ATOM   429 C  "C5'" . DC  C 3 1  ? 0.762   -13.966 0.291   1.00 78.73  ? 1   DC  C "C5'" 1 
ATOM   430 C  "C4'" . DC  C 3 1  ? 0.840   -13.665 -1.193  1.00 83.15  ? 1   DC  C "C4'" 1 
ATOM   431 O  "O4'" . DC  C 3 1  ? -0.452  -13.894 -1.816  1.00 81.10  ? 1   DC  C "O4'" 1 
ATOM   432 C  "C3'" . DC  C 3 1  ? 1.226   -12.229 -1.543  1.00 79.57  ? 1   DC  C "C3'" 1 
ATOM   433 O  "O3'" . DC  C 3 1  ? 2.120   -12.239 -2.637  1.00 74.14  ? 1   DC  C "O3'" 1 
ATOM   434 C  "C2'" . DC  C 3 1  ? -0.113  -11.599 -1.924  1.00 81.54  ? 1   DC  C "C2'" 1 
ATOM   435 C  "C1'" . DC  C 3 1  ? -0.790  -12.771 -2.601  1.00 75.47  ? 1   DC  C "C1'" 1 
ATOM   436 N  N1    . DC  C 3 1  ? -2.273  -12.676 -2.659  1.00 67.02  ? 1   DC  C N1    1 
ATOM   437 C  C2    . DC  C 3 1  ? -2.925  -12.831 -3.886  1.00 70.83  ? 1   DC  C C2    1 
ATOM   438 O  O2    . DC  C 3 1  ? -2.252  -13.021 -4.906  1.00 69.81  ? 1   DC  C O2    1 
ATOM   439 N  N3    . DC  C 3 1  ? -4.279  -12.762 -3.923  1.00 72.31  ? 1   DC  C N3    1 
ATOM   440 C  C4    . DC  C 3 1  ? -4.966  -12.556 -2.797  1.00 75.03  ? 1   DC  C C4    1 
ATOM   441 N  N4    . DC  C 3 1  ? -6.299  -12.494 -2.881  1.00 74.77  ? 1   DC  C N4    1 
ATOM   442 C  C5    . DC  C 3 1  ? -4.318  -12.402 -1.537  1.00 70.36  ? 1   DC  C C5    1 
ATOM   443 C  C6    . DC  C 3 1  ? -2.984  -12.469 -1.516  1.00 70.59  ? 1   DC  C C6    1 
ATOM   444 P  P     . DT  C 3 2  ? 3.393   -11.266 -2.645  1.00 74.24  ? 2   DT  C P     1 
ATOM   445 O  OP1   . DT  C 3 2  ? 4.594   -12.082 -2.935  1.00 80.94  ? 2   DT  C OP1   1 
ATOM   446 O  OP2   . DT  C 3 2  ? 3.329   -10.477 -1.397  1.00 73.59  ? 2   DT  C OP2   1 
ATOM   447 O  "O5'" . DT  C 3 2  ? 3.107   -10.285 -3.874  1.00 71.63  ? 2   DT  C "O5'" 1 
ATOM   448 C  "C5'" . DT  C 3 2  ? 2.733   -10.822 -5.138  1.00 71.14  ? 2   DT  C "C5'" 1 
ATOM   449 C  "C4'" . DT  C 3 2  ? 1.813   -9.870  -5.878  1.00 73.24  ? 2   DT  C "C4'" 1 
ATOM   450 O  "O4'" . DT  C 3 2  ? 0.443   -10.206 -5.605  1.00 76.29  ? 2   DT  C "O4'" 1 
ATOM   451 C  "C3'" . DT  C 3 2  ? 1.919   -8.414  -5.460  1.00 72.11  ? 2   DT  C "C3'" 1 
ATOM   452 O  "O3'" . DT  C 3 2  ? 2.966   -7.728  -6.193  1.00 80.44  ? 2   DT  C "O3'" 1 
ATOM   453 C  "C2'" . DT  C 3 2  ? 0.524   -7.849  -5.778  1.00 69.32  ? 2   DT  C "C2'" 1 
ATOM   454 C  "C1'" . DT  C 3 2  ? -0.347  -9.101  -5.970  1.00 71.62  ? 2   DT  C "C1'" 1 
ATOM   455 N  N1    . DT  C 3 2  ? -1.595  -9.088  -5.149  1.00 63.37  ? 2   DT  C N1    1 
ATOM   456 C  C2    . DT  C 3 2  ? -2.810  -9.268  -5.771  1.00 67.10  ? 2   DT  C C2    1 
ATOM   457 O  O2    . DT  C 3 2  ? -2.924  -9.456  -6.970  1.00 78.37  ? 2   DT  C O2    1 
ATOM   458 N  N3    . DT  C 3 2  ? -3.893  -9.230  -4.936  1.00 57.40  ? 2   DT  C N3    1 
ATOM   459 C  C4    . DT  C 3 2  ? -3.885  -9.026  -3.569  1.00 64.44  ? 2   DT  C C4    1 
ATOM   460 O  O4    . DT  C 3 2  ? -4.914  -9.008  -2.904  1.00 63.47  ? 2   DT  C O4    1 
ATOM   461 C  C5    . DT  C 3 2  ? -2.581  -8.835  -2.979  1.00 65.77  ? 2   DT  C C5    1 
ATOM   462 C  C7    . DT  C 3 2  ? -2.449  -8.606  -1.502  1.00 72.37  ? 2   DT  C C7    1 
ATOM   463 C  C6    . DT  C 3 2  ? -1.511  -8.870  -3.788  1.00 59.66  ? 2   DT  C C6    1 
ATOM   464 P  P     . DA  C 3 3  ? 3.220   -7.987  -7.764  1.00 77.11  ? 3   DA  C P     1 
ATOM   465 O  OP1   . DA  C 3 3  ? 1.957   -7.770  -8.505  1.00 71.86  ? 3   DA  C OP1   1 
ATOM   466 O  OP2   . DA  C 3 3  ? 3.964   -9.256  -7.916  1.00 80.02  ? 3   DA  C OP2   1 
ATOM   467 O  "O5'" . DA  C 3 3  ? 4.239   -6.822  -8.185  1.00 74.15  ? 3   DA  C "O5'" 1 
ATOM   468 C  "C5'" . DA  C 3 3  ? 3.845   -5.454  -8.101  1.00 73.59  ? 3   DA  C "C5'" 1 
ATOM   469 C  "C4'" . DA  C 3 3  ? 5.027   -4.565  -7.756  1.00 64.83  ? 3   DA  C "C4'" 1 
ATOM   470 O  "O4'" . DA  C 3 3  ? 5.351   -4.718  -6.358  1.00 58.95  ? 3   DA  C "O4'" 1 
ATOM   471 C  "C3'" . DA  C 3 3  ? 6.307   -4.890  -8.502  1.00 60.50  ? 3   DA  C "C3'" 1 
ATOM   472 O  "O3'" . DA  C 3 3  ? 6.352   -4.158  -9.716  1.00 65.37  ? 3   DA  C "O3'" 1 
ATOM   473 C  "C2'" . DA  C 3 3  ? 7.396   -4.431  -7.538  1.00 54.26  ? 3   DA  C "C2'" 1 
ATOM   474 C  "C1'" . DA  C 3 3  ? 6.747   -4.632  -6.167  1.00 56.91  ? 3   DA  C "C1'" 1 
ATOM   475 N  N9    . DA  C 3 3  ? 7.194   -5.833  -5.466  1.00 56.24  ? 3   DA  C N9    1 
ATOM   476 C  C8    . DA  C 3 3  ? 6.442   -6.936  -5.164  1.00 63.91  ? 3   DA  C C8    1 
ATOM   477 N  N7    . DA  C 3 3  ? 7.106   -7.864  -4.511  1.00 58.05  ? 3   DA  C N7    1 
ATOM   478 C  C5    . DA  C 3 3  ? 8.373   -7.330  -4.376  1.00 55.19  ? 3   DA  C C5    1 
ATOM   479 C  C6    . DA  C 3 3  ? 9.553   -7.821  -3.777  1.00 71.89  ? 3   DA  C C6    1 
ATOM   480 N  N6    . DA  C 3 3  ? 9.632   -9.015  -3.178  1.00 72.56  ? 3   DA  C N6    1 
ATOM   481 N  N1    . DA  C 3 3  ? 10.648  -7.032  -3.818  1.00 78.15  ? 3   DA  C N1    1 
ATOM   482 C  C2    . DA  C 3 3  ? 10.563  -5.838  -4.418  1.00 77.88  ? 3   DA  C C2    1 
ATOM   483 N  N3    . DA  C 3 3  ? 9.513   -5.272  -5.015  1.00 67.14  ? 3   DA  C N3    1 
ATOM   484 C  C4    . DA  C 3 3  ? 8.443   -6.077  -4.957  1.00 54.20  ? 3   DA  C C4    1 
ATOM   485 P  P     . DG  C 3 4  ? 7.037   -4.803  -11.015 1.00 79.51  ? 4   DG  C P     1 
ATOM   486 O  OP1   . DG  C 3 4  ? 6.764   -3.902  -12.155 1.00 77.63  ? 4   DG  C OP1   1 
ATOM   487 O  OP2   . DG  C 3 4  ? 6.624   -6.222  -11.080 1.00 75.92  ? 4   DG  C OP2   1 
ATOM   488 O  "O5'" . DG  C 3 4  ? 8.603   -4.764  -10.683 1.00 72.50  ? 4   DG  C "O5'" 1 
ATOM   489 C  "C5'" . DG  C 3 4  ? 9.262   -3.518  -10.474 1.00 75.42  ? 4   DG  C "C5'" 1 
ATOM   490 C  "C4'" . DG  C 3 4  ? 10.702  -3.743  -10.055 1.00 75.72  ? 4   DG  C "C4'" 1 
ATOM   491 O  "O4'" . DG  C 3 4  ? 10.738  -4.250  -8.701  1.00 76.72  ? 4   DG  C "O4'" 1 
ATOM   492 C  "C3'" . DG  C 3 4  ? 11.456  -4.768  -10.884 1.00 79.02  ? 4   DG  C "C3'" 1 
ATOM   493 O  "O3'" . DG  C 3 4  ? 12.031  -4.128  -12.030 1.00 93.85  ? 4   DG  C "O3'" 1 
ATOM   494 C  "C2'" . DG  C 3 4  ? 12.525  -5.255  -9.907  1.00 73.37  ? 4   DG  C "C2'" 1 
ATOM   495 C  "C1'" . DG  C 3 4  ? 11.813  -5.161  -8.554  1.00 70.45  ? 4   DG  C "C1'" 1 
ATOM   496 N  N9    . DG  C 3 4  ? 11.281  -6.434  -8.058  1.00 66.49  ? 4   DG  C N9    1 
ATOM   497 C  C8    . DG  C 3 4  ? 10.008  -6.923  -8.232  1.00 70.28  ? 4   DG  C C8    1 
ATOM   498 N  N7    . DG  C 3 4  ? 9.811   -8.080  -7.660  1.00 69.85  ? 4   DG  C N7    1 
ATOM   499 C  C5    . DG  C 3 4  ? 11.029  -8.377  -7.062  1.00 64.39  ? 4   DG  C C5    1 
ATOM   500 C  C6    . DG  C 3 4  ? 11.420  -9.504  -6.298  1.00 67.32  ? 4   DG  C C6    1 
ATOM   501 O  O6    . DG  C 3 4  ? 10.744  -10.497 -5.989  1.00 73.20  ? 4   DG  C O6    1 
ATOM   502 N  N1    . DG  C 3 4  ? 12.746  -9.408  -5.881  1.00 66.44  ? 4   DG  C N1    1 
ATOM   503 C  C2    . DG  C 3 4  ? 13.586  -8.356  -6.165  1.00 68.23  ? 4   DG  C C2    1 
ATOM   504 N  N2    . DG  C 3 4  ? 14.831  -8.442  -5.675  1.00 67.24  ? 4   DG  C N2    1 
ATOM   505 N  N3    . DG  C 3 4  ? 13.231  -7.294  -6.880  1.00 66.52  ? 4   DG  C N3    1 
ATOM   506 C  C4    . DG  C 3 4  ? 11.944  -7.371  -7.295  1.00 64.39  ? 4   DG  C C4    1 
ATOM   507 P  P     . DT  C 3 5  ? 13.005  -4.933  -13.025 1.00 98.14  ? 5   DT  C P     1 
ATOM   508 O  OP1   . DT  C 3 5  ? 13.005  -4.222  -14.325 1.00 93.18  ? 5   DT  C OP1   1 
ATOM   509 O  OP2   . DT  C 3 5  ? 12.598  -6.353  -13.008 1.00 84.62  ? 5   DT  C OP2   1 
ATOM   510 O  "O5'" . DT  C 3 5  ? 14.444  -4.810  -12.328 1.00 82.62  ? 5   DT  C "O5'" 1 
ATOM   511 C  "C5'" . DT  C 3 5  ? 15.335  -5.920  -12.326 1.00 82.78  ? 5   DT  C "C5'" 1 
ATOM   512 C  "C4'" . DT  C 3 5  ? 16.253  -5.871  -11.118 1.00 84.92  ? 5   DT  C "C4'" 1 
ATOM   513 O  "O4'" . DT  C 3 5  ? 15.592  -6.509  -9.990  1.00 81.70  ? 5   DT  C "O4'" 1 
ATOM   514 C  "C3'" . DT  C 3 5  ? 17.556  -6.633  -11.290 1.00 84.60  ? 5   DT  C "C3'" 1 
ATOM   515 O  "O3'" . DT  C 3 5  ? 18.546  -6.132  -10.388 1.00 97.05  ? 5   DT  C "O3'" 1 
ATOM   516 C  "C2'" . DT  C 3 5  ? 17.124  -8.039  -10.914 1.00 83.51  ? 5   DT  C "C2'" 1 
ATOM   517 C  "C1'" . DT  C 3 5  ? 16.225  -7.748  -9.717  1.00 75.91  ? 5   DT  C "C1'" 1 
ATOM   518 N  N1    . DT  C 3 5  ? 15.178  -8.796  -9.469  1.00 70.99  ? 5   DT  C N1    1 
ATOM   519 C  C2    . DT  C 3 5  ? 15.496  -9.892  -8.695  1.00 73.67  ? 5   DT  C C2    1 
ATOM   520 O  O2    . DT  C 3 5  ? 16.596  -10.063 -8.194  1.00 77.08  ? 5   DT  C O2    1 
ATOM   521 N  N3    . DT  C 3 5  ? 14.476  -10.789 -8.523  1.00 74.03  ? 5   DT  C N3    1 
ATOM   522 C  C4    . DT  C 3 5  ? 13.194  -10.707 -9.036  1.00 73.60  ? 5   DT  C C4    1 
ATOM   523 O  O4    . DT  C 3 5  ? 12.346  -11.570 -8.824  1.00 73.48  ? 5   DT  C O4    1 
ATOM   524 C  C5    . DT  C 3 5  ? 12.923  -9.538  -9.842  1.00 67.56  ? 5   DT  C C5    1 
ATOM   525 C  C7    . DT  C 3 5  ? 11.567  -9.341  -10.452 1.00 61.93  ? 5   DT  C C7    1 
ATOM   526 C  C6    . DT  C 3 5  ? 13.917  -8.649  -10.019 1.00 71.63  ? 5   DT  C C6    1 
ATOM   527 O  "O5'" . DT  D 4 1  ? 3.323   18.730  16.491  1.00 113.56 ? 1   DT  D "O5'" 1 
ATOM   528 C  "C5'" . DT  D 4 1  ? 3.915   18.001  15.422  1.00 114.74 ? 1   DT  D "C5'" 1 
ATOM   529 C  "C4'" . DT  D 4 1  ? 5.284   17.480  15.818  1.00 116.62 ? 1   DT  D "C4'" 1 
ATOM   530 O  "O4'" . DT  D 4 1  ? 5.147   16.503  16.882  1.00 113.34 ? 1   DT  D "O4'" 1 
ATOM   531 C  "C3'" . DT  D 4 1  ? 6.059   16.781  14.693  1.00 113.03 ? 1   DT  D "C3'" 1 
ATOM   532 O  "O3'" . DT  D 4 1  ? 7.344   17.369  14.540  1.00 116.71 ? 1   DT  D "O3'" 1 
ATOM   533 C  "C2'" . DT  D 4 1  ? 6.162   15.329  15.160  1.00 103.22 ? 1   DT  D "C2'" 1 
ATOM   534 C  "C1'" . DT  D 4 1  ? 6.082   15.477  16.667  1.00 106.60 ? 1   DT  D "C1'" 1 
ATOM   535 N  N1    . DT  D 4 1  ? 5.612   14.237  17.350  1.00 105.57 ? 1   DT  D N1    1 
ATOM   536 C  C2    . DT  D 4 1  ? 6.491   13.531  18.138  1.00 105.38 ? 1   DT  D C2    1 
ATOM   537 O  O2    . DT  D 4 1  ? 7.644   13.876  18.329  1.00 102.48 ? 1   DT  D O2    1 
ATOM   538 N  N3    . DT  D 4 1  ? 5.966   12.401  18.709  1.00 101.48 ? 1   DT  D N3    1 
ATOM   539 C  C4    . DT  D 4 1  ? 4.678   11.914  18.567  1.00 100.34 ? 1   DT  D C4    1 
ATOM   540 O  O4    . DT  D 4 1  ? 4.300   10.889  19.122  1.00 102.47 ? 1   DT  D O4    1 
ATOM   541 C  C5    . DT  D 4 1  ? 3.809   12.699  17.721  1.00 95.06  ? 1   DT  D C5    1 
ATOM   542 C  C7    . DT  D 4 1  ? 2.390   12.270  17.492  1.00 96.45  ? 1   DT  D C7    1 
ATOM   543 C  C6    . DT  D 4 1  ? 4.314   13.807  17.156  1.00 99.00  ? 1   DT  D C6    1 
ATOM   544 P  P     . DC  D 4 2  ? 8.235   17.025  13.247  1.00 119.55 ? 2   DC  D P     1 
ATOM   545 O  OP1   . DC  D 4 2  ? 9.236   18.104  13.096  1.00 119.56 ? 2   DC  D OP1   1 
ATOM   546 O  OP2   . DC  D 4 2  ? 7.309   16.723  12.133  1.00 116.74 ? 2   DC  D OP2   1 
ATOM   547 O  "O5'" . DC  D 4 2  ? 9.021   15.693  13.660  1.00 110.30 ? 2   DC  D "O5'" 1 
ATOM   548 C  "C5'" . DC  D 4 2  ? 10.361  15.787  14.131  1.00 106.74 ? 2   DC  D "C5'" 1 
ATOM   549 C  "C4'" . DC  D 4 2  ? 10.721  14.616  15.032  1.00 103.53 ? 2   DC  D "C4'" 1 
ATOM   550 O  "O4'" . DC  D 4 2  ? 9.528   13.958  15.500  1.00 105.35 ? 2   DC  D "O4'" 1 
ATOM   551 C  "C3'" . DC  D 4 2  ? 11.554  13.517  14.369  1.00 102.74 ? 2   DC  D "C3'" 1 
ATOM   552 O  "O3'" . DC  D 4 2  ? 12.907  13.617  14.788  1.00 105.47 ? 2   DC  D "O3'" 1 
ATOM   553 C  "C2'" . DC  D 4 2  ? 10.911  12.201  14.848  1.00 103.57 ? 2   DC  D "C2'" 1 
ATOM   554 C  "C1'" . DC  D 4 2  ? 9.894   12.661  15.886  1.00 102.80 ? 2   DC  D "C1'" 1 
ATOM   555 N  N1    . DC  D 4 2  ? 8.674   11.807  15.945  1.00 99.61  ? 2   DC  D N1    1 
ATOM   556 C  C2    . DC  D 4 2  ? 8.703   10.613  16.675  1.00 99.86  ? 2   DC  D C2    1 
ATOM   557 O  O2    . DC  D 4 2  ? 9.743   10.289  17.262  1.00 99.94  ? 2   DC  D O2    1 
ATOM   558 N  N3    . DC  D 4 2  ? 7.587   9.844   16.720  1.00 97.59  ? 2   DC  D N3    1 
ATOM   559 C  C4    . DC  D 4 2  ? 6.486   10.229  16.074  1.00 101.00 ? 2   DC  D C4    1 
ATOM   560 N  N4    . DC  D 4 2  ? 5.410   9.439   16.147  1.00 100.83 ? 2   DC  D N4    1 
ATOM   561 C  C5    . DC  D 4 2  ? 6.439   11.443  15.325  1.00 98.51  ? 2   DC  D C5    1 
ATOM   562 C  C6    . DC  D 4 2  ? 7.546   12.191  15.286  1.00 95.60  ? 2   DC  D C6    1 
ATOM   563 P  P     . DT  D 4 3  ? 14.073  12.924  13.926  1.00 110.59 ? 3   DT  D P     1 
ATOM   564 O  OP1   . DT  D 4 3  ? 15.364  13.471  14.400  1.00 106.39 ? 3   DT  D OP1   1 
ATOM   565 O  OP2   . DT  D 4 3  ? 13.702  13.054  12.499  1.00 111.79 ? 3   DT  D OP2   1 
ATOM   566 O  "O5'" . DT  D 4 3  ? 13.999  11.380  14.349  1.00 99.28  ? 3   DT  D "O5'" 1 
ATOM   567 C  "C5'" . DT  D 4 3  ? 14.170  11.006  15.714  1.00 95.09  ? 3   DT  D "C5'" 1 
ATOM   568 C  "C4'" . DT  D 4 3  ? 13.962  9.512   15.901  1.00 98.43  ? 3   DT  D "C4'" 1 
ATOM   569 O  "O4'" . DT  D 4 3  ? 12.543  9.205   15.932  1.00 108.71 ? 3   DT  D "O4'" 1 
ATOM   570 C  "C3'" . DT  D 4 3  ? 14.564  8.628   14.801  1.00 104.29 ? 3   DT  D "C3'" 1 
ATOM   571 O  "O3'" . DT  D 4 3  ? 15.374  7.614   15.379  1.00 110.80 ? 3   DT  D "O3'" 1 
ATOM   572 C  "C2'" . DT  D 4 3  ? 13.339  8.031   14.106  1.00 109.81 ? 3   DT  D "C2'" 1 
ATOM   573 C  "C1'" . DT  D 4 3  ? 12.340  7.997   15.245  1.00 105.58 ? 3   DT  D "C1'" 1 
ATOM   574 N  N1    . DT  D 4 3  ? 10.925  7.922   14.793  1.00 99.62  ? 3   DT  D N1    1 
ATOM   575 C  C2    . DT  D 4 3  ? 10.154  6.848   15.172  1.00 98.10  ? 3   DT  D C2    1 
ATOM   576 O  O2    . DT  D 4 3  ? 10.569  5.944   15.878  1.00 97.38  ? 3   DT  D O2    1 
ATOM   577 N  N3    . DT  D 4 3  ? 8.870   6.871   14.699  1.00 98.50  ? 3   DT  D N3    1 
ATOM   578 C  C4    . DT  D 4 3  ? 8.292   7.838   13.896  1.00 96.12  ? 3   DT  D C4    1 
ATOM   579 O  O4    . DT  D 4 3  ? 7.126   7.769   13.522  1.00 95.25  ? 3   DT  D O4    1 
ATOM   580 C  C5    . DT  D 4 3  ? 9.157   8.934   13.531  1.00 94.47  ? 3   DT  D C5    1 
ATOM   581 C  C7    . DT  D 4 3  ? 8.642   10.044  12.661  1.00 90.41  ? 3   DT  D C7    1 
ATOM   582 C  C6    . DT  D 4 3  ? 10.417  8.919   13.987  1.00 97.86  ? 3   DT  D C6    1 
ATOM   583 P  P     . DG  D 4 4  ? 16.676  7.084   14.602  1.00 118.78 ? 4   DG  D P     1 
ATOM   584 O  OP1   . DG  D 4 4  ? 17.855  7.490   15.400  1.00 114.89 ? 4   DG  D OP1   1 
ATOM   585 O  OP2   . DG  D 4 4  ? 16.554  7.516   13.190  1.00 107.33 ? 4   DG  D OP2   1 
ATOM   586 O  "O5'" . DG  D 4 4  ? 16.528  5.488   14.642  1.00 107.31 ? 4   DG  D "O5'" 1 
ATOM   587 C  "C5'" . DG  D 4 4  ? 16.778  4.781   15.853  1.00 102.77 ? 4   DG  D "C5'" 1 
ATOM   588 C  "C4'" . DG  D 4 4  ? 15.956  3.503   15.925  1.00 105.65 ? 4   DG  D "C4'" 1 
ATOM   589 O  "O4'" . DG  D 4 4  ? 14.559  3.797   15.647  1.00 110.11 ? 4   DG  D "O4'" 1 
ATOM   590 C  "C3'" . DG  D 4 4  ? 16.363  2.401   14.947  1.00 104.10 ? 4   DG  D "C3'" 1 
ATOM   591 O  "O3'" . DG  D 4 4  ? 16.309  1.131   15.612  1.00 106.39 ? 4   DG  D "O3'" 1 
ATOM   592 C  "C2'" . DG  D 4 4  ? 15.319  2.523   13.837  1.00 104.46 ? 4   DG  D "C2'" 1 
ATOM   593 C  "C1'" . DG  D 4 4  ? 14.088  2.957   14.614  1.00 105.88 ? 4   DG  D "C1'" 1 
ATOM   594 N  N9    . DG  D 4 4  ? 13.132  3.717   13.810  1.00 102.05 ? 4   DG  D N9    1 
ATOM   595 C  C8    . DG  D 4 4  ? 13.402  4.810   13.025  1.00 102.17 ? 4   DG  D C8    1 
ATOM   596 N  N7    . DG  D 4 4  ? 12.348  5.295   12.426  1.00 97.78  ? 4   DG  D N7    1 
ATOM   597 C  C5    . DG  D 4 4  ? 11.312  4.472   12.842  1.00 95.72  ? 4   DG  D C5    1 
ATOM   598 C  C6    . DG  D 4 4  ? 9.934   4.508   12.519  1.00 94.44  ? 4   DG  D C6    1 
ATOM   599 O  O6    . DG  D 4 4  ? 9.339   5.304   11.776  1.00 91.81  ? 4   DG  D O6    1 
ATOM   600 N  N1    . DG  D 4 4  ? 9.228   3.489   13.155  1.00 88.74  ? 4   DG  D N1    1 
ATOM   601 C  C2    . DG  D 4 4  ? 9.783   2.554   13.997  1.00 88.50  ? 4   DG  D C2    1 
ATOM   602 N  N2    . DG  D 4 4  ? 8.941   1.649   14.517  1.00 83.98  ? 4   DG  D N2    1 
ATOM   603 N  N3    . DG  D 4 4  ? 11.073  2.507   14.309  1.00 95.62  ? 4   DG  D N3    1 
ATOM   604 C  C4    . DG  D 4 4  ? 11.776  3.493   13.697  1.00 97.96  ? 4   DG  D C4    1 
ATOM   605 P  P     . DA  D 4 5  ? 16.119  -0.244  14.796  1.00 120.78 ? 5   DA  D P     1 
ATOM   606 O  OP1   . DA  D 4 5  ? 16.589  -1.327  15.688  1.00 111.51 ? 5   DA  D OP1   1 
ATOM   607 O  OP2   . DA  D 4 5  ? 16.709  -0.123  13.442  1.00 110.39 ? 5   DA  D OP2   1 
ATOM   608 O  "O5'" . DA  D 4 5  ? 14.532  -0.393  14.665  1.00 111.07 ? 5   DA  D "O5'" 1 
ATOM   609 C  "C5'" . DA  D 4 5  ? 13.768  -0.846  15.780  1.00 111.13 ? 5   DA  D "C5'" 1 
ATOM   610 C  "C4'" . DA  D 4 5  ? 12.779  -1.929  15.372  1.00 107.15 ? 5   DA  D "C4'" 1 
ATOM   611 O  "O4'" . DA  D 4 5  ? 11.728  -1.348  14.564  1.00 99.15  ? 5   DA  D "O4'" 1 
ATOM   612 C  "C3'" . DA  D 4 5  ? 13.353  -3.067  14.543  1.00 101.73 ? 5   DA  D "C3'" 1 
ATOM   613 O  "O3'" . DA  D 4 5  ? 12.627  -4.265  14.797  1.00 102.93 ? 5   DA  D "O3'" 1 
ATOM   614 C  "C2'" . DA  D 4 5  ? 13.143  -2.577  13.112  1.00 96.99  ? 5   DA  D "C2'" 1 
ATOM   615 C  "C1'" . DA  D 4 5  ? 11.846  -1.776  13.221  1.00 90.90  ? 5   DA  D "C1'" 1 
ATOM   616 N  N9    . DA  D 4 5  ? 11.826  -0.590  12.369  1.00 91.74  ? 5   DA  D N9    1 
ATOM   617 C  C8    . DA  D 4 5  ? 12.897  0.178   12.003  1.00 92.33  ? 5   DA  D C8    1 
ATOM   618 N  N7    . DA  D 4 5  ? 12.582  1.191   11.228  1.00 90.25  ? 5   DA  D N7    1 
ATOM   619 C  C5    . DA  D 4 5  ? 11.210  1.080   11.077  1.00 82.37  ? 5   DA  D C5    1 
ATOM   620 C  C6    . DA  D 4 5  ? 10.268  1.854   10.369  1.00 81.48  ? 5   DA  D C6    1 
ATOM   621 N  N6    . DA  D 4 5  ? 10.593  2.935   9.654   1.00 84.18  ? 5   DA  D N6    1 
ATOM   622 N  N1    . DA  D 4 5  ? 8.976   1.471   10.426  1.00 85.29  ? 5   DA  D N1    1 
ATOM   623 C  C2    . DA  D 4 5  ? 8.655   0.386   11.145  1.00 87.68  ? 5   DA  D C2    1 
ATOM   624 N  N3    . DA  D 4 5  ? 9.451   -0.418  11.851  1.00 82.96  ? 5   DA  D N3    1 
ATOM   625 C  C4    . DA  D 4 5  ? 10.727  -0.012  11.774  1.00 84.62  ? 5   DA  D C4    1 
ATOM   626 P  P     . DG  D 4 6  ? 13.257  -5.695  14.421  1.00 121.70 ? 6   DG  D P     1 
ATOM   627 O  OP1   . DG  D 4 6  ? 13.308  -6.508  15.656  1.00 124.80 ? 6   DG  D OP1   1 
ATOM   628 O  OP2   . DG  D 4 6  ? 14.498  -5.455  13.649  1.00 113.69 ? 6   DG  D OP2   1 
ATOM   629 O  "O5'" . DG  D 4 6  ? 12.179  -6.339  13.434  1.00 108.37 ? 6   DG  D "O5'" 1 
ATOM   630 C  "C5'" . DG  D 4 6  ? 11.842  -5.673  12.221  1.00 104.18 ? 6   DG  D "C5'" 1 
ATOM   631 C  "C4'" . DG  D 4 6  ? 10.335  -5.581  12.055  1.00 97.88  ? 6   DG  D "C4'" 1 
ATOM   632 O  "O4'" . DG  D 4 6  ? 9.966   -4.213  11.732  1.00 89.67  ? 6   DG  D "O4'" 1 
ATOM   633 C  "C3'" . DG  D 4 6  ? 9.763   -6.441  10.937  1.00 90.32  ? 6   DG  D "C3'" 1 
ATOM   634 O  "O3'" . DG  D 4 6  ? 8.457   -6.886  11.275  1.00 93.44  ? 6   DG  D "O3'" 1 
ATOM   635 C  "C2'" . DG  D 4 6  ? 9.744   -5.483  9.754   1.00 87.13  ? 6   DG  D "C2'" 1 
ATOM   636 C  "C1'" . DG  D 4 6  ? 9.434   -4.147  10.422  1.00 81.15  ? 6   DG  D "C1'" 1 
ATOM   637 N  N9    . DG  D 4 6  ? 10.045  -3.012  9.734   1.00 72.83  ? 6   DG  D N9    1 
ATOM   638 C  C8    . DG  D 4 6  ? 11.376  -2.674  9.729   1.00 77.09  ? 6   DG  D C8    1 
ATOM   639 N  N7    . DG  D 4 6  ? 11.641  -1.613  9.018   1.00 75.82  ? 6   DG  D N7    1 
ATOM   640 C  C5    . DG  D 4 6  ? 10.408  -1.222  8.514   1.00 70.37  ? 6   DG  D C5    1 
ATOM   641 C  C6    . DG  D 4 6  ? 10.070  -0.135  7.675   1.00 75.41  ? 6   DG  D C6    1 
ATOM   642 O  O6    . DG  D 4 6  ? 10.821  0.728   7.195   1.00 80.98  ? 6   DG  D O6    1 
ATOM   643 N  N1    . DG  D 4 6  ? 8.706   -0.099  7.400   1.00 69.19  ? 6   DG  D N1    1 
ATOM   644 C  C2    . DG  D 4 6  ? 7.783   -1.000  7.876   1.00 73.02  ? 6   DG  D C2    1 
ATOM   645 N  N2    . DG  D 4 6  ? 6.510   -0.802  7.502   1.00 76.18  ? 6   DG  D N2    1 
ATOM   646 N  N3    . DG  D 4 6  ? 8.086   -2.026  8.665   1.00 74.48  ? 6   DG  D N3    1 
ATOM   647 C  C4    . DG  D 4 6  ? 9.413   -2.076  8.942   1.00 70.50  ? 6   DG  D C4    1 
ATOM   648 P  P     . DT  D 4 7  ? 7.741   -8.021  10.391  1.00 110.14 ? 7   DT  D P     1 
ATOM   649 O  OP1   . DT  D 4 7  ? 6.635   -8.579  11.200  1.00 111.82 ? 7   DT  D OP1   1 
ATOM   650 O  OP2   . DT  D 4 7  ? 8.794   -8.920  9.866   1.00 112.76 ? 7   DT  D OP2   1 
ATOM   651 O  "O5'" . DT  D 4 7  ? 7.118   -7.211  9.161   1.00 93.54  ? 7   DT  D "O5'" 1 
ATOM   652 C  "C5'" . DT  D 4 7  ? 6.188   -6.161  9.406   1.00 94.14  ? 7   DT  D "C5'" 1 
ATOM   653 C  "C4'" . DT  D 4 7  ? 5.557   -5.672  8.110   1.00 95.87  ? 7   DT  D "C4'" 1 
ATOM   654 O  "O4'" . DT  D 4 7  ? 6.309   -4.542  7.584   1.00 84.39  ? 7   DT  D "O4'" 1 
ATOM   655 C  "C3'" . DT  D 4 7  ? 5.497   -6.703  6.980   1.00 87.43  ? 7   DT  D "C3'" 1 
ATOM   656 O  "O3'" . DT  D 4 7  ? 4.250   -6.606  6.312   1.00 80.23  ? 7   DT  D "O3'" 1 
ATOM   657 C  "C2'" . DT  D 4 7  ? 6.642   -6.272  6.070   1.00 73.34  ? 7   DT  D "C2'" 1 
ATOM   658 C  "C1'" . DT  D 4 7  ? 6.569   -4.763  6.218   1.00 69.45  ? 7   DT  D "C1'" 1 
ATOM   659 N  N1    . DT  D 4 7  ? 7.831   -4.067  5.857   1.00 64.17  ? 7   DT  D N1    1 
ATOM   660 C  C2    . DT  D 4 7  ? 7.784   -2.984  5.010   1.00 68.58  ? 7   DT  D C2    1 
ATOM   661 O  O2    . DT  D 4 7  ? 6.748   -2.555  4.534   1.00 69.76  ? 7   DT  D O2    1 
ATOM   662 N  N3    . DT  D 4 7  ? 9.000   -2.414  4.741   1.00 64.11  ? 7   DT  D N3    1 
ATOM   663 C  C4    . DT  D 4 7  ? 10.234  -2.814  5.222   1.00 68.46  ? 7   DT  D C4    1 
ATOM   664 O  O4    . DT  D 4 7  ? 11.273  -2.237  4.923   1.00 69.66  ? 7   DT  D O4    1 
ATOM   665 C  C5    . DT  D 4 7  ? 10.213  -3.957  6.104   1.00 68.52  ? 7   DT  D C5    1 
ATOM   666 C  C7    . DT  D 4 7  ? 11.492  -4.483  6.689   1.00 70.09  ? 7   DT  D C7    1 
ATOM   667 C  C6    . DT  D 4 7  ? 9.026   -4.521  6.375   1.00 65.64  ? 7   DT  D C6    1 
ATOM   668 P  P     . DG  D 4 8  ? 3.705   -7.828  5.424   1.00 81.62  ? 8   DG  D P     1 
ATOM   669 O  OP1   . DG  D 4 8  ? 2.657   -8.512  6.215   1.00 79.09  ? 8   DG  D OP1   1 
ATOM   670 O  OP2   . DG  D 4 8  ? 4.868   -8.598  4.932   1.00 86.89  ? 8   DG  D OP2   1 
ATOM   671 O  "O5'" . DG  D 4 8  ? 3.036   -7.107  4.160   1.00 63.29  ? 8   DG  D "O5'" 1 
ATOM   672 C  "C5'" . DG  D 4 8  ? 2.095   -6.052  4.355   1.00 63.03  ? 8   DG  D "C5'" 1 
ATOM   673 C  "C4'" . DG  D 4 8  ? 1.943   -5.195  3.101   1.00 69.57  ? 8   DG  D "C4'" 1 
ATOM   674 O  "O4'" . DG  D 4 8  ? 3.169   -4.467  2.832   1.00 76.50  ? 8   DG  D "O4'" 1 
ATOM   675 C  "C3'" . DG  D 4 8  ? 1.628   -5.948  1.818   1.00 63.78  ? 8   DG  D "C3'" 1 
ATOM   676 O  "O3'" . DG  D 4 8  ? 0.844   -5.121  0.976   1.00 59.06  ? 8   DG  D "O3'" 1 
ATOM   677 C  "C2'" . DG  D 4 8  ? 3.014   -6.198  1.226   1.00 68.72  ? 8   DG  D "C2'" 1 
ATOM   678 C  "C1'" . DG  D 4 8  ? 3.769   -4.936  1.635   1.00 66.17  ? 8   DG  D "C1'" 1 
ATOM   679 N  N9    . DG  D 4 8  ? 5.179   -5.163  1.925   1.00 63.42  ? 8   DG  D N9    1 
ATOM   680 C  C8    . DG  D 4 8  ? 5.714   -6.208  2.638   1.00 66.64  ? 8   DG  D C8    1 
ATOM   681 N  N7    . DG  D 4 8  ? 7.009   -6.139  2.765   1.00 65.34  ? 8   DG  D N7    1 
ATOM   682 C  C5    . DG  D 4 8  ? 7.356   -4.966  2.108   1.00 55.82  ? 8   DG  D C5    1 
ATOM   683 C  C6    . DG  D 4 8  ? 8.623   -4.369  1.919   1.00 61.42  ? 8   DG  D C6    1 
ATOM   684 O  O6    . DG  D 4 8  ? 9.727   -4.775  2.307   1.00 68.43  ? 8   DG  D O6    1 
ATOM   685 N  N1    . DG  D 4 8  ? 8.533   -3.183  1.195   1.00 58.73  ? 8   DG  D N1    1 
ATOM   686 C  C2    . DG  D 4 8  ? 7.364   -2.641  0.715   1.00 60.27  ? 8   DG  D C2    1 
ATOM   687 N  N2    . DG  D 4 8  ? 7.477   -1.488  0.038   1.00 63.23  ? 8   DG  D N2    1 
ATOM   688 N  N3    . DG  D 4 8  ? 6.167   -3.191  0.887   1.00 56.32  ? 8   DG  D N3    1 
ATOM   689 C  C4    . DG  D 4 8  ? 6.239   -4.349  1.589   1.00 55.66  ? 8   DG  D C4    1 
ATOM   690 P  P     . DG  D 4 9  ? 0.092   -5.738  -0.299  1.00 77.06  ? 9   DG  D P     1 
ATOM   691 O  OP1   . DG  D 4 9  ? -1.260  -5.138  -0.348  1.00 71.64  ? 9   DG  D OP1   1 
ATOM   692 O  OP2   . DG  D 4 9  ? 0.251   -7.209  -0.244  1.00 81.36  ? 9   DG  D OP2   1 
ATOM   693 O  "O5'" . DG  D 4 9  ? 0.944   -5.187  -1.535  1.00 72.79  ? 9   DG  D "O5'" 1 
ATOM   694 C  "C5'" . DG  D 4 9  ? 1.146   -3.786  -1.682  1.00 64.80  ? 9   DG  D "C5'" 1 
ATOM   695 C  "C4'" . DG  D 4 9  ? 2.191   -3.497  -2.743  1.00 68.68  ? 9   DG  D "C4'" 1 
ATOM   696 O  "O4'" . DG  D 4 9  ? 3.519   -3.736  -2.202  1.00 76.57  ? 9   DG  D "O4'" 1 
ATOM   697 C  "C3'" . DG  D 4 9  ? 2.078   -4.349  -4.009  1.00 61.13  ? 9   DG  D "C3'" 1 
ATOM   698 O  "O3'" . DG  D 4 9  ? 2.200   -3.523  -5.170  1.00 58.62  ? 9   DG  D "O3'" 1 
ATOM   699 C  "C2'" . DG  D 4 9  ? 3.254   -5.324  -3.883  1.00 64.75  ? 9   DG  D "C2'" 1 
ATOM   700 C  "C1'" . DG  D 4 9  ? 4.270   -4.485  -3.125  1.00 59.30  ? 9   DG  D "C1'" 1 
ATOM   701 N  N9    . DG  D 4 9  ? 5.252   -5.270  -2.381  1.00 55.20  ? 9   DG  D N9    1 
ATOM   702 C  C8    . DG  D 4 9  ? 5.032   -6.446  -1.705  1.00 60.81  ? 9   DG  D C8    1 
ATOM   703 N  N7    . DG  D 4 9  ? 6.100   -6.919  -1.124  1.00 56.29  ? 9   DG  D N7    1 
ATOM   704 C  C5    . DG  D 4 9  ? 7.093   -5.998  -1.432  1.00 54.03  ? 9   DG  D C5    1 
ATOM   705 C  C6    . DG  D 4 9  ? 8.463   -5.981  -1.078  1.00 59.76  ? 9   DG  D C6    1 
ATOM   706 O  O6    . DG  D 4 9  ? 9.092   -6.807  -0.397  1.00 66.96  ? 9   DG  D O6    1 
ATOM   707 N  N1    . DG  D 4 9  ? 9.118   -4.864  -1.595  1.00 56.76  ? 9   DG  D N1    1 
ATOM   708 C  C2    . DG  D 4 9  ? 8.521   -3.890  -2.360  1.00 59.75  ? 9   DG  D C2    1 
ATOM   709 N  N2    . DG  D 4 9  ? 9.317   -2.889  -2.770  1.00 60.75  ? 9   DG  D N2    1 
ATOM   710 N  N3    . DG  D 4 9  ? 7.239   -3.895  -2.702  1.00 58.12  ? 9   DG  D N3    1 
ATOM   711 C  C4    . DG  D 4 9  ? 6.588   -4.975  -2.205  1.00 55.44  ? 9   DG  D C4    1 
ATOM   712 P  P     . DG  D 4 10 ? 0.910   -2.795  -5.800  1.00 65.61  ? 10  DG  D P     1 
ATOM   713 O  OP1   . DG  D 4 10 ? 1.389   -1.900  -6.875  1.00 72.84  ? 10  DG  D OP1   1 
ATOM   714 O  OP2   . DG  D 4 10 ? 0.100   -2.237  -4.697  1.00 75.34  ? 10  DG  D OP2   1 
ATOM   715 O  "O5'" . DG  D 4 10 ? 0.070   -3.981  -6.471  1.00 72.36  ? 10  DG  D "O5'" 1 
ATOM   716 C  "C5'" . DG  D 4 10 ? 0.459   -4.489  -7.744  1.00 73.04  ? 10  DG  D "C5'" 1 
ATOM   717 C  "C4'" . DG  D 4 10 ? -0.716  -5.124  -8.462  1.00 66.50  ? 10  DG  D "C4'" 1 
ATOM   718 O  "O4'" . DG  D 4 10 ? -1.264  -6.186  -7.652  1.00 64.13  ? 10  DG  D "O4'" 1 
ATOM   719 C  "C3'" . DG  D 4 10 ? -1.888  -4.200  -8.722  1.00 68.79  ? 10  DG  D "C3'" 1 
ATOM   720 O  "O3'" . DG  D 4 10 ? -1.670  -3.469  -9.921  1.00 75.82  ? 10  DG  D "O3'" 1 
ATOM   721 C  "C2'" . DG  D 4 10 ? -3.037  -5.189  -8.875  1.00 68.56  ? 10  DG  D "C2'" 1 
ATOM   722 C  "C1'" . DG  D 4 10 ? -2.657  -6.285  -7.875  1.00 64.04  ? 10  DG  D "C1'" 1 
ATOM   723 N  N9    . DG  D 4 10 ? -3.346  -6.169  -6.593  1.00 62.89  ? 10  DG  D N9    1 
ATOM   724 C  C8    . DG  D 4 10 ? -2.776  -5.906  -5.371  1.00 62.62  ? 10  DG  D C8    1 
ATOM   725 N  N7    . DG  D 4 10 ? -3.643  -5.861  -4.395  1.00 65.96  ? 10  DG  D N7    1 
ATOM   726 C  C5    . DG  D 4 10 ? -4.862  -6.108  -5.010  1.00 64.68  ? 10  DG  D C5    1 
ATOM   727 C  C6    . DG  D 4 10 ? -6.162  -6.182  -4.457  1.00 69.28  ? 10  DG  D C6    1 
ATOM   728 O  O6    . DG  D 4 10 ? -6.503  -6.039  -3.274  1.00 75.10  ? 10  DG  D O6    1 
ATOM   729 N  N1    . DG  D 4 10 ? -7.120  -6.455  -5.431  1.00 69.15  ? 10  DG  D N1    1 
ATOM   730 C  C2    . DG  D 4 10 ? -6.853  -6.634  -6.769  1.00 74.46  ? 10  DG  D C2    1 
ATOM   731 N  N2    . DG  D 4 10 ? -7.907  -6.889  -7.556  1.00 81.79  ? 10  DG  D N2    1 
ATOM   732 N  N3    . DG  D 4 10 ? -5.640  -6.566  -7.298  1.00 67.74  ? 10  DG  D N3    1 
ATOM   733 C  C4    . DG  D 4 10 ? -4.695  -6.301  -6.363  1.00 65.99  ? 10  DG  D C4    1 
ATOM   734 P  P     . DG  D 4 11 ? -2.293  -1.999  -10.094 1.00 80.46  ? 11  DG  D P     1 
ATOM   735 O  OP1   . DG  D 4 11 ? -1.817  -1.467  -11.390 1.00 73.88  ? 11  DG  D OP1   1 
ATOM   736 O  OP2   . DG  D 4 11 ? -2.029  -1.244  -8.850  1.00 81.79  ? 11  DG  D OP2   1 
ATOM   737 O  "O5'" . DG  D 4 11 ? -3.871  -2.259  -10.189 1.00 72.91  ? 11  DG  D "O5'" 1 
ATOM   738 C  "C5'" . DG  D 4 11 ? -4.420  -2.931  -11.324 1.00 74.95  ? 11  DG  D "C5'" 1 
ATOM   739 C  "C4'" . DG  D 4 11 ? -5.873  -3.301  -11.081 1.00 77.18  ? 11  DG  D "C4'" 1 
ATOM   740 O  "O4'" . DG  D 4 11 ? -5.975  -4.020  -9.837  1.00 74.54  ? 11  DG  D "O4'" 1 
ATOM   741 C  "C3'" . DG  D 4 11 ? -6.817  -2.120  -10.932 1.00 78.71  ? 11  DG  D "C3'" 1 
ATOM   742 O  "O3'" . DG  D 4 11 ? -7.331  -1.753  -12.206 1.00 81.05  ? 11  DG  D "O3'" 1 
ATOM   743 C  "C2'" . DG  D 4 11 ? -7.925  -2.662  -10.029 1.00 74.65  ? 11  DG  D "C2'" 1 
ATOM   744 C  "C1'" . DG  D 4 11 ? -7.243  -3.793  -9.257  1.00 71.82  ? 11  DG  D "C1'" 1 
ATOM   745 N  N9    . DG  D 4 11 ? -7.055  -3.518  -7.835  1.00 70.89  ? 11  DG  D N9    1 
ATOM   746 C  C8    . DG  D 4 11 ? -5.879  -3.190  -7.206  1.00 71.65  ? 11  DG  D C8    1 
ATOM   747 N  N7    . DG  D 4 11 ? -6.012  -3.019  -5.919  1.00 70.85  ? 11  DG  D N7    1 
ATOM   748 C  C5    . DG  D 4 11 ? -7.360  -3.250  -5.681  1.00 71.26  ? 11  DG  D C5    1 
ATOM   749 C  C6    . DG  D 4 11 ? -8.096  -3.210  -4.473  1.00 79.56  ? 11  DG  D C6    1 
ATOM   750 O  O6    . DG  D 4 11 ? -7.684  -2.951  -3.331  1.00 81.42  ? 11  DG  D O6    1 
ATOM   751 N  N1    . DG  D 4 11 ? -9.440  -3.509  -4.678  1.00 77.90  ? 11  DG  D N1    1 
ATOM   752 C  C2    . DG  D 4 11 ? -10.002 -3.810  -5.898  1.00 75.80  ? 11  DG  D C2    1 
ATOM   753 N  N2    . DG  D 4 11 ? -11.315 -4.071  -5.900  1.00 80.64  ? 11  DG  D N2    1 
ATOM   754 N  N3    . DG  D 4 11 ? -9.324  -3.851  -7.036  1.00 70.22  ? 11  DG  D N3    1 
ATOM   755 C  C4    . DG  D 4 11 ? -8.015  -3.562  -6.854  1.00 69.99  ? 11  DG  D C4    1 
ATOM   756 P  P     . DT  D 4 12 ? -8.059  -0.336  -12.409 1.00 89.00  ? 12  DT  D P     1 
ATOM   757 O  OP1   . DT  D 4 12 ? -8.179  -0.098  -13.865 1.00 84.89  ? 12  DT  D OP1   1 
ATOM   758 O  OP2   . DT  D 4 12 ? -7.358  0.649   -11.555 1.00 79.20  ? 12  DT  D OP2   1 
ATOM   759 O  "O5'" . DT  D 4 12 ? -9.520  -0.553  -11.792 1.00 68.56  ? 12  DT  D "O5'" 1 
ATOM   760 C  "C5'" . DT  D 4 12 ? -10.399 -1.527  -12.349 1.00 71.03  ? 12  DT  D "C5'" 1 
ATOM   761 C  "C4'" . DT  D 4 12 ? -11.676 -1.637  -11.529 1.00 85.29  ? 12  DT  D "C4'" 1 
ATOM   762 O  "O4'" . DT  D 4 12 ? -11.342 -1.866  -10.132 1.00 81.45  ? 12  DT  D "O4'" 1 
ATOM   763 C  "C3'" . DT  D 4 12 ? -12.572 -0.397  -11.548 1.00 86.50  ? 12  DT  D "C3'" 1 
ATOM   764 O  "O3'" . DT  D 4 12 ? -13.940 -0.787  -11.550 1.00 85.94  ? 12  DT  D "O3'" 1 
ATOM   765 C  "C2'" . DT  D 4 12 ? -12.196 0.310   -10.250 1.00 82.04  ? 12  DT  D "C2'" 1 
ATOM   766 C  "C1'" . DT  D 4 12 ? -11.945 -0.873  -9.330  1.00 79.77  ? 12  DT  D "C1'" 1 
ATOM   767 N  N1    . DT  D 4 12 ? -11.032 -0.564  -8.194  1.00 76.11  ? 12  DT  D N1    1 
ATOM   768 C  C2    . DT  D 4 12 ? -11.507 -0.647  -6.907  1.00 83.17  ? 12  DT  D C2    1 
ATOM   769 O  O2    . DT  D 4 12 ? -12.654 -0.963  -6.639  1.00 89.55  ? 12  DT  D O2    1 
ATOM   770 N  N3    . DT  D 4 12 ? -10.589 -0.344  -5.936  1.00 78.07  ? 12  DT  D N3    1 
ATOM   771 C  C4    . DT  D 4 12 ? -9.269  0.026   -6.121  1.00 76.85  ? 12  DT  D C4    1 
ATOM   772 O  O4    . DT  D 4 12 ? -8.520  0.278   -5.183  1.00 80.28  ? 12  DT  D O4    1 
ATOM   773 C  C5    . DT  D 4 12 ? -8.835  0.094   -7.496  1.00 73.05  ? 12  DT  D C5    1 
ATOM   774 C  C7    . DT  D 4 12 ? -7.424  0.483   -7.824  1.00 66.98  ? 12  DT  D C7    1 
ATOM   775 C  C6    . DT  D 4 12 ? -9.727  -0.199  -8.455  1.00 73.35  ? 12  DT  D C6    1 
ATOM   776 P  P     . DC  D 4 13 ? -15.084 0.271   -11.935 1.00 93.53  ? 13  DC  D P     1 
ATOM   777 O  OP1   . DC  D 4 13 ? -15.947 -0.354  -12.961 1.00 97.25  ? 13  DC  D OP1   1 
ATOM   778 O  OP2   . DC  D 4 13 ? -14.425 1.566   -12.213 1.00 96.32  ? 13  DC  D OP2   1 
ATOM   779 O  "O5'" . DC  D 4 13 ? -15.931 0.434   -10.586 1.00 75.60  ? 13  DC  D "O5'" 1 
ATOM   780 C  "C5'" . DC  D 4 13 ? -15.649 -0.399  -9.462  1.00 79.01  ? 13  DC  D "C5'" 1 
ATOM   781 C  "C4'" . DC  D 4 13 ? -16.691 -0.215  -8.370  1.00 83.39  ? 13  DC  D "C4'" 1 
ATOM   782 O  "O4'" . DC  D 4 13 ? -16.025 -0.010  -7.099  1.00 85.23  ? 13  DC  D "O4'" 1 
ATOM   783 C  "C3'" . DC  D 4 13 ? -17.586 0.998   -8.526  1.00 85.59  ? 13  DC  D "C3'" 1 
ATOM   784 O  "O3'" . DC  D 4 13 ? -18.788 0.806   -7.782  1.00 85.83  ? 13  DC  D "O3'" 1 
ATOM   785 C  "C2'" . DC  D 4 13 ? -16.724 2.095   -7.915  1.00 86.54  ? 13  DC  D "C2'" 1 
ATOM   786 C  "C1'" . DC  D 4 13 ? -16.079 1.364   -6.743  1.00 80.72  ? 13  DC  D "C1'" 1 
ATOM   787 N  N1    . DC  D 4 13 ? -14.695 1.817   -6.460  1.00 79.10  ? 13  DC  D N1    1 
ATOM   788 C  C2    . DC  D 4 13 ? -14.285 2.011   -5.137  1.00 86.64  ? 13  DC  D C2    1 
ATOM   789 O  O2    . DC  D 4 13 ? -15.089 1.809   -4.220  1.00 89.37  ? 13  DC  D O2    1 
ATOM   790 N  N3    . DC  D 4 13 ? -13.013 2.418   -4.898  1.00 86.11  ? 13  DC  D N3    1 
ATOM   791 C  C4    . DC  D 4 13 ? -12.177 2.626   -5.917  1.00 85.73  ? 13  DC  D C4    1 
ATOM   792 N  N4    . DC  D 4 13 ? -10.932 3.027   -5.634  1.00 89.38  ? 13  DC  D N4    1 
ATOM   793 C  C5    . DC  D 4 13 ? -12.580 2.433   -7.270  1.00 85.97  ? 13  DC  D C5    1 
ATOM   794 C  C6    . DC  D 4 13 ? -13.834 2.030   -7.493  1.00 82.56  ? 13  DC  D C6    1 
ATOM   795 P  P     . DT  D 4 14 ? -19.815 2.021   -7.561  1.00 95.77  ? 14  DT  D P     1 
ATOM   796 O  OP1   . DT  D 4 14 ? -21.156 1.428   -7.355  1.00 95.06  ? 14  DT  D OP1   1 
ATOM   797 O  OP2   . DT  D 4 14 ? -19.610 3.000   -8.653  1.00 91.84  ? 14  DT  D OP2   1 
ATOM   798 O  "O5'" . DT  D 4 14 ? -19.337 2.692   -6.187  1.00 92.73  ? 14  DT  D "O5'" 1 
ATOM   799 C  "C5'" . DT  D 4 14 ? -19.507 1.993   -4.954  1.00 86.45  ? 14  DT  D "C5'" 1 
ATOM   800 C  "C4'" . DT  D 4 14 ? -19.441 2.942   -3.765  1.00 92.19  ? 14  DT  D "C4'" 1 
ATOM   801 O  "O4'" . DT  D 4 14 ? -18.064 3.329   -3.511  1.00 93.68  ? 14  DT  D "O4'" 1 
ATOM   802 C  "C3'" . DT  D 4 14 ? -20.215 4.244   -3.930  1.00 99.06  ? 14  DT  D "C3'" 1 
ATOM   803 O  "O3'" . DT  D 4 14 ? -20.754 4.631   -2.681  1.00 100.08 ? 14  DT  D "O3'" 1 
ATOM   804 C  "C2'" . DT  D 4 14 ? -19.134 5.218   -4.391  1.00 104.25 ? 14  DT  D "C2'" 1 
ATOM   805 C  "C1'" . DT  D 4 14 ? -17.941 4.737   -3.580  1.00 95.65  ? 14  DT  D "C1'" 1 
ATOM   806 N  N1    . DT  D 4 14 ? -16.626 5.046   -4.199  1.00 89.04  ? 14  DT  D N1    1 
ATOM   807 C  C2    . DT  D 4 14 ? -15.544 5.287   -3.386  1.00 91.49  ? 14  DT  D C2    1 
ATOM   808 O  O2    . DT  D 4 14 ? -15.608 5.280   -2.167  1.00 92.18  ? 14  DT  D O2    1 
ATOM   809 N  N3    . DT  D 4 14 ? -14.376 5.544   -4.051  1.00 91.89  ? 14  DT  D N3    1 
ATOM   810 C  C4    . DT  D 4 14 ? -14.184 5.578   -5.419  1.00 87.05  ? 14  DT  D C4    1 
ATOM   811 O  O4    . DT  D 4 14 ? -13.092 5.819   -5.921  1.00 89.96  ? 14  DT  D O4    1 
ATOM   812 C  C5    . DT  D 4 14 ? -15.357 5.313   -6.214  1.00 87.32  ? 14  DT  D C5    1 
ATOM   813 C  C7    . DT  D 4 14 ? -15.271 5.326   -7.712  1.00 90.36  ? 14  DT  D C7    1 
ATOM   814 C  C6    . DT  D 4 14 ? -16.508 5.060   -5.573  1.00 87.52  ? 14  DT  D C6    1 
ATOM   815 P  P     . DG  D 4 15 ? -22.335 4.859   -2.515  1.00 104.29 ? 15  DG  D P     1 
ATOM   816 O  OP1   . DG  D 4 15 ? -22.880 3.700   -1.773  1.00 110.21 ? 15  DG  D OP1   1 
ATOM   817 O  OP2   . DG  D 4 15 ? -22.883 5.198   -3.850  1.00 100.41 ? 15  DG  D OP2   1 
ATOM   818 O  "O5'" . DG  D 4 15 ? -22.427 6.135   -1.553  1.00 107.78 ? 15  DG  D "O5'" 1 
ATOM   819 C  "C5'" . DG  D 4 15 ? -21.743 6.137   -0.301  1.00 99.65  ? 15  DG  D "C5'" 1 
ATOM   820 C  "C4'" . DG  D 4 15 ? -20.995 7.445   -0.098  1.00 100.31 ? 15  DG  D "C4'" 1 
ATOM   821 O  "O4'" . DG  D 4 15 ? -19.722 7.379   -0.764  1.00 101.75 ? 15  DG  D "O4'" 1 
ATOM   822 C  "C3'" . DG  D 4 15 ? -21.684 8.667   -0.681  1.00 101.82 ? 15  DG  D "C3'" 1 
ATOM   823 O  "O3'" . DG  D 4 15 ? -22.537 9.324   0.303   1.00 109.13 ? 15  DG  D "O3'" 1 
ATOM   824 C  "C2'" . DG  D 4 15 ? -20.533 9.567   -1.164  1.00 101.74 ? 15  DG  D "C2'" 1 
ATOM   825 C  "C1'" . DG  D 4 15 ? -19.283 8.686   -1.041  1.00 100.26 ? 15  DG  D "C1'" 1 
ATOM   826 N  N9    . DG  D 4 15 ? -18.490 8.647   -2.266  1.00 97.30  ? 15  DG  D N9    1 
ATOM   827 C  C8    . DG  D 4 15 ? -18.966 8.489   -3.543  1.00 97.57  ? 15  DG  D C8    1 
ATOM   828 N  N7    . DG  D 4 15 ? -18.031 8.489   -4.451  1.00 95.10  ? 15  DG  D N7    1 
ATOM   829 C  C5    . DG  D 4 15 ? -16.858 8.663   -3.731  1.00 95.87  ? 15  DG  D C5    1 
ATOM   830 C  C6    . DG  D 4 15 ? -15.521 8.743   -4.181  1.00 94.04  ? 15  DG  D C6    1 
ATOM   831 O  O6    . DG  D 4 15 ? -15.100 8.673   -5.345  1.00 97.28  ? 15  DG  D O6    1 
ATOM   832 N  N1    . DG  D 4 15 ? -14.630 8.923   -3.127  1.00 93.79  ? 15  DG  D N1    1 
ATOM   833 C  C2    . DG  D 4 15 ? -14.988 9.014   -1.802  1.00 97.27  ? 15  DG  D C2    1 
ATOM   834 N  N2    . DG  D 4 15 ? -13.984 9.187   -0.928  1.00 100.68 ? 15  DG  D N2    1 
ATOM   835 N  N3    . DG  D 4 15 ? -16.240 8.940   -1.364  1.00 95.99  ? 15  DG  D N3    1 
ATOM   836 C  C4    . DG  D 4 15 ? -17.121 8.765   -2.381  1.00 96.63  ? 15  DG  D C4    1 
ATOM   837 P  P     . DC  D 4 16 ? -22.075 9.600   1.826   1.00 116.93 ? 16  DC  D P     1 
ATOM   838 O  OP1   . DC  D 4 16 ? -21.931 8.333   2.578   1.00 113.85 ? 16  DC  D OP1   1 
ATOM   839 O  OP2   . DC  D 4 16 ? -23.024 10.609  2.343   1.00 112.04 ? 16  DC  D OP2   1 
ATOM   840 O  "O5'" . DC  D 4 16 ? -20.666 10.346  1.707   1.00 120.31 ? 16  DC  D "O5'" 1 
ATOM   841 C  "C5'" . DC  D 4 16 ? -20.625 11.767  1.548   1.00 120.33 ? 16  DC  D "C5'" 1 
ATOM   842 C  "C4'" . DC  D 4 16 ? -19.193 12.262  1.426   1.00 122.22 ? 16  DC  D "C4'" 1 
ATOM   843 O  "O4'" . DC  D 4 16 ? -18.602 11.746  0.220   1.00 113.66 ? 16  DC  D "O4'" 1 
ATOM   844 C  "C3'" . DC  D 4 16 ? -19.048 13.780  1.325   1.00 116.63 ? 16  DC  D "C3'" 1 
ATOM   845 O  "O3'" . DC  D 4 16 ? -18.692 14.323  2.592   1.00 115.31 ? 16  DC  D "O3'" 1 
ATOM   846 C  "C2'" . DC  D 4 16 ? -17.934 13.998  0.281   1.00 113.74 ? 16  DC  D "C2'" 1 
ATOM   847 C  "C1'" . DC  D 4 16 ? -17.530 12.580  -0.130  1.00 109.42 ? 16  DC  D "C1'" 1 
ATOM   848 N  N1    . DC  D 4 16 ? -17.262 12.432  -1.593  1.00 100.70 ? 16  DC  D N1    1 
ATOM   849 C  C2    . DC  D 4 16 ? -15.943 12.443  -2.057  1.00 100.39 ? 16  DC  D C2    1 
ATOM   850 O  O2    . DC  D 4 16 ? -15.020 12.574  -1.245  1.00 103.87 ? 16  DC  D O2    1 
ATOM   851 N  N3    . DC  D 4 16 ? -15.713 12.308  -3.387  1.00 95.59  ? 16  DC  D N3    1 
ATOM   852 C  C4    . DC  D 4 16 ? -16.737 12.170  -4.229  1.00 92.10  ? 16  DC  D C4    1 
ATOM   853 N  N4    . DC  D 4 16 ? -16.462 12.039  -5.531  1.00 90.34  ? 16  DC  D N4    1 
ATOM   854 C  C5    . DC  D 4 16 ? -18.088 12.158  -3.776  1.00 92.15  ? 16  DC  D C5    1 
ATOM   855 C  C6    . DC  D 4 16 ? -18.302 12.292  -2.463  1.00 97.99  ? 16  DC  D C6    1 
HETATM 856 AS AS    . CAC E 5 .  ? 7.300   -10.828 0.451   1.00 167.96 ? 101 CAC C AS    1 
HETATM 857 AS AS    . CAC F 5 .  ? -3.866  -1.749  -2.645  1.00 204.45 ? 101 CAC D AS    1 
# 
loop_
_pdbx_poly_seq_scheme.asym_id 
_pdbx_poly_seq_scheme.entity_id 
_pdbx_poly_seq_scheme.seq_id 
_pdbx_poly_seq_scheme.mon_id 
_pdbx_poly_seq_scheme.ndb_seq_num 
_pdbx_poly_seq_scheme.pdb_seq_num 
_pdbx_poly_seq_scheme.auth_seq_num 
_pdbx_poly_seq_scheme.pdb_mon_id 
_pdbx_poly_seq_scheme.auth_mon_id 
_pdbx_poly_seq_scheme.pdb_strand_id 
_pdbx_poly_seq_scheme.pdb_ins_code 
_pdbx_poly_seq_scheme.hetero 
A 1 1  DG 1  1  1  DG DG A . n 
A 1 2  DA 2  2  2  DA DA A . n 
A 1 3  DG 3  3  3  DG DG A . n 
A 1 4  DC 4  4  4  DC DC A . n 
A 1 5  DA 5  5  5  DA DA A . n 
A 1 6  DG 6  6  6  DG DG A . n 
A 1 7  DA 7  7  7  DA DA A . n 
A 1 8  DC 8  8  8  DC DC A . n 
A 1 9  DC 9  9  9  DC DC A . n 
A 1 10 DA 10 10 10 DA DA A . n 
A 1 11 DG 11 11 11 DG DG A . n 
B 2 1  DA 1  12 12 DA DA B . n 
B 2 2  DC 2  13 13 DC DC B . n 
B 2 3  DT 3  14 14 DT DT B . n 
B 2 4  DC 4  15 15 DC DC B . n 
B 2 5  DC 5  16 16 DC DC B . n 
B 2 6  DA 6  17 17 DA DA B . n 
B 2 7  DC 7  18 18 DC DC B . n 
B 2 8  DT 8  19 19 DT DT B . n 
B 2 9  DC 9  20 20 DC DC B . n 
B 2 10 DA 10 21 21 DA DA B . n 
C 3 1  DC 1  1  1  DC DC C . n 
C 3 2  DT 2  2  2  DT DT C . n 
C 3 3  DA 3  3  3  DA DA C . n 
C 3 4  DG 4  4  4  DG DG C . n 
C 3 5  DT 5  5  5  DT DT C . n 
D 4 1  DT 1  1  1  DT DT D . n 
D 4 2  DC 2  2  2  DC DC D . n 
D 4 3  DT 3  3  3  DT DT D . n 
D 4 4  DG 4  4  4  DG DG D . n 
D 4 5  DA 5  5  5  DA DA D . n 
D 4 6  DG 6  6  6  DG DG D . n 
D 4 7  DT 7  7  7  DT DT D . n 
D 4 8  DG 8  8  8  DG DG D . n 
D 4 9  DG 9  9  9  DG DG D . n 
D 4 10 DG 10 10 10 DG DG D . n 
D 4 11 DG 11 11 11 DG DG D . n 
D 4 12 DT 12 12 12 DT DT D . n 
D 4 13 DC 13 13 13 DC DC D . n 
D 4 14 DT 14 14 14 DT DT D . n 
D 4 15 DG 15 15 15 DG DG D . n 
D 4 16 DC 16 16 16 DC DC D . n 
# 
loop_
_pdbx_nonpoly_scheme.asym_id 
_pdbx_nonpoly_scheme.entity_id 
_pdbx_nonpoly_scheme.mon_id 
_pdbx_nonpoly_scheme.ndb_seq_num 
_pdbx_nonpoly_scheme.pdb_seq_num 
_pdbx_nonpoly_scheme.auth_seq_num 
_pdbx_nonpoly_scheme.pdb_mon_id 
_pdbx_nonpoly_scheme.auth_mon_id 
_pdbx_nonpoly_scheme.pdb_strand_id 
_pdbx_nonpoly_scheme.pdb_ins_code 
E 5 CAC 1 101 2 CAC AS C . 
F 5 CAC 1 101 1 CAC AS D . 
# 
_pdbx_struct_assembly.id                   1 
_pdbx_struct_assembly.details              author_and_software_defined_assembly 
_pdbx_struct_assembly.method_details       PISA 
_pdbx_struct_assembly.oligomeric_details   tetrameric 
_pdbx_struct_assembly.oligomeric_count     4 
# 
_pdbx_struct_assembly_gen.assembly_id       1 
_pdbx_struct_assembly_gen.oper_expression   1 
_pdbx_struct_assembly_gen.asym_id_list      A,B,C,D,E,F 
# 
loop_
_pdbx_struct_assembly_prop.biol_id 
_pdbx_struct_assembly_prop.type 
_pdbx_struct_assembly_prop.value 
_pdbx_struct_assembly_prop.details 
1 'ABSA (A^2)' 2710 ? 
1 MORE         -14  ? 
1 'SSA (A^2)'  7750 ? 
# 
_pdbx_struct_oper_list.id                   1 
_pdbx_struct_oper_list.type                 'identity operation' 
_pdbx_struct_oper_list.name                 1_555 
_pdbx_struct_oper_list.symmetry_operation   x,y,z 
_pdbx_struct_oper_list.matrix[1][1]         1.0000000000 
_pdbx_struct_oper_list.matrix[1][2]         0.0000000000 
_pdbx_struct_oper_list.matrix[1][3]         0.0000000000 
_pdbx_struct_oper_list.vector[1]            0.0000000000 
_pdbx_struct_oper_list.matrix[2][1]         0.0000000000 
_pdbx_struct_oper_list.matrix[2][2]         1.0000000000 
_pdbx_struct_oper_list.matrix[2][3]         0.0000000000 
_pdbx_struct_oper_list.vector[2]            0.0000000000 
_pdbx_struct_oper_list.matrix[3][1]         0.0000000000 
_pdbx_struct_oper_list.matrix[3][2]         0.0000000000 
_pdbx_struct_oper_list.matrix[3][3]         1.0000000000 
_pdbx_struct_oper_list.vector[3]            0.0000000000 
# 
loop_
_pdbx_audit_revision_history.ordinal 
_pdbx_audit_revision_history.data_content_type 
_pdbx_audit_revision_history.major_revision 
_pdbx_audit_revision_history.minor_revision 
_pdbx_audit_revision_history.revision_date 
1 'Structure model' 1 0 2021-07-14 
2 'Structure model' 1 1 2022-07-06 
3 'Structure model' 1 2 2023-10-18 
# 
_pdbx_audit_revision_details.ordinal             1 
_pdbx_audit_revision_details.revision_ordinal    1 
_pdbx_audit_revision_details.data_content_type   'Structure model' 
_pdbx_audit_revision_details.provider            repository 
_pdbx_audit_revision_details.type                'Initial release' 
_pdbx_audit_revision_details.description         ? 
_pdbx_audit_revision_details.details             ? 
# 
loop_
_pdbx_audit_revision_group.ordinal 
_pdbx_audit_revision_group.revision_ordinal 
_pdbx_audit_revision_group.data_content_type 
_pdbx_audit_revision_group.group 
1 2 'Structure model' 'Database references'    
2 3 'Structure model' 'Data collection'        
3 3 'Structure model' 'Refinement description' 
# 
loop_
_pdbx_audit_revision_category.ordinal 
_pdbx_audit_revision_category.revision_ordinal 
_pdbx_audit_revision_category.data_content_type 
_pdbx_audit_revision_category.category 
1 2 'Structure model' citation                      
2 2 'Structure model' citation_author               
3 2 'Structure model' database_2                    
4 3 'Structure model' chem_comp_atom                
5 3 'Structure model' chem_comp_bond                
6 3 'Structure model' pdbx_initial_refinement_model 
# 
loop_
_pdbx_audit_revision_item.ordinal 
_pdbx_audit_revision_item.revision_ordinal 
_pdbx_audit_revision_item.data_content_type 
_pdbx_audit_revision_item.item 
1  2 'Structure model' '_citation.country'                   
2  2 'Structure model' '_citation.journal_abbrev'            
3  2 'Structure model' '_citation.journal_id_CSD'            
4  2 'Structure model' '_citation.journal_id_ISSN'           
5  2 'Structure model' '_citation.journal_volume'            
6  2 'Structure model' '_citation.page_first'                
7  2 'Structure model' '_citation.page_last'                 
8  2 'Structure model' '_citation.pdbx_database_id_DOI'      
9  2 'Structure model' '_citation.pdbx_database_id_PubMed'   
10 2 'Structure model' '_citation.title'                     
11 2 'Structure model' '_citation.year'                      
12 2 'Structure model' '_database_2.pdbx_DOI'                
13 2 'Structure model' '_database_2.pdbx_database_accession' 
# 
loop_
_software.citation_id 
_software.classification 
_software.compiler_name 
_software.compiler_version 
_software.contact_author 
_software.contact_author_email 
_software.date 
_software.description 
_software.dependencies 
_software.hardware 
_software.language 
_software.location 
_software.mods 
_software.name 
_software.os 
_software.os_version 
_software.type 
_software.version 
_software.pdbx_ordinal 
? 'data reduction'  ? ? ? ? ? ? ? ? ? ? ? HKL-2000    ? ? ? .           1 
? 'data scaling'    ? ? ? ? ? ? ? ? ? ? ? HKL-2000    ? ? ? .           2 
? refinement        ? ? ? ? ? ? ? ? ? ? ? PHENIX      ? ? ? 1.11.1_2575 3 
? 'data extraction' ? ? ? ? ? ? ? ? ? ? ? PDB_EXTRACT ? ? ? 3.25        4 
? phasing           ? ? ? ? ? ? ? ? ? ? ? PHASER      ? ? ? .           5 
# 
_pdbx_entry_details.entry_id                 6XFW 
_pdbx_entry_details.has_ligand_of_interest   N 
_pdbx_entry_details.compound_details         ? 
_pdbx_entry_details.source_details           ? 
_pdbx_entry_details.nonpolymer_details       ? 
_pdbx_entry_details.sequence_details         ? 
# 
loop_
_pdbx_unobs_or_zero_occ_atoms.id 
_pdbx_unobs_or_zero_occ_atoms.PDB_model_num 
_pdbx_unobs_or_zero_occ_atoms.polymer_flag 
_pdbx_unobs_or_zero_occ_atoms.occupancy_flag 
_pdbx_unobs_or_zero_occ_atoms.auth_asym_id 
_pdbx_unobs_or_zero_occ_atoms.auth_comp_id 
_pdbx_unobs_or_zero_occ_atoms.auth_seq_id 
_pdbx_unobs_or_zero_occ_atoms.PDB_ins_code 
_pdbx_unobs_or_zero_occ_atoms.auth_atom_id 
_pdbx_unobs_or_zero_occ_atoms.label_alt_id 
_pdbx_unobs_or_zero_occ_atoms.label_asym_id 
_pdbx_unobs_or_zero_occ_atoms.label_comp_id 
_pdbx_unobs_or_zero_occ_atoms.label_seq_id 
_pdbx_unobs_or_zero_occ_atoms.label_atom_id 
1 1 N 1 C CAC 101 ? O1 ? E CAC 1 O1 
2 1 N 1 C CAC 101 ? O2 ? E CAC 1 O2 
3 1 N 1 C CAC 101 ? C1 ? E CAC 1 C1 
4 1 N 1 C CAC 101 ? C2 ? E CAC 1 C2 
5 1 N 1 D CAC 101 ? O1 ? F CAC 1 O1 
6 1 N 1 D CAC 101 ? O2 ? F CAC 1 O2 
7 1 N 1 D CAC 101 ? C1 ? F CAC 1 C1 
8 1 N 1 D CAC 101 ? C2 ? F CAC 1 C2 
# 
loop_
_chem_comp_atom.comp_id 
_chem_comp_atom.atom_id 
_chem_comp_atom.type_symbol 
_chem_comp_atom.pdbx_aromatic_flag 
_chem_comp_atom.pdbx_stereo_config 
_chem_comp_atom.pdbx_ordinal 
CAC AS     AS N N 1   
CAC O1     O  N N 2   
CAC O2     O  N N 3   
CAC C1     C  N N 4   
CAC C2     C  N N 5   
CAC H11    H  N N 6   
CAC H12    H  N N 7   
CAC H13    H  N N 8   
CAC H21    H  N N 9   
CAC H22    H  N N 10  
CAC H23    H  N N 11  
DA  OP3    O  N N 12  
DA  P      P  N N 13  
DA  OP1    O  N N 14  
DA  OP2    O  N N 15  
DA  "O5'"  O  N N 16  
DA  "C5'"  C  N N 17  
DA  "C4'"  C  N R 18  
DA  "O4'"  O  N N 19  
DA  "C3'"  C  N S 20  
DA  "O3'"  O  N N 21  
DA  "C2'"  C  N N 22  
DA  "C1'"  C  N R 23  
DA  N9     N  Y N 24  
DA  C8     C  Y N 25  
DA  N7     N  Y N 26  
DA  C5     C  Y N 27  
DA  C6     C  Y N 28  
DA  N6     N  N N 29  
DA  N1     N  Y N 30  
DA  C2     C  Y N 31  
DA  N3     N  Y N 32  
DA  C4     C  Y N 33  
DA  HOP3   H  N N 34  
DA  HOP2   H  N N 35  
DA  "H5'"  H  N N 36  
DA  "H5''" H  N N 37  
DA  "H4'"  H  N N 38  
DA  "H3'"  H  N N 39  
DA  "HO3'" H  N N 40  
DA  "H2'"  H  N N 41  
DA  "H2''" H  N N 42  
DA  "H1'"  H  N N 43  
DA  H8     H  N N 44  
DA  H61    H  N N 45  
DA  H62    H  N N 46  
DA  H2     H  N N 47  
DC  OP3    O  N N 48  
DC  P      P  N N 49  
DC  OP1    O  N N 50  
DC  OP2    O  N N 51  
DC  "O5'"  O  N N 52  
DC  "C5'"  C  N N 53  
DC  "C4'"  C  N R 54  
DC  "O4'"  O  N N 55  
DC  "C3'"  C  N S 56  
DC  "O3'"  O  N N 57  
DC  "C2'"  C  N N 58  
DC  "C1'"  C  N R 59  
DC  N1     N  N N 60  
DC  C2     C  N N 61  
DC  O2     O  N N 62  
DC  N3     N  N N 63  
DC  C4     C  N N 64  
DC  N4     N  N N 65  
DC  C5     C  N N 66  
DC  C6     C  N N 67  
DC  HOP3   H  N N 68  
DC  HOP2   H  N N 69  
DC  "H5'"  H  N N 70  
DC  "H5''" H  N N 71  
DC  "H4'"  H  N N 72  
DC  "H3'"  H  N N 73  
DC  "HO3'" H  N N 74  
DC  "H2'"  H  N N 75  
DC  "H2''" H  N N 76  
DC  "H1'"  H  N N 77  
DC  H41    H  N N 78  
DC  H42    H  N N 79  
DC  H5     H  N N 80  
DC  H6     H  N N 81  
DG  OP3    O  N N 82  
DG  P      P  N N 83  
DG  OP1    O  N N 84  
DG  OP2    O  N N 85  
DG  "O5'"  O  N N 86  
DG  "C5'"  C  N N 87  
DG  "C4'"  C  N R 88  
DG  "O4'"  O  N N 89  
DG  "C3'"  C  N S 90  
DG  "O3'"  O  N N 91  
DG  "C2'"  C  N N 92  
DG  "C1'"  C  N R 93  
DG  N9     N  Y N 94  
DG  C8     C  Y N 95  
DG  N7     N  Y N 96  
DG  C5     C  Y N 97  
DG  C6     C  N N 98  
DG  O6     O  N N 99  
DG  N1     N  N N 100 
DG  C2     C  N N 101 
DG  N2     N  N N 102 
DG  N3     N  N N 103 
DG  C4     C  Y N 104 
DG  HOP3   H  N N 105 
DG  HOP2   H  N N 106 
DG  "H5'"  H  N N 107 
DG  "H5''" H  N N 108 
DG  "H4'"  H  N N 109 
DG  "H3'"  H  N N 110 
DG  "HO3'" H  N N 111 
DG  "H2'"  H  N N 112 
DG  "H2''" H  N N 113 
DG  "H1'"  H  N N 114 
DG  H8     H  N N 115 
DG  H1     H  N N 116 
DG  H21    H  N N 117 
DG  H22    H  N N 118 
DT  OP3    O  N N 119 
DT  P      P  N N 120 
DT  OP1    O  N N 121 
DT  OP2    O  N N 122 
DT  "O5'"  O  N N 123 
DT  "C5'"  C  N N 124 
DT  "C4'"  C  N R 125 
DT  "O4'"  O  N N 126 
DT  "C3'"  C  N S 127 
DT  "O3'"  O  N N 128 
DT  "C2'"  C  N N 129 
DT  "C1'"  C  N R 130 
DT  N1     N  N N 131 
DT  C2     C  N N 132 
DT  O2     O  N N 133 
DT  N3     N  N N 134 
DT  C4     C  N N 135 
DT  O4     O  N N 136 
DT  C5     C  N N 137 
DT  C7     C  N N 138 
DT  C6     C  N N 139 
DT  HOP3   H  N N 140 
DT  HOP2   H  N N 141 
DT  "H5'"  H  N N 142 
DT  "H5''" H  N N 143 
DT  "H4'"  H  N N 144 
DT  "H3'"  H  N N 145 
DT  "HO3'" H  N N 146 
DT  "H2'"  H  N N 147 
DT  "H2''" H  N N 148 
DT  "H1'"  H  N N 149 
DT  H3     H  N N 150 
DT  H71    H  N N 151 
DT  H72    H  N N 152 
DT  H73    H  N N 153 
DT  H6     H  N N 154 
# 
loop_
_chem_comp_bond.comp_id 
_chem_comp_bond.atom_id_1 
_chem_comp_bond.atom_id_2 
_chem_comp_bond.value_order 
_chem_comp_bond.pdbx_aromatic_flag 
_chem_comp_bond.pdbx_stereo_config 
_chem_comp_bond.pdbx_ordinal 
CAC AS    O1     doub N N 1   
CAC AS    O2     sing N N 2   
CAC AS    C1     sing N N 3   
CAC AS    C2     sing N N 4   
CAC C1    H11    sing N N 5   
CAC C1    H12    sing N N 6   
CAC C1    H13    sing N N 7   
CAC C2    H21    sing N N 8   
CAC C2    H22    sing N N 9   
CAC C2    H23    sing N N 10  
DA  OP3   P      sing N N 11  
DA  OP3   HOP3   sing N N 12  
DA  P     OP1    doub N N 13  
DA  P     OP2    sing N N 14  
DA  P     "O5'"  sing N N 15  
DA  OP2   HOP2   sing N N 16  
DA  "O5'" "C5'"  sing N N 17  
DA  "C5'" "C4'"  sing N N 18  
DA  "C5'" "H5'"  sing N N 19  
DA  "C5'" "H5''" sing N N 20  
DA  "C4'" "O4'"  sing N N 21  
DA  "C4'" "C3'"  sing N N 22  
DA  "C4'" "H4'"  sing N N 23  
DA  "O4'" "C1'"  sing N N 24  
DA  "C3'" "O3'"  sing N N 25  
DA  "C3'" "C2'"  sing N N 26  
DA  "C3'" "H3'"  sing N N 27  
DA  "O3'" "HO3'" sing N N 28  
DA  "C2'" "C1'"  sing N N 29  
DA  "C2'" "H2'"  sing N N 30  
DA  "C2'" "H2''" sing N N 31  
DA  "C1'" N9     sing N N 32  
DA  "C1'" "H1'"  sing N N 33  
DA  N9    C8     sing Y N 34  
DA  N9    C4     sing Y N 35  
DA  C8    N7     doub Y N 36  
DA  C8    H8     sing N N 37  
DA  N7    C5     sing Y N 38  
DA  C5    C6     sing Y N 39  
DA  C5    C4     doub Y N 40  
DA  C6    N6     sing N N 41  
DA  C6    N1     doub Y N 42  
DA  N6    H61    sing N N 43  
DA  N6    H62    sing N N 44  
DA  N1    C2     sing Y N 45  
DA  C2    N3     doub Y N 46  
DA  C2    H2     sing N N 47  
DA  N3    C4     sing Y N 48  
DC  OP3   P      sing N N 49  
DC  OP3   HOP3   sing N N 50  
DC  P     OP1    doub N N 51  
DC  P     OP2    sing N N 52  
DC  P     "O5'"  sing N N 53  
DC  OP2   HOP2   sing N N 54  
DC  "O5'" "C5'"  sing N N 55  
DC  "C5'" "C4'"  sing N N 56  
DC  "C5'" "H5'"  sing N N 57  
DC  "C5'" "H5''" sing N N 58  
DC  "C4'" "O4'"  sing N N 59  
DC  "C4'" "C3'"  sing N N 60  
DC  "C4'" "H4'"  sing N N 61  
DC  "O4'" "C1'"  sing N N 62  
DC  "C3'" "O3'"  sing N N 63  
DC  "C3'" "C2'"  sing N N 64  
DC  "C3'" "H3'"  sing N N 65  
DC  "O3'" "HO3'" sing N N 66  
DC  "C2'" "C1'"  sing N N 67  
DC  "C2'" "H2'"  sing N N 68  
DC  "C2'" "H2''" sing N N 69  
DC  "C1'" N1     sing N N 70  
DC  "C1'" "H1'"  sing N N 71  
DC  N1    C2     sing N N 72  
DC  N1    C6     sing N N 73  
DC  C2    O2     doub N N 74  
DC  C2    N3     sing N N 75  
DC  N3    C4     doub N N 76  
DC  C4    N4     sing N N 77  
DC  C4    C5     sing N N 78  
DC  N4    H41    sing N N 79  
DC  N4    H42    sing N N 80  
DC  C5    C6     doub N N 81  
DC  C5    H5     sing N N 82  
DC  C6    H6     sing N N 83  
DG  OP3   P      sing N N 84  
DG  OP3   HOP3   sing N N 85  
DG  P     OP1    doub N N 86  
DG  P     OP2    sing N N 87  
DG  P     "O5'"  sing N N 88  
DG  OP2   HOP2   sing N N 89  
DG  "O5'" "C5'"  sing N N 90  
DG  "C5'" "C4'"  sing N N 91  
DG  "C5'" "H5'"  sing N N 92  
DG  "C5'" "H5''" sing N N 93  
DG  "C4'" "O4'"  sing N N 94  
DG  "C4'" "C3'"  sing N N 95  
DG  "C4'" "H4'"  sing N N 96  
DG  "O4'" "C1'"  sing N N 97  
DG  "C3'" "O3'"  sing N N 98  
DG  "C3'" "C2'"  sing N N 99  
DG  "C3'" "H3'"  sing N N 100 
DG  "O3'" "HO3'" sing N N 101 
DG  "C2'" "C1'"  sing N N 102 
DG  "C2'" "H2'"  sing N N 103 
DG  "C2'" "H2''" sing N N 104 
DG  "C1'" N9     sing N N 105 
DG  "C1'" "H1'"  sing N N 106 
DG  N9    C8     sing Y N 107 
DG  N9    C4     sing Y N 108 
DG  C8    N7     doub Y N 109 
DG  C8    H8     sing N N 110 
DG  N7    C5     sing Y N 111 
DG  C5    C6     sing N N 112 
DG  C5    C4     doub Y N 113 
DG  C6    O6     doub N N 114 
DG  C6    N1     sing N N 115 
DG  N1    C2     sing N N 116 
DG  N1    H1     sing N N 117 
DG  C2    N2     sing N N 118 
DG  C2    N3     doub N N 119 
DG  N2    H21    sing N N 120 
DG  N2    H22    sing N N 121 
DG  N3    C4     sing N N 122 
DT  OP3   P      sing N N 123 
DT  OP3   HOP3   sing N N 124 
DT  P     OP1    doub N N 125 
DT  P     OP2    sing N N 126 
DT  P     "O5'"  sing N N 127 
DT  OP2   HOP2   sing N N 128 
DT  "O5'" "C5'"  sing N N 129 
DT  "C5'" "C4'"  sing N N 130 
DT  "C5'" "H5'"  sing N N 131 
DT  "C5'" "H5''" sing N N 132 
DT  "C4'" "O4'"  sing N N 133 
DT  "C4'" "C3'"  sing N N 134 
DT  "C4'" "H4'"  sing N N 135 
DT  "O4'" "C1'"  sing N N 136 
DT  "C3'" "O3'"  sing N N 137 
DT  "C3'" "C2'"  sing N N 138 
DT  "C3'" "H3'"  sing N N 139 
DT  "O3'" "HO3'" sing N N 140 
DT  "C2'" "C1'"  sing N N 141 
DT  "C2'" "H2'"  sing N N 142 
DT  "C2'" "H2''" sing N N 143 
DT  "C1'" N1     sing N N 144 
DT  "C1'" "H1'"  sing N N 145 
DT  N1    C2     sing N N 146 
DT  N1    C6     sing N N 147 
DT  C2    O2     doub N N 148 
DT  C2    N3     sing N N 149 
DT  N3    C4     sing N N 150 
DT  N3    H3     sing N N 151 
DT  C4    O4     doub N N 152 
DT  C4    C5     sing N N 153 
DT  C5    C7     sing N N 154 
DT  C5    C6     doub N N 155 
DT  C7    H71    sing N N 156 
DT  C7    H72    sing N N 157 
DT  C7    H73    sing N N 158 
DT  C6    H6     sing N N 159 
# 
loop_
_ndb_struct_conf_na.entry_id 
_ndb_struct_conf_na.feature 
6XFW 'double helix'        
6XFW 'a-form double helix' 
6XFW 'b-form double helix' 
# 
loop_
_ndb_struct_na_base_pair.model_number 
_ndb_struct_na_base_pair.i_label_asym_id 
_ndb_struct_na_base_pair.i_label_comp_id 
_ndb_struct_na_base_pair.i_label_seq_id 
_ndb_struct_na_base_pair.i_symmetry 
_ndb_struct_na_base_pair.j_label_asym_id 
_ndb_struct_na_base_pair.j_label_comp_id 
_ndb_struct_na_base_pair.j_label_seq_id 
_ndb_struct_na_base_pair.j_symmetry 
_ndb_struct_na_base_pair.shear 
_ndb_struct_na_base_pair.stretch 
_ndb_struct_na_base_pair.stagger 
_ndb_struct_na_base_pair.buckle 
_ndb_struct_na_base_pair.propeller 
_ndb_struct_na_base_pair.opening 
_ndb_struct_na_base_pair.pair_number 
_ndb_struct_na_base_pair.pair_name 
_ndb_struct_na_base_pair.i_auth_asym_id 
_ndb_struct_na_base_pair.i_auth_seq_id 
_ndb_struct_na_base_pair.i_PDB_ins_code 
_ndb_struct_na_base_pair.j_auth_asym_id 
_ndb_struct_na_base_pair.j_auth_seq_id 
_ndb_struct_na_base_pair.j_PDB_ins_code 
_ndb_struct_na_base_pair.hbond_type_28 
_ndb_struct_na_base_pair.hbond_type_12 
1 A DG 3  1_555 D DC 16 1_555 0.254  -0.031 0.073  -6.213 -7.107  -0.667  1  A_DG3:DC16_D A 3  ? D 16 ? 19 1 
1 A DC 4  1_555 D DG 15 1_555 -0.966 0.476  -0.250 -5.498 -3.327  -1.296  2  A_DC4:DG15_D A 4  ? D 15 ? 19 1 
1 A DA 5  1_555 D DT 14 1_555 -0.147 0.002  -0.075 3.493  -4.974  8.474   3  A_DA5:DT14_D A 5  ? D 14 ? 20 1 
1 A DG 6  1_555 D DC 13 1_555 0.054  -0.163 0.105  6.049  -10.557 2.357   4  A_DG6:DC13_D A 6  ? D 13 ? 19 1 
1 A DA 7  1_555 D DT 12 1_555 -0.080 -0.336 0.016  -0.404 -13.050 -1.401  5  A_DA7:DT12_D A 7  ? D 12 ? 20 1 
1 A DC 8  1_555 D DG 11 1_555 0.272  -0.375 0.372  -2.123 -10.218 5.090   6  A_DC8:DG11_D A 8  ? D 11 ? 19 1 
1 A DC 9  1_555 D DG 10 1_555 0.058  -0.137 0.630  -5.546 -9.071  -2.864  7  A_DC9:DG10_D A 9  ? D 10 ? 19 1 
1 A DA 10 1_555 C DT 2  1_555 0.601  -0.268 0.291  -1.225 4.232   4.460   8  A_DA10:DT2_C A 10 ? C 2  ? 20 1 
1 A DG 11 1_555 C DC 1  1_555 0.212  0.141  0.018  14.396 3.312   -2.447  9  A_DG11:DC1_C A 11 ? C 1  ? 19 1 
1 B DA 1  1_555 C DT 5  1_555 0.592  -0.203 0.555  14.222 -13.817 -5.731  10 B_DA12:DT5_C B 12 ? C 5  ? 20 1 
1 B DC 2  1_555 C DG 4  1_555 0.230  -0.290 0.676  7.312  -22.919 1.390   11 B_DC13:DG4_C B 13 ? C 4  ? 19 1 
1 B DT 3  1_555 C DA 3  1_555 -1.347 -0.054 0.351  0.405  -17.367 -11.622 12 B_DT14:DA3_C B 14 ? C 3  ? 20 1 
1 B DC 4  1_555 D DG 9  1_555 -0.102 0.227  0.106  -2.971 -6.811  3.758   13 B_DC15:DG9_D B 15 ? D 9  ? 19 1 
1 B DC 5  1_555 D DG 8  1_555 -0.177 0.336  0.295  3.983  -6.455  4.759   14 B_DC16:DG8_D B 16 ? D 8  ? 19 1 
1 B DA 6  1_555 D DT 7  1_555 0.127  -0.388 0.486  9.059  -6.921  2.384   15 B_DA17:DT7_D B 17 ? D 7  ? 20 1 
1 B DC 7  1_555 D DG 6  1_555 -0.042 -0.002 0.034  5.032  -5.910  -6.859  16 B_DC18:DG6_D B 18 ? D 6  ? 19 1 
1 B DT 8  1_555 D DA 5  1_555 -0.085 -0.017 -0.021 4.456  -8.466  5.049   17 B_DT19:DA5_D B 19 ? D 5  ? 20 1 
1 B DC 9  1_555 D DG 4  1_555 0.712  0.189  0.158  7.152  -10.076 4.239   18 B_DC20:DG4_D B 20 ? D 4  ? 19 1 
1 B DA 10 1_555 D DT 3  1_555 0.651  -0.245 0.962  10.309 -13.966 4.012   19 B_DA21:DT3_D B 21 ? D 3  ? 20 1 
# 
loop_
_ndb_struct_na_base_pair_step.model_number 
_ndb_struct_na_base_pair_step.i_label_asym_id_1 
_ndb_struct_na_base_pair_step.i_label_comp_id_1 
_ndb_struct_na_base_pair_step.i_label_seq_id_1 
_ndb_struct_na_base_pair_step.i_symmetry_1 
_ndb_struct_na_base_pair_step.j_label_asym_id_1 
_ndb_struct_na_base_pair_step.j_label_comp_id_1 
_ndb_struct_na_base_pair_step.j_label_seq_id_1 
_ndb_struct_na_base_pair_step.j_symmetry_1 
_ndb_struct_na_base_pair_step.i_label_asym_id_2 
_ndb_struct_na_base_pair_step.i_label_comp_id_2 
_ndb_struct_na_base_pair_step.i_label_seq_id_2 
_ndb_struct_na_base_pair_step.i_symmetry_2 
_ndb_struct_na_base_pair_step.j_label_asym_id_2 
_ndb_struct_na_base_pair_step.j_label_comp_id_2 
_ndb_struct_na_base_pair_step.j_label_seq_id_2 
_ndb_struct_na_base_pair_step.j_symmetry_2 
_ndb_struct_na_base_pair_step.shift 
_ndb_struct_na_base_pair_step.slide 
_ndb_struct_na_base_pair_step.rise 
_ndb_struct_na_base_pair_step.tilt 
_ndb_struct_na_base_pair_step.roll 
_ndb_struct_na_base_pair_step.twist 
_ndb_struct_na_base_pair_step.x_displacement 
_ndb_struct_na_base_pair_step.y_displacement 
_ndb_struct_na_base_pair_step.helical_rise 
_ndb_struct_na_base_pair_step.inclination 
_ndb_struct_na_base_pair_step.tip 
_ndb_struct_na_base_pair_step.helical_twist 
_ndb_struct_na_base_pair_step.step_number 
_ndb_struct_na_base_pair_step.step_name 
_ndb_struct_na_base_pair_step.i_auth_asym_id_1 
_ndb_struct_na_base_pair_step.i_auth_seq_id_1 
_ndb_struct_na_base_pair_step.i_PDB_ins_code_1 
_ndb_struct_na_base_pair_step.j_auth_asym_id_1 
_ndb_struct_na_base_pair_step.j_auth_seq_id_1 
_ndb_struct_na_base_pair_step.j_PDB_ins_code_1 
_ndb_struct_na_base_pair_step.i_auth_asym_id_2 
_ndb_struct_na_base_pair_step.i_auth_seq_id_2 
_ndb_struct_na_base_pair_step.i_PDB_ins_code_2 
_ndb_struct_na_base_pair_step.j_auth_asym_id_2 
_ndb_struct_na_base_pair_step.j_auth_seq_id_2 
_ndb_struct_na_base_pair_step.j_PDB_ins_code_2 
1 A DG 3  1_555 D DC 16 1_555 A DC 4  1_555 D DG 15 1_555 -0.948 -0.614 3.204 -1.384 0.826  23.453 -1.780 1.867  3.230 2.028  
3.400  23.508 1  AA_DG3DC4:DG15DC16_DD A 3  ? D 16 ? A 4  ? D 15 ? 
1 A DC 4  1_555 D DG 15 1_555 A DA 5  1_555 D DT 14 1_555 0.167  1.063  3.277 -0.224 5.433  38.251 0.922  -0.280 3.390 8.239  
0.340  38.621 2  AA_DC4DA5:DT14DG15_DD A 4  ? D 15 ? A 5  ? D 14 ? 
1 A DA 5  1_555 D DT 14 1_555 A DG 6  1_555 D DC 13 1_555 0.005  -0.108 3.243 -1.613 0.583  31.586 -0.305 -0.305 3.237 1.070  
2.961  31.631 3  AA_DA5DG6:DC13DT14_DD A 5  ? D 14 ? A 6  ? D 13 ? 
1 A DG 6  1_555 D DC 13 1_555 A DA 7  1_555 D DT 12 1_555 0.331  -0.696 3.281 1.463  -1.448 37.798 -0.885 -0.322 3.314 -2.234 
-2.256 37.852 4  AA_DG6DA7:DT12DC13_DD A 6  ? D 13 ? A 7  ? D 12 ? 
1 A DA 7  1_555 D DT 12 1_555 A DC 8  1_555 D DG 11 1_555 0.921  -0.820 3.387 -5.184 0.048  35.172 -1.350 -2.277 3.222 0.079  
8.521  35.541 5  AA_DA7DC8:DG11DT12_DD A 7  ? D 12 ? A 8  ? D 11 ? 
1 A DC 8  1_555 D DG 11 1_555 A DC 9  1_555 D DG 10 1_555 -0.473 -1.682 3.228 -2.834 -2.056 32.126 -2.655 0.343  3.354 -3.702 
5.103  32.311 6  AA_DC8DC9:DG10DG11_DD A 8  ? D 11 ? A 9  ? D 10 ? 
1 A DC 9  1_555 D DG 10 1_555 A DA 10 1_555 C DT 2  1_555 -1.010 -1.064 2.848 0.088  5.323  31.914 -2.705 1.826  2.638 9.597  
-0.159 32.344 7  AA_DC9DA10:DT2DG10_CD A 9  ? D 10 ? A 10 ? C 2  ? 
1 A DA 10 1_555 C DT 2  1_555 A DG 11 1_555 C DC 1  1_555 -0.976 0.689  3.173 0.781  5.819  29.808 0.162  2.018  3.221 11.177 
-1.499 30.367 8  AA_DA10DG11:DC1DT2_CC A 10 ? C 2  ? A 11 ? C 1  ? 
1 B DA 1  1_555 C DT 5  1_555 B DC 2  1_555 C DG 4  1_555 0.972  -1.245 3.382 -0.832 -1.228 27.854 -2.279 -2.222 3.402 -2.548 
1.727  27.893 9  BB_DA12DC13:DG4DT5_CC B 12 ? C 5  ? B 13 ? C 4  ? 
1 B DC 2  1_555 C DG 4  1_555 B DT 3  1_555 C DA 3  1_555 -0.630 -1.266 3.292 -0.836 5.099  33.784 -2.947 0.942  3.088 8.710  
1.428  34.166 10 BB_DC13DT14:DA3DG4_CC B 13 ? C 4  ? B 14 ? C 3  ? 
1 B DT 3  1_555 C DA 3  1_555 B DC 4  1_555 D DG 9  1_555 -0.066 -0.598 3.265 -0.030 -1.605 34.451 -0.759 0.106  3.289 -2.708 
0.051  34.487 11 BB_DT14DC15:DG9DA3_DC B 14 ? C 3  ? B 15 ? D 9  ? 
1 B DC 4  1_555 D DG 9  1_555 B DC 5  1_555 D DG 8  1_555 -0.296 0.395  3.324 -0.011 3.882  33.024 0.026  0.516  3.348 6.799  
0.019  33.246 12 BB_DC15DC16:DG8DG9_DD B 15 ? D 9  ? B 16 ? D 8  ? 
1 B DC 5  1_555 D DG 8  1_555 B DA 6  1_555 D DT 7  1_555 0.172  1.023  3.180 -1.312 -0.470 44.319 1.397  -0.346 3.164 -0.623 
1.738  44.340 13 BB_DC16DA17:DT7DG8_DD B 16 ? D 8  ? B 17 ? D 7  ? 
1 B DA 6  1_555 D DT 7  1_555 B DC 7  1_555 D DG 6  1_555 -0.090 -0.771 3.443 1.339  -0.216 29.033 -1.487 0.489  3.441 -0.430 
-2.669 29.064 14 BB_DA17DC18:DG6DT7_DD B 17 ? D 7  ? B 18 ? D 6  ? 
1 B DC 7  1_555 D DG 6  1_555 B DT 8  1_555 D DA 5  1_555 0.133  -0.533 3.299 2.272  0.474  31.896 -1.054 0.172  3.293 0.862  
-4.128 31.978 15 BB_DC18DT19:DA5DG6_DD B 18 ? D 6  ? B 19 ? D 5  ? 
1 B DT 8  1_555 D DA 5  1_555 B DC 9  1_555 D DG 4  1_555 0.384  0.219  3.374 2.227  3.035  40.585 -0.033 -0.297 3.396 4.364  
-3.202 40.752 16 BB_DT19DC20:DG4DA5_DD B 19 ? D 5  ? B 20 ? D 4  ? 
1 B DC 9  1_555 D DG 4  1_555 B DA 10 1_555 D DT 3  1_555 0.413  1.090  3.284 -3.688 -0.524 40.463 1.628  -1.003 3.222 -0.756 
5.319  40.627 17 BB_DC20DA21:DT3DG4_DD B 20 ? D 4  ? B 21 ? D 3  ? 
# 
loop_
_pdbx_audit_support.funding_organization 
_pdbx_audit_support.country 
_pdbx_audit_support.grant_number 
_pdbx_audit_support.ordinal 
'National Science Foundation (NSF, United States)'                                         'United States' 1360635     1 
'National Institutes of Health/National Institute of General Medical Sciences (NIH/NIGMS)' 'United States' R01GM104960 2 
'National Science Foundation (NSF, United States)'                                         'United States' NSF2004250  3 
# 
_pdbx_entity_nonpoly.entity_id   5 
_pdbx_entity_nonpoly.name        'CACODYLATE ION' 
_pdbx_entity_nonpoly.comp_id     CAC 
# 
_pdbx_initial_refinement_model.id               1 
_pdbx_initial_refinement_model.entity_id_list   ? 
_pdbx_initial_refinement_model.type             'experimental model' 
_pdbx_initial_refinement_model.source_name      PDB 
_pdbx_initial_refinement_model.accession_code   6X8C 
_pdbx_initial_refinement_model.details          ? 
# 
_pdbx_struct_assembly_auth_evidence.id                     1 
_pdbx_struct_assembly_auth_evidence.assembly_id            1 
_pdbx_struct_assembly_auth_evidence.experimental_support   none 
_pdbx_struct_assembly_auth_evidence.details                ? 
# 
